data_4JJQ
# 
_entry.id   4JJQ 
# 
_audit_conform.dict_name       mmcif_pdbx.dic 
_audit_conform.dict_version    5.379 
_audit_conform.dict_location   http://mmcif.pdb.org/dictionaries/ascii/mmcif_pdbx.dic 
# 
loop_
_database_2.database_id 
_database_2.database_code 
_database_2.pdbx_database_accession 
_database_2.pdbx_DOI 
PDB   4JJQ         pdb_00004jjq 10.2210/pdb4jjq/pdb 
RCSB  RCSB078132   ?            ?                   
WWPDB D_1000078132 ?            ?                   
# 
_pdbx_database_status.status_code                     REL 
_pdbx_database_status.entry_id                        4JJQ 
_pdbx_database_status.recvd_initial_deposition_date   2013-03-08 
_pdbx_database_status.deposit_site                    RCSB 
_pdbx_database_status.process_site                    RCSB 
_pdbx_database_status.status_code_sf                  REL 
_pdbx_database_status.status_code_mr                  ? 
_pdbx_database_status.SG_entry                        ? 
_pdbx_database_status.status_code_cs                  ? 
_pdbx_database_status.methods_development_category    ? 
_pdbx_database_status.pdb_format_compatible           Y 
_pdbx_database_status.status_code_nmr_data            ? 
# 
_audit_author.name           'Saridakis, V.' 
_audit_author.pdbx_ordinal   1 
# 
_citation.id                        primary 
_citation.title                     'Ubiquitin-specific protease 7 is a regulator of ubiquitin-conjugating enzyme UbE2E1.' 
_citation.journal_abbrev            'J. Biol. Chem.' 
_citation.journal_volume            288 
_citation.page_first                16975 
_citation.page_last                 16985 
_citation.year                      2013 
_citation.journal_id_ASTM           JBCHA3 
_citation.country                   US 
_citation.journal_id_ISSN           1083-351X 
_citation.journal_id_CSD            0071 
_citation.book_publisher            ? 
_citation.pdbx_database_id_PubMed   23603909 
_citation.pdbx_database_id_DOI      10.1074/jbc.M113.469262 
# 
loop_
_citation_author.citation_id 
_citation_author.name 
_citation_author.ordinal 
_citation_author.identifier_ORCID 
primary 'Sarkari, F.'      1  ? 
primary 'Wheaton, K.'      2  ? 
primary 'La Delfa, A.'     3  ? 
primary 'Mohamed, M.'      4  ? 
primary 'Shaikh, F.'       5  ? 
primary 'Khatun, R.'       6  ? 
primary 'Arrowsmith, C.H.' 7  ? 
primary 'Frappier, L.'     8  ? 
primary 'Saridakis, V.'    9  ? 
primary 'Sheng, Y.'        10 ? 
# 
_cell.entry_id           4JJQ 
_cell.length_a           69.901 
_cell.length_b           69.901 
_cell.length_c           45.733 
_cell.angle_alpha        90.00 
_cell.angle_beta         90.00 
_cell.angle_gamma        90.00 
_cell.Z_PDB              4 
_cell.pdbx_unique_axis   ? 
_cell.length_a_esd       ? 
_cell.length_b_esd       ? 
_cell.length_c_esd       ? 
_cell.angle_alpha_esd    ? 
_cell.angle_beta_esd     ? 
_cell.angle_gamma_esd    ? 
# 
_symmetry.entry_id                         4JJQ 
_symmetry.space_group_name_H-M             'P 41' 
_symmetry.pdbx_full_space_group_name_H-M   ? 
_symmetry.cell_setting                     ? 
_symmetry.Int_Tables_number                76 
_symmetry.space_group_name_Hall            ? 
# 
loop_
_entity.id 
_entity.type 
_entity.src_method 
_entity.pdbx_description 
_entity.formula_weight 
_entity.pdbx_number_of_molecules 
_entity.pdbx_ec 
_entity.pdbx_mutation 
_entity.pdbx_fragment 
_entity.details 
1 polymer man 'Ubiquitin carboxyl-terminal hydrolase 7' 18472.488 1  3.4.19.12 A156D 'USP7-NTD, UNP RESIDUES 54-205' ? 
2 polymer syn 'Ubiquitin-conjugating enzyme E2 E1'      984.945   1  6.3.2.19  ?     'UNP RESIDUES 5-14'             ? 
3 water   nat water                                     18.015    75 ?         ?     ?                               ? 
# 
loop_
_entity_name_com.entity_id 
_entity_name_com.name 
1 
;Deubiquitinating enzyme 7, Herpesvirus-associated ubiquitin-specific protease, Ubiquitin thioesterase 7, Ubiquitin-specific-processing protease 7
;
2 'UbcH6, Ubiquitin carrier protein E1, Ubiquitin-protein ligase E1' 
# 
loop_
_entity_poly.entity_id 
_entity_poly.type 
_entity_poly.nstd_linkage 
_entity_poly.nstd_monomer 
_entity_poly.pdbx_seq_one_letter_code 
_entity_poly.pdbx_seq_one_letter_code_can 
_entity_poly.pdbx_strand_id 
_entity_poly.pdbx_target_identifier 
1 'polypeptide(L)' no no 
;GSMTAEEDMEDDTSWRSEATFQFTVERFSRLSESVLSPPCFVRNLPWKIMVMPRFYPDRPHQKSVGFFLQCNAESDSTSW
SCHAQAVLKIINYRDDEKSFSRRISHLFFHKENDWGFSNFMAWSEVTDPEKGFIDDDKVTFEVFVQADAPHGVAWASTS
;
;GSMTAEEDMEDDTSWRSEATFQFTVERFSRLSESVLSPPCFVRNLPWKIMVMPRFYPDRPHQKSVGFFLQCNAESDSTSW
SCHAQAVLKIINYRDDEKSFSRRISHLFFHKENDWGFSNFMAWSEVTDPEKGFIDDDKVTFEVFVQADAPHGVAWASTS
;
A ? 
2 'polypeptide(L)' no no DSRASTSSSS DSRASTSSSS B ? 
# 
loop_
_entity_poly_seq.entity_id 
_entity_poly_seq.num 
_entity_poly_seq.mon_id 
_entity_poly_seq.hetero 
1 1   GLY n 
1 2   SER n 
1 3   MET n 
1 4   THR n 
1 5   ALA n 
1 6   GLU n 
1 7   GLU n 
1 8   ASP n 
1 9   MET n 
1 10  GLU n 
1 11  ASP n 
1 12  ASP n 
1 13  THR n 
1 14  SER n 
1 15  TRP n 
1 16  ARG n 
1 17  SER n 
1 18  GLU n 
1 19  ALA n 
1 20  THR n 
1 21  PHE n 
1 22  GLN n 
1 23  PHE n 
1 24  THR n 
1 25  VAL n 
1 26  GLU n 
1 27  ARG n 
1 28  PHE n 
1 29  SER n 
1 30  ARG n 
1 31  LEU n 
1 32  SER n 
1 33  GLU n 
1 34  SER n 
1 35  VAL n 
1 36  LEU n 
1 37  SER n 
1 38  PRO n 
1 39  PRO n 
1 40  CYS n 
1 41  PHE n 
1 42  VAL n 
1 43  ARG n 
1 44  ASN n 
1 45  LEU n 
1 46  PRO n 
1 47  TRP n 
1 48  LYS n 
1 49  ILE n 
1 50  MET n 
1 51  VAL n 
1 52  MET n 
1 53  PRO n 
1 54  ARG n 
1 55  PHE n 
1 56  TYR n 
1 57  PRO n 
1 58  ASP n 
1 59  ARG n 
1 60  PRO n 
1 61  HIS n 
1 62  GLN n 
1 63  LYS n 
1 64  SER n 
1 65  VAL n 
1 66  GLY n 
1 67  PHE n 
1 68  PHE n 
1 69  LEU n 
1 70  GLN n 
1 71  CYS n 
1 72  ASN n 
1 73  ALA n 
1 74  GLU n 
1 75  SER n 
1 76  ASP n 
1 77  SER n 
1 78  THR n 
1 79  SER n 
1 80  TRP n 
1 81  SER n 
1 82  CYS n 
1 83  HIS n 
1 84  ALA n 
1 85  GLN n 
1 86  ALA n 
1 87  VAL n 
1 88  LEU n 
1 89  LYS n 
1 90  ILE n 
1 91  ILE n 
1 92  ASN n 
1 93  TYR n 
1 94  ARG n 
1 95  ASP n 
1 96  ASP n 
1 97  GLU n 
1 98  LYS n 
1 99  SER n 
1 100 PHE n 
1 101 SER n 
1 102 ARG n 
1 103 ARG n 
1 104 ILE n 
1 105 SER n 
1 106 HIS n 
1 107 LEU n 
1 108 PHE n 
1 109 PHE n 
1 110 HIS n 
1 111 LYS n 
1 112 GLU n 
1 113 ASN n 
1 114 ASP n 
1 115 TRP n 
1 116 GLY n 
1 117 PHE n 
1 118 SER n 
1 119 ASN n 
1 120 PHE n 
1 121 MET n 
1 122 ALA n 
1 123 TRP n 
1 124 SER n 
1 125 GLU n 
1 126 VAL n 
1 127 THR n 
1 128 ASP n 
1 129 PRO n 
1 130 GLU n 
1 131 LYS n 
1 132 GLY n 
1 133 PHE n 
1 134 ILE n 
1 135 ASP n 
1 136 ASP n 
1 137 ASP n 
1 138 LYS n 
1 139 VAL n 
1 140 THR n 
1 141 PHE n 
1 142 GLU n 
1 143 VAL n 
1 144 PHE n 
1 145 VAL n 
1 146 GLN n 
1 147 ALA n 
1 148 ASP n 
1 149 ALA n 
1 150 PRO n 
1 151 HIS n 
1 152 GLY n 
1 153 VAL n 
1 154 ALA n 
1 155 TRP n 
1 156 ALA n 
1 157 SER n 
1 158 THR n 
1 159 SER n 
2 1   ASP n 
2 2   SER n 
2 3   ARG n 
2 4   ALA n 
2 5   SER n 
2 6   THR n 
2 7   SER n 
2 8   SER n 
2 9   SER n 
2 10  SER n 
# 
_entity_src_gen.entity_id                          1 
_entity_src_gen.pdbx_src_id                        1 
_entity_src_gen.pdbx_alt_source_flag               sample 
_entity_src_gen.pdbx_seq_type                      ? 
_entity_src_gen.pdbx_beg_seq_num                   ? 
_entity_src_gen.pdbx_end_seq_num                   ? 
_entity_src_gen.gene_src_common_name               human 
_entity_src_gen.gene_src_genus                     ? 
_entity_src_gen.pdbx_gene_src_gene                 'HAUSP, USP7, USP7/HAUSP' 
_entity_src_gen.gene_src_species                   ? 
_entity_src_gen.gene_src_strain                    ? 
_entity_src_gen.gene_src_tissue                    ? 
_entity_src_gen.gene_src_tissue_fraction           ? 
_entity_src_gen.gene_src_details                   ? 
_entity_src_gen.pdbx_gene_src_fragment             ? 
_entity_src_gen.pdbx_gene_src_scientific_name      'Homo sapiens' 
_entity_src_gen.pdbx_gene_src_ncbi_taxonomy_id     9606 
_entity_src_gen.pdbx_gene_src_variant              ? 
_entity_src_gen.pdbx_gene_src_cell_line            ? 
_entity_src_gen.pdbx_gene_src_atcc                 ? 
_entity_src_gen.pdbx_gene_src_organ                ? 
_entity_src_gen.pdbx_gene_src_organelle            ? 
_entity_src_gen.pdbx_gene_src_cell                 ? 
_entity_src_gen.pdbx_gene_src_cellular_location    ? 
_entity_src_gen.host_org_common_name               ? 
_entity_src_gen.pdbx_host_org_scientific_name      'Escherichia coli' 
_entity_src_gen.pdbx_host_org_ncbi_taxonomy_id     469008 
_entity_src_gen.host_org_genus                     ? 
_entity_src_gen.pdbx_host_org_gene                 ? 
_entity_src_gen.pdbx_host_org_organ                ? 
_entity_src_gen.host_org_species                   ? 
_entity_src_gen.pdbx_host_org_tissue               ? 
_entity_src_gen.pdbx_host_org_tissue_fraction      ? 
_entity_src_gen.pdbx_host_org_strain               'BL21 (DE3)' 
_entity_src_gen.pdbx_host_org_variant              ? 
_entity_src_gen.pdbx_host_org_cell_line            ? 
_entity_src_gen.pdbx_host_org_atcc                 ? 
_entity_src_gen.pdbx_host_org_culture_collection   ? 
_entity_src_gen.pdbx_host_org_cell                 ? 
_entity_src_gen.pdbx_host_org_organelle            ? 
_entity_src_gen.pdbx_host_org_cellular_location    ? 
_entity_src_gen.pdbx_host_org_vector_type          PLASMID 
_entity_src_gen.pdbx_host_org_vector               ? 
_entity_src_gen.host_org_details                   ? 
_entity_src_gen.expression_system_id               ? 
_entity_src_gen.plasmid_name                       PET15B 
_entity_src_gen.plasmid_details                    ? 
_entity_src_gen.pdbx_description                   ? 
# 
_pdbx_entity_src_syn.entity_id              2 
_pdbx_entity_src_syn.pdbx_src_id            1 
_pdbx_entity_src_syn.pdbx_alt_source_flag   sample 
_pdbx_entity_src_syn.pdbx_beg_seq_num       ? 
_pdbx_entity_src_syn.pdbx_end_seq_num       ? 
_pdbx_entity_src_syn.organism_scientific    'Homo sapiens' 
_pdbx_entity_src_syn.organism_common_name   human 
_pdbx_entity_src_syn.ncbi_taxonomy_id       9606 
_pdbx_entity_src_syn.details                'synthesized peptide' 
# 
loop_
_struct_ref.id 
_struct_ref.db_name 
_struct_ref.db_code 
_struct_ref.pdbx_db_accession 
_struct_ref.entity_id 
_struct_ref.pdbx_seq_one_letter_code 
_struct_ref.pdbx_align_begin 
_struct_ref.pdbx_db_isoform 
1 UNP UBP7_HUMAN  Q93009 1 
;TAEEDMEDDTSWRSEATFQFTVERFSRLSESVLSPPCFVRNLPWKIMVMPRFYPDRPHQKSVGFFLQCNAESDSTSWSCH
AQAVLKIINYRDDEKSFSRRISHLFFHKENDWGFSNFMAWSEVTDPEKGFIDDDKVTFEVFVQADAPHGVAWDS
;
54 ? 
2 UNP UB2E1_HUMAN P51965 2 DSRASTSSSS 5  ? 
# 
loop_
_struct_ref_seq.align_id 
_struct_ref_seq.ref_id 
_struct_ref_seq.pdbx_PDB_id_code 
_struct_ref_seq.pdbx_strand_id 
_struct_ref_seq.seq_align_beg 
_struct_ref_seq.pdbx_seq_align_beg_ins_code 
_struct_ref_seq.seq_align_end 
_struct_ref_seq.pdbx_seq_align_end_ins_code 
_struct_ref_seq.pdbx_db_accession 
_struct_ref_seq.db_align_beg 
_struct_ref_seq.pdbx_db_align_beg_ins_code 
_struct_ref_seq.db_align_end 
_struct_ref_seq.pdbx_db_align_end_ins_code 
_struct_ref_seq.pdbx_auth_seq_align_beg 
_struct_ref_seq.pdbx_auth_seq_align_end 
1 1 4JJQ A 4 ? 157 ? Q93009 54 ? 207 ? 54 207 
2 2 4JJQ B 1 ? 10  ? P51965 5  ? 14  ? 9  18  
# 
loop_
_struct_ref_seq_dif.align_id 
_struct_ref_seq_dif.pdbx_pdb_id_code 
_struct_ref_seq_dif.mon_id 
_struct_ref_seq_dif.pdbx_pdb_strand_id 
_struct_ref_seq_dif.seq_num 
_struct_ref_seq_dif.pdbx_pdb_ins_code 
_struct_ref_seq_dif.pdbx_seq_db_name 
_struct_ref_seq_dif.pdbx_seq_db_accession_code 
_struct_ref_seq_dif.db_mon_id 
_struct_ref_seq_dif.pdbx_seq_db_seq_num 
_struct_ref_seq_dif.details 
_struct_ref_seq_dif.pdbx_auth_seq_num 
_struct_ref_seq_dif.pdbx_ordinal 
1 4JJQ GLY A 1   ? UNP Q93009 ?   ?   'expression tag'      51  1 
1 4JJQ SER A 2   ? UNP Q93009 ?   ?   'expression tag'      52  2 
1 4JJQ MET A 3   ? UNP Q93009 ?   ?   'expression tag'      53  3 
1 4JJQ ALA A 156 ? UNP Q93009 ASP 206 'engineered mutation' 206 4 
1 4JJQ THR A 158 ? UNP Q93009 ?   ?   'expression tag'      208 5 
1 4JJQ SER A 159 ? UNP Q93009 ?   ?   'expression tag'      209 6 
# 
loop_
_chem_comp.id 
_chem_comp.type 
_chem_comp.mon_nstd_flag 
_chem_comp.name 
_chem_comp.pdbx_synonyms 
_chem_comp.formula 
_chem_comp.formula_weight 
ALA 'L-peptide linking' y ALANINE         ? 'C3 H7 N O2'     89.093  
ARG 'L-peptide linking' y ARGININE        ? 'C6 H15 N4 O2 1' 175.209 
ASN 'L-peptide linking' y ASPARAGINE      ? 'C4 H8 N2 O3'    132.118 
ASP 'L-peptide linking' y 'ASPARTIC ACID' ? 'C4 H7 N O4'     133.103 
CYS 'L-peptide linking' y CYSTEINE        ? 'C3 H7 N O2 S'   121.158 
GLN 'L-peptide linking' y GLUTAMINE       ? 'C5 H10 N2 O3'   146.144 
GLU 'L-peptide linking' y 'GLUTAMIC ACID' ? 'C5 H9 N O4'     147.129 
GLY 'peptide linking'   y GLYCINE         ? 'C2 H5 N O2'     75.067  
HIS 'L-peptide linking' y HISTIDINE       ? 'C6 H10 N3 O2 1' 156.162 
HOH non-polymer         . WATER           ? 'H2 O'           18.015  
ILE 'L-peptide linking' y ISOLEUCINE      ? 'C6 H13 N O2'    131.173 
LEU 'L-peptide linking' y LEUCINE         ? 'C6 H13 N O2'    131.173 
LYS 'L-peptide linking' y LYSINE          ? 'C6 H15 N2 O2 1' 147.195 
MET 'L-peptide linking' y METHIONINE      ? 'C5 H11 N O2 S'  149.211 
PHE 'L-peptide linking' y PHENYLALANINE   ? 'C9 H11 N O2'    165.189 
PRO 'L-peptide linking' y PROLINE         ? 'C5 H9 N O2'     115.130 
SER 'L-peptide linking' y SERINE          ? 'C3 H7 N O3'     105.093 
THR 'L-peptide linking' y THREONINE       ? 'C4 H9 N O3'     119.119 
TRP 'L-peptide linking' y TRYPTOPHAN      ? 'C11 H12 N2 O2'  204.225 
TYR 'L-peptide linking' y TYROSINE        ? 'C9 H11 N O3'    181.189 
VAL 'L-peptide linking' y VALINE          ? 'C5 H11 N O2'    117.146 
# 
_exptl.entry_id          4JJQ 
_exptl.method            'X-RAY DIFFRACTION' 
_exptl.crystals_number   1 
# 
_exptl_crystal.id                    1 
_exptl_crystal.density_meas          ? 
_exptl_crystal.density_Matthews      2.91 
_exptl_crystal.density_percent_sol   57.77 
_exptl_crystal.description           ? 
_exptl_crystal.F_000                 ? 
_exptl_crystal.preparation           ? 
# 
_exptl_crystal_grow.crystal_id      1 
_exptl_crystal_grow.method          'VAPOR DIFFUSION, HANGING DROP' 
_exptl_crystal_grow.temp            277 
_exptl_crystal_grow.temp_details    ? 
_exptl_crystal_grow.pH              8.5 
_exptl_crystal_grow.pdbx_details    
'30 % PEG 4000, 0.1 M TRIS PH 8.5 AND 0.2 M LITHIUM SULFATE  , VAPOR DIFFUSION, HANGING DROP, temperature 277K' 
_exptl_crystal_grow.pdbx_pH_range   ? 
# 
_diffrn.id                     1 
_diffrn.ambient_temp           100 
_diffrn.ambient_temp_details   ? 
_diffrn.crystal_id             1 
# 
_diffrn_detector.diffrn_id              1 
_diffrn_detector.detector               CCD 
_diffrn_detector.type                   'ADSC QUANTUM 315' 
_diffrn_detector.pdbx_collection_date   ? 
_diffrn_detector.details                ? 
# 
_diffrn_radiation.diffrn_id                        1 
_diffrn_radiation.wavelength_id                    1 
_diffrn_radiation.pdbx_monochromatic_or_laue_m_l   M 
_diffrn_radiation.monochromator                    ? 
_diffrn_radiation.pdbx_diffrn_protocol             'SINGLE WAVELENGTH' 
_diffrn_radiation.pdbx_scattering_type             x-ray 
# 
_diffrn_radiation_wavelength.id           1 
_diffrn_radiation_wavelength.wavelength   . 
_diffrn_radiation_wavelength.wt           1.0 
# 
_diffrn_source.diffrn_id                   1 
_diffrn_source.source                      SYNCHROTRON 
_diffrn_source.type                        'APS BEAMLINE 19-ID' 
_diffrn_source.pdbx_synchrotron_site       APS 
_diffrn_source.pdbx_synchrotron_beamline   19-ID 
_diffrn_source.pdbx_wavelength             ? 
_diffrn_source.pdbx_wavelength_list        ? 
# 
_reflns.entry_id                     4JJQ 
_reflns.observed_criterion_sigma_I   2.000 
_reflns.observed_criterion_sigma_F   2 
_reflns.d_resolution_low             50.000 
_reflns.d_resolution_high            1.950 
_reflns.number_obs                   17000 
_reflns.number_all                   ? 
_reflns.percent_possible_obs         ? 
_reflns.pdbx_Rmerge_I_obs            ? 
_reflns.pdbx_Rsym_value              0.13300 
_reflns.pdbx_netI_over_sigmaI        29.0000 
_reflns.B_iso_Wilson_estimate        6.70 
_reflns.pdbx_redundancy              ? 
_reflns.R_free_details               ? 
_reflns.limit_h_max                  ? 
_reflns.limit_h_min                  ? 
_reflns.limit_k_max                  ? 
_reflns.limit_k_min                  ? 
_reflns.limit_l_max                  ? 
_reflns.limit_l_min                  ? 
_reflns.observed_criterion_F_max     ? 
_reflns.observed_criterion_F_min     ? 
_reflns.pdbx_chi_squared             ? 
_reflns.pdbx_scaling_rejects         ? 
_reflns.pdbx_ordinal                 1 
_reflns.pdbx_diffrn_id               1 
# 
_refine.entry_id                                 4JJQ 
_refine.ls_number_reflns_obs                     15267 
_refine.ls_number_reflns_all                     ? 
_refine.pdbx_ls_sigma_I                          ? 
_refine.pdbx_ls_sigma_F                          0.000 
_refine.pdbx_data_cutoff_high_absF               89284.830 
_refine.pdbx_data_cutoff_low_absF                0.0000 
_refine.pdbx_data_cutoff_high_rms_absF           ? 
_refine.ls_d_res_low                             49.43 
_refine.ls_d_res_high                            1.95 
_refine.ls_percent_reflns_obs                    93.9 
_refine.ls_R_factor_obs                          0.197 
_refine.ls_R_factor_all                          ? 
_refine.ls_R_factor_R_work                       0.197 
_refine.ls_R_factor_R_free                       0.217 
_refine.ls_R_factor_R_free_error                 0.006 
_refine.ls_R_factor_R_free_error_details         ? 
_refine.ls_percent_reflns_R_free                 7.800 
_refine.ls_number_reflns_R_free                  1188 
_refine.ls_number_parameters                     ? 
_refine.ls_number_restraints                     ? 
_refine.occupancy_min                            ? 
_refine.occupancy_max                            ? 
_refine.correlation_coeff_Fo_to_Fc               ? 
_refine.correlation_coeff_Fo_to_Fc_free          ? 
_refine.B_iso_mean                               20.90 
_refine.aniso_B[1][1]                            -0.13000 
_refine.aniso_B[2][2]                            -0.13000 
_refine.aniso_B[3][3]                            0.27000 
_refine.aniso_B[1][2]                            0.00000 
_refine.aniso_B[1][3]                            0.00000 
_refine.aniso_B[2][3]                            0.00000 
_refine.solvent_model_details                    'FLAT MODEL' 
_refine.solvent_model_param_ksol                 0.40 
_refine.solvent_model_param_bsol                 36.24 
_refine.pdbx_solvent_vdw_probe_radii             ? 
_refine.pdbx_solvent_ion_probe_radii             ? 
_refine.pdbx_solvent_shrinkage_radii             ? 
_refine.pdbx_ls_cross_valid_method               THROUGHOUT 
_refine.details                                  'BULK SOLVENT MODEL USED' 
_refine.pdbx_starting_model                      1YY6 
_refine.pdbx_method_to_determine_struct          'MOLECULAR REPLACEMENT' 
_refine.pdbx_isotropic_thermal_model             RESTRAINED 
_refine.pdbx_stereochemistry_target_values       'Engh & Huber' 
_refine.pdbx_stereochem_target_val_spec_case     ? 
_refine.pdbx_R_Free_selection_details            RANDOM 
_refine.pdbx_overall_ESU_R                       ? 
_refine.pdbx_overall_ESU_R_Free                  ? 
_refine.overall_SU_ML                            ? 
_refine.pdbx_overall_phase_error                 ? 
_refine.overall_SU_B                             ? 
_refine.overall_SU_R_Cruickshank_DPI             ? 
_refine.ls_redundancy_reflns_obs                 ? 
_refine.B_iso_min                                ? 
_refine.B_iso_max                                ? 
_refine.overall_SU_R_free                        ? 
_refine.ls_wR_factor_R_free                      ? 
_refine.ls_wR_factor_R_work                      ? 
_refine.overall_FOM_free_R_set                   ? 
_refine.overall_FOM_work_R_set                   ? 
_refine.pdbx_diffrn_id                           1 
_refine.pdbx_refine_id                           'X-RAY DIFFRACTION' 
_refine.pdbx_TLS_residual_ADP_flag               ? 
_refine.pdbx_overall_SU_R_free_Cruickshank_DPI   ? 
_refine.pdbx_overall_SU_R_Blow_DPI               ? 
_refine.pdbx_overall_SU_R_free_Blow_DPI          ? 
# 
_refine_analyze.entry_id                        4JJQ 
_refine_analyze.Luzzati_coordinate_error_obs    0.21 
_refine_analyze.Luzzati_sigma_a_obs             0.08 
_refine_analyze.Luzzati_d_res_low_obs           5.00 
_refine_analyze.Luzzati_coordinate_error_free   0.24 
_refine_analyze.Luzzati_sigma_a_free            0.15 
_refine_analyze.Luzzati_d_res_low_free          ? 
_refine_analyze.number_disordered_residues      ? 
_refine_analyze.occupancy_sum_hydrogen          ? 
_refine_analyze.occupancy_sum_non_hydrogen      ? 
_refine_analyze.pdbx_Luzzati_d_res_high_obs     ? 
_refine_analyze.pdbx_refine_id                  'X-RAY DIFFRACTION' 
# 
_refine_hist.pdbx_refine_id                   'X-RAY DIFFRACTION' 
_refine_hist.cycle_id                         LAST 
_refine_hist.pdbx_number_atoms_protein        1157 
_refine_hist.pdbx_number_atoms_nucleic_acid   0 
_refine_hist.pdbx_number_atoms_ligand         0 
_refine_hist.number_atoms_solvent             75 
_refine_hist.number_atoms_total               1232 
_refine_hist.d_res_high                       1.95 
_refine_hist.d_res_low                        49.43 
# 
loop_
_refine_ls_restr.type 
_refine_ls_restr.dev_ideal 
_refine_ls_restr.dev_ideal_target 
_refine_ls_restr.weight 
_refine_ls_restr.number 
_refine_ls_restr.pdbx_restraint_function 
_refine_ls_restr.pdbx_refine_id 
c_bond_d                0.006 ? ? ? ? 'X-RAY DIFFRACTION' 
c_bond_d_na             ?     ? ? ? ? 'X-RAY DIFFRACTION' 
c_bond_d_prot           ?     ? ? ? ? 'X-RAY DIFFRACTION' 
c_angle_d               ?     ? ? ? ? 'X-RAY DIFFRACTION' 
c_angle_d_na            ?     ? ? ? ? 'X-RAY DIFFRACTION' 
c_angle_d_prot          ?     ? ? ? ? 'X-RAY DIFFRACTION' 
c_angle_deg             1.40  ? ? ? ? 'X-RAY DIFFRACTION' 
c_angle_deg_na          ?     ? ? ? ? 'X-RAY DIFFRACTION' 
c_angle_deg_prot        ?     ? ? ? ? 'X-RAY DIFFRACTION' 
c_dihedral_angle_d      25.40 ? ? ? ? 'X-RAY DIFFRACTION' 
c_dihedral_angle_d_na   ?     ? ? ? ? 'X-RAY DIFFRACTION' 
c_dihedral_angle_d_prot ?     ? ? ? ? 'X-RAY DIFFRACTION' 
c_improper_angle_d      0.80  ? ? ? ? 'X-RAY DIFFRACTION' 
c_improper_angle_d_na   ?     ? ? ? ? 'X-RAY DIFFRACTION' 
c_improper_angle_d_prot ?     ? ? ? ? 'X-RAY DIFFRACTION' 
c_mcbond_it             ?     ? ? ? ? 'X-RAY DIFFRACTION' 
c_mcangle_it            ?     ? ? ? ? 'X-RAY DIFFRACTION' 
c_scbond_it             ?     ? ? ? ? 'X-RAY DIFFRACTION' 
c_scangle_it            ?     ? ? ? ? 'X-RAY DIFFRACTION' 
# 
_refine_ls_restr_ncs.pdbx_refine_id      'X-RAY DIFFRACTION' 
_refine_ls_restr_ncs.dom_id              1 
_refine_ls_restr_ncs.ncs_model_details   NONE 
_refine_ls_restr_ncs.rms_dev_position    ? 
_refine_ls_restr_ncs.weight_position     ? 
_refine_ls_restr_ncs.rms_dev_B_iso       ? 
_refine_ls_restr_ncs.weight_B_iso        ? 
_refine_ls_restr_ncs.pdbx_ordinal        1 
_refine_ls_restr_ncs.pdbx_type           . 
_refine_ls_restr_ncs.pdbx_auth_asym_id   . 
_refine_ls_restr_ncs.pdbx_ens_id         1 
_refine_ls_restr_ncs.pdbx_number         ? 
_refine_ls_restr_ncs.pdbx_asym_id        ? 
_refine_ls_restr_ncs.pdbx_rms            ? 
_refine_ls_restr_ncs.pdbx_weight         ? 
# 
_refine_ls_shell.pdbx_total_number_of_bins_used   6 
_refine_ls_shell.d_res_high                       1.95 
_refine_ls_shell.d_res_low                        2.07 
_refine_ls_shell.number_reflns_R_work             2148 
_refine_ls_shell.R_factor_R_work                  0.2040 
_refine_ls_shell.percent_reflns_obs               87.10 
_refine_ls_shell.R_factor_R_free                  0.2410 
_refine_ls_shell.R_factor_R_free_error            0.018 
_refine_ls_shell.percent_reflns_R_free            7.40 
_refine_ls_shell.number_reflns_R_free             172 
_refine_ls_shell.number_reflns_all                ? 
_refine_ls_shell.R_factor_all                     ? 
_refine_ls_shell.number_reflns_obs                ? 
_refine_ls_shell.redundancy_reflns_obs            ? 
_refine_ls_shell.pdbx_refine_id                   'X-RAY DIFFRACTION' 
# 
loop_
_pdbx_xplor_file.serial_no 
_pdbx_xplor_file.param_file 
_pdbx_xplor_file.topol_file 
_pdbx_xplor_file.pdbx_refine_id 
1 PROTEIN_REP.PARAM  PROTEIN.TOP      'X-RAY DIFFRACTION' 
2 DNA-RNA_REP.PARAM  DNA-RNA.TOP      'X-RAY DIFFRACTION' 
3 WATER_REP.PARAM    WATER.TOP        'X-RAY DIFFRACTION' 
4 ION.PARAM          ION.TOP          'X-RAY DIFFRACTION' 
5 CARBOHYDRATE.PARAM CARBOHYDRATE.TOP 'X-RAY DIFFRACTION' 
# 
_struct_ncs_dom.id            1 
_struct_ncs_dom.details       ? 
_struct_ncs_dom.pdbx_ens_id   1 
# 
_struct_ncs_ens.id        1 
_struct_ncs_ens.details   ? 
# 
_struct.entry_id                  4JJQ 
_struct.title                     'Crystal structure of usp7-ntd with an e2 enzyme' 
_struct.pdbx_model_details        ? 
_struct.pdbx_CASP_flag            ? 
_struct.pdbx_model_type_details   ? 
# 
_struct_keywords.entry_id        4JJQ 
_struct_keywords.pdbx_keywords   HYDROLASE 
_struct_keywords.text            'DEUBIQUITINATING ENZYME, HYDROLASE, TRAF domain, UbE2E1' 
# 
loop_
_struct_asym.id 
_struct_asym.pdbx_blank_PDB_chainid_flag 
_struct_asym.pdbx_modified 
_struct_asym.entity_id 
_struct_asym.details 
A N N 1 ? 
B N N 2 ? 
C N N 3 ? 
D N N 3 ? 
# 
_struct_biol.id        1 
_struct_biol.details   ? 
# 
loop_
_struct_conf.conf_type_id 
_struct_conf.id 
_struct_conf.pdbx_PDB_helix_id 
_struct_conf.beg_label_comp_id 
_struct_conf.beg_label_asym_id 
_struct_conf.beg_label_seq_id 
_struct_conf.pdbx_beg_PDB_ins_code 
_struct_conf.end_label_comp_id 
_struct_conf.end_label_asym_id 
_struct_conf.end_label_seq_id 
_struct_conf.pdbx_end_PDB_ins_code 
_struct_conf.beg_auth_comp_id 
_struct_conf.beg_auth_asym_id 
_struct_conf.beg_auth_seq_id 
_struct_conf.end_auth_comp_id 
_struct_conf.end_auth_asym_id 
_struct_conf.end_auth_seq_id 
_struct_conf.pdbx_PDB_helix_class 
_struct_conf.details 
_struct_conf.pdbx_PDB_helix_length 
HELX_P HELX_P1 1 ARG A 27  ? LEU A 31  ? ARG A 77  LEU A 81  5 ? 5 
HELX_P HELX_P2 2 ASP A 95  ? SER A 99  ? ASP A 145 SER A 149 5 ? 5 
HELX_P HELX_P3 3 TRP A 123 ? THR A 127 ? TRP A 173 THR A 177 1 ? 5 
# 
_struct_conf_type.id          HELX_P 
_struct_conf_type.criteria    ? 
_struct_conf_type.reference   ? 
# 
loop_
_struct_sheet.id 
_struct_sheet.type 
_struct_sheet.number_strands 
_struct_sheet.details 
A ? 4 ? 
B ? 3 ? 
C ? 4 ? 
# 
loop_
_struct_sheet_order.sheet_id 
_struct_sheet_order.range_id_1 
_struct_sheet_order.range_id_2 
_struct_sheet_order.offset 
_struct_sheet_order.sense 
A 1 2 ? anti-parallel 
A 2 3 ? anti-parallel 
A 3 4 ? anti-parallel 
B 1 2 ? anti-parallel 
B 2 3 ? anti-parallel 
C 1 2 ? anti-parallel 
C 2 3 ? anti-parallel 
C 3 4 ? anti-parallel 
# 
loop_
_struct_sheet_range.sheet_id 
_struct_sheet_range.id 
_struct_sheet_range.beg_label_comp_id 
_struct_sheet_range.beg_label_asym_id 
_struct_sheet_range.beg_label_seq_id 
_struct_sheet_range.pdbx_beg_PDB_ins_code 
_struct_sheet_range.end_label_comp_id 
_struct_sheet_range.end_label_asym_id 
_struct_sheet_range.end_label_seq_id 
_struct_sheet_range.pdbx_end_PDB_ins_code 
_struct_sheet_range.beg_auth_comp_id 
_struct_sheet_range.beg_auth_asym_id 
_struct_sheet_range.beg_auth_seq_id 
_struct_sheet_range.end_auth_comp_id 
_struct_sheet_range.end_auth_asym_id 
_struct_sheet_range.end_auth_seq_id 
A 1 GLU A 18  ? VAL A 25  ? GLU A 68  VAL A 75  
A 2 VAL A 139 ? ALA A 147 ? VAL A 189 ALA A 197 
A 3 SER A 81  ? ILE A 90  ? SER A 131 ILE A 140 
A 4 PHE A 100 ? PHE A 109 ? PHE A 150 PHE A 159 
B 1 VAL A 35  ? LEU A 36  ? VAL A 85  LEU A 86  
B 2 LEU A 45  ? ARG A 54  ? LEU A 95  ARG A 104 
B 3 CYS A 40  ? VAL A 42  ? CYS A 90  VAL A 92  
C 1 VAL A 35  ? LEU A 36  ? VAL A 85  LEU A 86  
C 2 LEU A 45  ? ARG A 54  ? LEU A 95  ARG A 104 
C 3 SER A 64  ? CYS A 71  ? SER A 114 CYS A 121 
C 4 ASP A 114 ? ALA A 122 ? ASP A 164 ALA A 172 
# 
loop_
_pdbx_struct_sheet_hbond.sheet_id 
_pdbx_struct_sheet_hbond.range_id_1 
_pdbx_struct_sheet_hbond.range_id_2 
_pdbx_struct_sheet_hbond.range_1_label_atom_id 
_pdbx_struct_sheet_hbond.range_1_label_comp_id 
_pdbx_struct_sheet_hbond.range_1_label_asym_id 
_pdbx_struct_sheet_hbond.range_1_label_seq_id 
_pdbx_struct_sheet_hbond.range_1_PDB_ins_code 
_pdbx_struct_sheet_hbond.range_1_auth_atom_id 
_pdbx_struct_sheet_hbond.range_1_auth_comp_id 
_pdbx_struct_sheet_hbond.range_1_auth_asym_id 
_pdbx_struct_sheet_hbond.range_1_auth_seq_id 
_pdbx_struct_sheet_hbond.range_2_label_atom_id 
_pdbx_struct_sheet_hbond.range_2_label_comp_id 
_pdbx_struct_sheet_hbond.range_2_label_asym_id 
_pdbx_struct_sheet_hbond.range_2_label_seq_id 
_pdbx_struct_sheet_hbond.range_2_PDB_ins_code 
_pdbx_struct_sheet_hbond.range_2_auth_atom_id 
_pdbx_struct_sheet_hbond.range_2_auth_comp_id 
_pdbx_struct_sheet_hbond.range_2_auth_asym_id 
_pdbx_struct_sheet_hbond.range_2_auth_seq_id 
A 1 2 N VAL A 25  ? N VAL A 75  O VAL A 139 ? O VAL A 189 
A 2 3 O GLU A 142 ? O GLU A 192 N LYS A 89  ? N LYS A 139 
A 3 4 N LEU A 88  ? N LEU A 138 O ARG A 102 ? O ARG A 152 
B 1 2 N VAL A 35  ? N VAL A 85  O VAL A 51  ? O VAL A 101 
B 2 3 O TRP A 47  ? O TRP A 97  N CYS A 40  ? N CYS A 90  
C 1 2 N VAL A 35  ? N VAL A 85  O VAL A 51  ? O VAL A 101 
C 2 3 N MET A 52  ? N MET A 102 O GLY A 66  ? O GLY A 116 
C 3 4 N LEU A 69  ? N LEU A 119 O TRP A 115 ? O TRP A 165 
# 
_atom_sites.entry_id                    4JJQ 
_atom_sites.fract_transf_matrix[1][1]   -0.01310896 
_atom_sites.fract_transf_matrix[1][2]   0.00460032 
_atom_sites.fract_transf_matrix[1][3]   0.00341378 
_atom_sites.fract_transf_matrix[2][1]   0.00508054 
_atom_sites.fract_transf_matrix[2][2]   0.00539741 
_atom_sites.fract_transf_matrix[2][3]   0.01223592 
_atom_sites.fract_transf_matrix[3][1]   0.00404533 
_atom_sites.fract_transf_matrix[3][2]   0.01899013 
_atom_sites.fract_transf_matrix[3][3]   -0.01005646 
_atom_sites.fract_transf_vector[1]      0.414029 
_atom_sites.fract_transf_vector[2]      -0.142665 
_atom_sites.fract_transf_vector[3]      -0.410184 
# 
loop_
_atom_type.symbol 
C 
N 
O 
S 
# 
loop_
_atom_site.group_PDB 
_atom_site.id 
_atom_site.type_symbol 
_atom_site.label_atom_id 
_atom_site.label_alt_id 
_atom_site.label_comp_id 
_atom_site.label_asym_id 
_atom_site.label_entity_id 
_atom_site.label_seq_id 
_atom_site.pdbx_PDB_ins_code 
_atom_site.Cartn_x 
_atom_site.Cartn_y 
_atom_site.Cartn_z 
_atom_site.occupancy 
_atom_site.B_iso_or_equiv 
_atom_site.pdbx_formal_charge 
_atom_site.auth_seq_id 
_atom_site.auth_comp_id 
_atom_site.auth_asym_id 
_atom_site.auth_atom_id 
_atom_site.pdbx_PDB_model_num 
ATOM   1    N N   . THR A 1 13  ? 14.409  0.856   15.067  1.00 31.90 ? 63   THR A N   1 
ATOM   2    C CA  . THR A 1 13  ? 13.263  1.237   15.940  1.00 30.26 ? 63   THR A CA  1 
ATOM   3    C C   . THR A 1 13  ? 12.116  1.804   15.107  1.00 28.50 ? 63   THR A C   1 
ATOM   4    O O   . THR A 1 13  ? 12.247  1.997   13.899  1.00 26.63 ? 63   THR A O   1 
ATOM   5    C CB  . THR A 1 13  ? 13.682  2.296   16.980  1.00 32.28 ? 63   THR A CB  1 
ATOM   6    O OG1 . THR A 1 13  ? 14.035  3.514   16.313  1.00 33.25 ? 63   THR A OG1 1 
ATOM   7    C CG2 . THR A 1 13  ? 14.879  1.805   17.786  1.00 33.39 ? 63   THR A CG2 1 
ATOM   8    N N   . SER A 1 14  ? 10.997  2.077   15.766  1.00 26.42 ? 64   SER A N   1 
ATOM   9    C CA  . SER A 1 14  ? 9.822   2.614   15.094  1.00 25.80 ? 64   SER A CA  1 
ATOM   10   C C   . SER A 1 14  ? 10.050  4.030   14.564  1.00 24.26 ? 64   SER A C   1 
ATOM   11   O O   . SER A 1 14  ? 9.246   4.537   13.781  1.00 24.01 ? 64   SER A O   1 
ATOM   12   C CB  . SER A 1 14  ? 8.633   2.611   16.053  1.00 26.36 ? 64   SER A CB  1 
ATOM   13   O OG  . SER A 1 14  ? 8.903   3.422   17.184  1.00 27.98 ? 64   SER A OG  1 
ATOM   14   N N   . TRP A 1 15  ? 11.140  4.663   14.991  1.00 22.60 ? 65   TRP A N   1 
ATOM   15   C CA  . TRP A 1 15  ? 11.456  6.021   14.551  1.00 22.81 ? 65   TRP A CA  1 
ATOM   16   C C   . TRP A 1 15  ? 12.182  6.034   13.215  1.00 21.23 ? 65   TRP A C   1 
ATOM   17   O O   . TRP A 1 15  ? 12.463  7.100   12.666  1.00 22.03 ? 65   TRP A O   1 
ATOM   18   C CB  . TRP A 1 15  ? 12.306  6.750   15.601  1.00 24.52 ? 65   TRP A CB  1 
ATOM   19   C CG  . TRP A 1 15  ? 11.581  6.996   16.881  1.00 25.48 ? 65   TRP A CG  1 
ATOM   20   C CD1 . TRP A 1 15  ? 11.668  6.261   18.028  1.00 27.07 ? 65   TRP A CD1 1 
ATOM   21   C CD2 . TRP A 1 15  ? 10.605  8.013   17.127  1.00 27.52 ? 65   TRP A CD2 1 
ATOM   22   N NE1 . TRP A 1 15  ? 10.801  6.757   18.975  1.00 28.24 ? 65   TRP A NE1 1 
ATOM   23   C CE2 . TRP A 1 15  ? 10.136  7.832   18.447  1.00 27.00 ? 65   TRP A CE2 1 
ATOM   24   C CE3 . TRP A 1 15  ? 10.078  9.060   16.359  1.00 26.82 ? 65   TRP A CE3 1 
ATOM   25   C CZ2 . TRP A 1 15  ? 9.164   8.660   19.017  1.00 28.67 ? 65   TRP A CZ2 1 
ATOM   26   C CZ3 . TRP A 1 15  ? 9.112   9.884   16.927  1.00 29.01 ? 65   TRP A CZ3 1 
ATOM   27   C CH2 . TRP A 1 15  ? 8.666   9.678   18.245  1.00 28.30 ? 65   TRP A CH2 1 
ATOM   28   N N   . ARG A 1 16  ? 12.478  4.844   12.698  1.00 19.27 ? 66   ARG A N   1 
ATOM   29   C CA  . ARG A 1 16  ? 13.165  4.686   11.417  1.00 19.00 ? 66   ARG A CA  1 
ATOM   30   C C   . ARG A 1 16  ? 12.531  5.621   10.382  1.00 17.77 ? 66   ARG A C   1 
ATOM   31   O O   . ARG A 1 16  ? 11.321  5.837   10.402  1.00 17.51 ? 66   ARG A O   1 
ATOM   32   C CB  . ARG A 1 16  ? 13.030  3.236   10.944  1.00 21.50 ? 66   ARG A CB  1 
ATOM   33   C CG  . ARG A 1 16  ? 11.621  2.909   10.471  1.00 26.25 ? 66   ARG A CG  1 
ATOM   34   C CD  . ARG A 1 16  ? 11.078  1.601   11.008  1.00 29.58 ? 66   ARG A CD  1 
ATOM   35   N NE  . ARG A 1 16  ? 11.710  0.434   10.413  1.00 32.76 ? 66   ARG A NE  1 
ATOM   36   C CZ  . ARG A 1 16  ? 11.080  -0.717  10.186  1.00 34.93 ? 66   ARG A CZ  1 
ATOM   37   N NH1 . ARG A 1 16  ? 9.795   -0.849  10.501  1.00 34.93 ? 66   ARG A NH1 1 
ATOM   38   N NH2 . ARG A 1 16  ? 11.734  -1.737  9.644   1.00 33.00 ? 66   ARG A NH2 1 
ATOM   39   N N   . SER A 1 17  ? 13.341  6.153   9.469   1.00 17.50 ? 67   SER A N   1 
ATOM   40   C CA  . SER A 1 17  ? 12.841  7.065   8.444   1.00 18.90 ? 67   SER A CA  1 
ATOM   41   C C   . SER A 1 17  ? 12.348  6.346   7.189   1.00 18.60 ? 67   SER A C   1 
ATOM   42   O O   . SER A 1 17  ? 11.777  6.970   6.293   1.00 18.01 ? 67   SER A O   1 
ATOM   43   C CB  . SER A 1 17  ? 13.929  8.071   8.054   1.00 19.81 ? 67   SER A CB  1 
ATOM   44   O OG  . SER A 1 17  ? 15.033  7.412   7.467   1.00 21.77 ? 67   SER A OG  1 
ATOM   45   N N   . GLU A 1 18  ? 12.586  5.042   7.115   1.00 18.76 ? 68   GLU A N   1 
ATOM   46   C CA  . GLU A 1 18  ? 12.141  4.258   5.970   1.00 18.08 ? 68   GLU A CA  1 
ATOM   47   C C   . GLU A 1 18  ? 12.048  2.780   6.320   1.00 18.08 ? 68   GLU A C   1 
ATOM   48   O O   . GLU A 1 18  ? 12.653  2.312   7.286   1.00 17.76 ? 68   GLU A O   1 
ATOM   49   C CB  . GLU A 1 18  ? 13.080  4.446   4.775   1.00 20.61 ? 68   GLU A CB  1 
ATOM   50   C CG  . GLU A 1 18  ? 14.498  3.941   4.985   1.00 25.44 ? 68   GLU A CG  1 
ATOM   51   C CD  . GLU A 1 18  ? 15.371  4.137   3.753   1.00 30.25 ? 68   GLU A CD  1 
ATOM   52   O OE1 . GLU A 1 18  ? 15.485  5.287   3.272   1.00 30.70 ? 68   GLU A OE1 1 
ATOM   53   O OE2 . GLU A 1 18  ? 15.944  3.141   3.265   1.00 32.42 ? 68   GLU A OE2 1 
ATOM   54   N N   . ALA A 1 19  ? 11.280  2.048   5.527   1.00 16.83 ? 69   ALA A N   1 
ATOM   55   C CA  . ALA A 1 19  ? 11.107  0.628   5.758   1.00 17.48 ? 69   ALA A CA  1 
ATOM   56   C C   . ALA A 1 19  ? 10.398  -0.002  4.581   1.00 16.52 ? 69   ALA A C   1 
ATOM   57   O O   . ALA A 1 19  ? 9.732   0.679   3.799   1.00 15.82 ? 69   ALA A O   1 
ATOM   58   C CB  . ALA A 1 19  ? 10.301  0.399   7.032   1.00 17.70 ? 69   ALA A CB  1 
ATOM   59   N N   . THR A 1 20  ? 10.556  -1.311  4.461   1.00 16.69 ? 70   THR A N   1 
ATOM   60   C CA  . THR A 1 20  ? 9.915   -2.071  3.405   1.00 16.40 ? 70   THR A CA  1 
ATOM   61   C C   . THR A 1 20  ? 9.105   -3.129  4.123   1.00 16.44 ? 70   THR A C   1 
ATOM   62   O O   . THR A 1 20  ? 9.614   -3.798  5.021   1.00 16.15 ? 70   THR A O   1 
ATOM   63   C CB  . THR A 1 20  ? 10.942  -2.780  2.498   1.00 18.18 ? 70   THR A CB  1 
ATOM   64   O OG1 . THR A 1 20  ? 11.771  -1.805  1.858   1.00 20.36 ? 70   THR A OG1 1 
ATOM   65   C CG2 . THR A 1 20  ? 10.231  -3.603  1.432   1.00 19.82 ? 70   THR A CG2 1 
ATOM   66   N N   . PHE A 1 21  ? 7.836   -3.259  3.759   1.00 12.95 ? 71   PHE A N   1 
ATOM   67   C CA  . PHE A 1 21  ? 7.002   -4.275  4.377   1.00 13.66 ? 71   PHE A CA  1 
ATOM   68   C C   . PHE A 1 21  ? 6.069   -4.854  3.332   1.00 13.59 ? 71   PHE A C   1 
ATOM   69   O O   . PHE A 1 21  ? 5.775   -4.204  2.323   1.00 11.63 ? 71   PHE A O   1 
ATOM   70   C CB  . PHE A 1 21  ? 6.211   -3.707  5.568   1.00 12.91 ? 71   PHE A CB  1 
ATOM   71   C CG  . PHE A 1 21  ? 5.211   -2.641  5.204   1.00 16.15 ? 71   PHE A CG  1 
ATOM   72   C CD1 . PHE A 1 21  ? 5.625   -1.345  4.897   1.00 14.61 ? 71   PHE A CD1 1 
ATOM   73   C CD2 . PHE A 1 21  ? 3.846   -2.924  5.218   1.00 15.14 ? 71   PHE A CD2 1 
ATOM   74   C CE1 . PHE A 1 21  ? 4.692   -0.345  4.615   1.00 16.23 ? 71   PHE A CE1 1 
ATOM   75   C CE2 . PHE A 1 21  ? 2.904   -1.933  4.937   1.00 16.64 ? 71   PHE A CE2 1 
ATOM   76   C CZ  . PHE A 1 21  ? 3.328   -0.638  4.635   1.00 17.37 ? 71   PHE A CZ  1 
ATOM   77   N N   . GLN A 1 22  ? 5.626   -6.084  3.572   1.00 12.76 ? 72   GLN A N   1 
ATOM   78   C CA  . GLN A 1 22  ? 4.743   -6.783  2.652   1.00 14.19 ? 72   GLN A CA  1 
ATOM   79   C C   . GLN A 1 22  ? 3.470   -7.282  3.315   1.00 14.02 ? 72   GLN A C   1 
ATOM   80   O O   . GLN A 1 22  ? 3.408   -7.451  4.532   1.00 14.74 ? 72   GLN A O   1 
ATOM   81   C CB  . GLN A 1 22  ? 5.463   -7.983  2.046   1.00 16.96 ? 72   GLN A CB  1 
ATOM   82   C CG  . GLN A 1 22  ? 6.791   -7.661  1.407   1.00 23.50 ? 72   GLN A CG  1 
ATOM   83   C CD  . GLN A 1 22  ? 7.384   -8.864  0.704   1.00 28.00 ? 72   GLN A CD  1 
ATOM   84   O OE1 . GLN A 1 22  ? 7.417   -9.965  1.255   1.00 29.21 ? 72   GLN A OE1 1 
ATOM   85   N NE2 . GLN A 1 22  ? 7.861   -8.660  -0.517  1.00 32.99 ? 72   GLN A NE2 1 
ATOM   86   N N   . PHE A 1 23  ? 2.464   -7.542  2.491   1.00 11.45 ? 73   PHE A N   1 
ATOM   87   C CA  . PHE A 1 23  ? 1.183   -8.045  2.963   1.00 12.45 ? 73   PHE A CA  1 
ATOM   88   C C   . PHE A 1 23  ? 0.649   -8.991  1.898   1.00 13.83 ? 73   PHE A C   1 
ATOM   89   O O   . PHE A 1 23  ? 0.492   -8.607  0.735   1.00 11.32 ? 73   PHE A O   1 
ATOM   90   C CB  . PHE A 1 23  ? 0.203   -6.889  3.169   1.00 10.75 ? 73   PHE A CB  1 
ATOM   91   C CG  . PHE A 1 23  ? -1.171  -7.322  3.609   1.00 11.82 ? 73   PHE A CG  1 
ATOM   92   C CD1 . PHE A 1 23  ? -1.345  -8.057  4.778   1.00 13.53 ? 73   PHE A CD1 1 
ATOM   93   C CD2 . PHE A 1 23  ? -2.296  -6.948  2.877   1.00 11.62 ? 73   PHE A CD2 1 
ATOM   94   C CE1 . PHE A 1 23  ? -2.627  -8.412  5.218   1.00 13.50 ? 73   PHE A CE1 1 
ATOM   95   C CE2 . PHE A 1 23  ? -3.576  -7.295  3.305   1.00 14.48 ? 73   PHE A CE2 1 
ATOM   96   C CZ  . PHE A 1 23  ? -3.742  -8.028  4.479   1.00 13.54 ? 73   PHE A CZ  1 
ATOM   97   N N   . THR A 1 24  ? 0.386   -10.231 2.288   1.00 13.85 ? 74   THR A N   1 
ATOM   98   C CA  . THR A 1 24  ? -0.131  -11.206 1.339   1.00 14.97 ? 74   THR A CA  1 
ATOM   99   C C   . THR A 1 24  ? -1.637  -11.357 1.471   1.00 13.61 ? 74   THR A C   1 
ATOM   100  O O   . THR A 1 24  ? -2.153  -11.704 2.533   1.00 13.39 ? 74   THR A O   1 
ATOM   101  C CB  . THR A 1 24  ? 0.545   -12.579 1.530   1.00 15.76 ? 74   THR A CB  1 
ATOM   102  O OG1 . THR A 1 24  ? 1.949   -12.456 1.272   1.00 14.81 ? 74   THR A OG1 1 
ATOM   103  C CG2 . THR A 1 24  ? -0.051  -13.607 0.572   1.00 16.67 ? 74   THR A CG2 1 
ATOM   104  N N   . VAL A 1 25  ? -2.339  -11.085 0.381   1.00 12.17 ? 75   VAL A N   1 
ATOM   105  C CA  . VAL A 1 25  ? -3.788  -11.189 0.361   1.00 14.16 ? 75   VAL A CA  1 
ATOM   106  C C   . VAL A 1 25  ? -4.191  -12.592 -0.088  1.00 15.11 ? 75   VAL A C   1 
ATOM   107  O O   . VAL A 1 25  ? -3.861  -13.007 -1.193  1.00 15.35 ? 75   VAL A O   1 
ATOM   108  C CB  . VAL A 1 25  ? -4.397  -10.146 -0.608  1.00 13.84 ? 75   VAL A CB  1 
ATOM   109  C CG1 . VAL A 1 25  ? -5.910  -10.303 -0.661  1.00 15.22 ? 75   VAL A CG1 1 
ATOM   110  C CG2 . VAL A 1 25  ? -4.029  -8.732  -0.157  1.00 13.65 ? 75   VAL A CG2 1 
ATOM   111  N N   . GLU A 1 26  ? -4.894  -13.319 0.779   1.00 16.01 ? 76   GLU A N   1 
ATOM   112  C CA  . GLU A 1 26  ? -5.344  -14.674 0.466   1.00 16.22 ? 76   GLU A CA  1 
ATOM   113  C C   . GLU A 1 26  ? -6.729  -14.661 -0.181  1.00 16.27 ? 76   GLU A C   1 
ATOM   114  O O   . GLU A 1 26  ? -7.467  -13.681 -0.058  1.00 13.76 ? 76   GLU A O   1 
ATOM   115  C CB  . GLU A 1 26  ? -5.366  -15.525 1.742   1.00 20.51 ? 76   GLU A CB  1 
ATOM   116  C CG  . GLU A 1 26  ? -4.000  -15.664 2.401   1.00 26.87 ? 76   GLU A CG  1 
ATOM   117  C CD  . GLU A 1 26  ? -4.051  -16.448 3.702   1.00 32.60 ? 76   GLU A CD  1 
ATOM   118  O OE1 . GLU A 1 26  ? -4.543  -17.597 3.691   1.00 33.31 ? 76   GLU A OE1 1 
ATOM   119  O OE2 . GLU A 1 26  ? -3.595  -15.914 4.736   1.00 37.23 ? 76   GLU A OE2 1 
ATOM   120  N N   . ARG A 1 27  ? -7.074  -15.751 -0.866  1.00 15.90 ? 77   ARG A N   1 
ATOM   121  C CA  . ARG A 1 27  ? -8.363  -15.865 -1.552  1.00 17.92 ? 77   ARG A CA  1 
ATOM   122  C C   . ARG A 1 27  ? -8.576  -14.623 -2.401  1.00 17.60 ? 77   ARG A C   1 
ATOM   123  O O   . ARG A 1 27  ? -9.687  -14.115 -2.515  1.00 17.17 ? 77   ARG A O   1 
ATOM   124  C CB  . ARG A 1 27  ? -9.497  -15.995 -0.532  1.00 19.27 ? 77   ARG A CB  1 
ATOM   125  C CG  . ARG A 1 27  ? -9.451  -17.292 0.252   1.00 24.45 ? 77   ARG A CG  1 
ATOM   126  C CD  . ARG A 1 27  ? -10.446 -17.289 1.398   1.00 28.66 ? 77   ARG A CD  1 
ATOM   127  N NE  . ARG A 1 27  ? -10.363 -18.525 2.171   1.00 32.74 ? 77   ARG A NE  1 
ATOM   128  C CZ  . ARG A 1 27  ? -10.985 -18.730 3.327   1.00 36.62 ? 77   ARG A CZ  1 
ATOM   129  N NH1 . ARG A 1 27  ? -11.745 -17.777 3.855   1.00 38.22 ? 77   ARG A NH1 1 
ATOM   130  N NH2 . ARG A 1 27  ? -10.850 -19.890 3.955   1.00 37.68 ? 77   ARG A NH2 1 
ATOM   131  N N   . PHE A 1 28  ? -7.493  -14.157 -3.011  1.00 17.15 ? 78   PHE A N   1 
ATOM   132  C CA  . PHE A 1 28  ? -7.513  -12.950 -3.822  1.00 17.27 ? 78   PHE A CA  1 
ATOM   133  C C   . PHE A 1 28  ? -8.592  -12.879 -4.891  1.00 17.87 ? 78   PHE A C   1 
ATOM   134  O O   . PHE A 1 28  ? -9.247  -11.848 -5.045  1.00 16.08 ? 78   PHE A O   1 
ATOM   135  C CB  . PHE A 1 28  ? -6.157  -12.743 -4.492  1.00 14.97 ? 78   PHE A CB  1 
ATOM   136  C CG  . PHE A 1 28  ? -6.000  -11.388 -5.097  1.00 14.58 ? 78   PHE A CG  1 
ATOM   137  C CD1 . PHE A 1 28  ? -5.672  -10.298 -4.301  1.00 16.54 ? 78   PHE A CD1 1 
ATOM   138  C CD2 . PHE A 1 28  ? -6.223  -11.187 -6.454  1.00 14.42 ? 78   PHE A CD2 1 
ATOM   139  C CE1 . PHE A 1 28  ? -5.565  -9.024  -4.847  1.00 18.05 ? 78   PHE A CE1 1 
ATOM   140  C CE2 . PHE A 1 28  ? -6.121  -9.918  -7.012  1.00 18.33 ? 78   PHE A CE2 1 
ATOM   141  C CZ  . PHE A 1 28  ? -5.791  -8.832  -6.206  1.00 16.65 ? 78   PHE A CZ  1 
ATOM   142  N N   . SER A 1 29  ? -8.765  -13.958 -5.644  1.00 17.47 ? 79   SER A N   1 
ATOM   143  C CA  . SER A 1 29  ? -9.758  -13.969 -6.712  1.00 19.84 ? 79   SER A CA  1 
ATOM   144  C C   . SER A 1 29  ? -11.174 -13.708 -6.204  1.00 20.25 ? 79   SER A C   1 
ATOM   145  O O   . SER A 1 29  ? -12.059 -13.338 -6.980  1.00 19.23 ? 79   SER A O   1 
ATOM   146  C CB  . SER A 1 29  ? -9.717  -15.304 -7.460  1.00 19.90 ? 79   SER A CB  1 
ATOM   147  O OG  . SER A 1 29  ? -10.103 -16.368 -6.612  1.00 21.81 ? 79   SER A OG  1 
ATOM   148  N N   . ARG A 1 30  ? -11.374 -13.890 -4.902  1.00 19.77 ? 80   ARG A N   1 
ATOM   149  C CA  . ARG A 1 30  ? -12.679 -13.701 -4.271  1.00 20.82 ? 80   ARG A CA  1 
ATOM   150  C C   . ARG A 1 30  ? -12.802 -12.379 -3.510  1.00 20.48 ? 80   ARG A C   1 
ATOM   151  O O   . ARG A 1 30  ? -13.811 -12.128 -2.851  1.00 18.11 ? 80   ARG A O   1 
ATOM   152  C CB  . ARG A 1 30  ? -12.956 -14.867 -3.317  1.00 23.49 ? 80   ARG A CB  1 
ATOM   153  C CG  . ARG A 1 30  ? -13.010 -16.228 -4.006  1.00 26.42 ? 80   ARG A CG  1 
ATOM   154  C CD  . ARG A 1 30  ? -12.570 -17.358 -3.079  1.00 30.18 ? 80   ARG A CD  1 
ATOM   155  N NE  . ARG A 1 30  ? -13.388 -17.455 -1.870  1.00 33.68 ? 80   ARG A NE  1 
ATOM   156  C CZ  . ARG A 1 30  ? -13.155 -18.308 -0.875  1.00 35.72 ? 80   ARG A CZ  1 
ATOM   157  N NH1 . ARG A 1 30  ? -12.127 -19.146 -0.940  1.00 37.40 ? 80   ARG A NH1 1 
ATOM   158  N NH2 . ARG A 1 30  ? -13.946 -18.319 0.189   1.00 35.88 ? 80   ARG A NH2 1 
ATOM   159  N N   . LEU A 1 31  ? -11.781 -11.534 -3.605  1.00 19.95 ? 81   LEU A N   1 
ATOM   160  C CA  . LEU A 1 31  ? -11.787 -10.245 -2.916  1.00 20.38 ? 81   LEU A CA  1 
ATOM   161  C C   . LEU A 1 31  ? -12.986 -9.398  -3.352  1.00 20.28 ? 81   LEU A C   1 
ATOM   162  O O   . LEU A 1 31  ? -13.199 -9.177  -4.544  1.00 18.73 ? 81   LEU A O   1 
ATOM   163  C CB  . LEU A 1 31  ? -10.486 -9.496  -3.211  1.00 20.52 ? 81   LEU A CB  1 
ATOM   164  C CG  . LEU A 1 31  ? -10.245 -8.212  -2.419  1.00 23.33 ? 81   LEU A CG  1 
ATOM   165  C CD1 . LEU A 1 31  ? -10.086 -8.541  -0.948  1.00 24.05 ? 81   LEU A CD1 1 
ATOM   166  C CD2 . LEU A 1 31  ? -8.999  -7.518  -2.942  1.00 23.54 ? 81   LEU A CD2 1 
ATOM   167  N N   . SER A 1 32  ? -13.764 -8.916  -2.389  1.00 20.89 ? 82   SER A N   1 
ATOM   168  C CA  . SER A 1 32  ? -14.943 -8.116  -2.714  1.00 24.49 ? 82   SER A CA  1 
ATOM   169  C C   . SER A 1 32  ? -15.023 -6.810  -1.936  1.00 26.06 ? 82   SER A C   1 
ATOM   170  O O   . SER A 1 32  ? -15.883 -5.972  -2.206  1.00 26.81 ? 82   SER A O   1 
ATOM   171  C CB  . SER A 1 32  ? -16.211 -8.929  -2.454  1.00 24.50 ? 82   SER A CB  1 
ATOM   172  O OG  . SER A 1 32  ? -16.273 -9.312  -1.091  1.00 28.53 ? 82   SER A OG  1 
ATOM   173  N N   . GLU A 1 33  ? -14.136 -6.641  -0.961  1.00 25.68 ? 83   GLU A N   1 
ATOM   174  C CA  . GLU A 1 33  ? -14.118 -5.424  -0.156  1.00 26.70 ? 83   GLU A CA  1 
ATOM   175  C C   . GLU A 1 33  ? -12.657 -5.038  0.018   1.00 24.37 ? 83   GLU A C   1 
ATOM   176  O O   . GLU A 1 33  ? -11.763 -5.796  -0.361  1.00 23.84 ? 83   GLU A O   1 
ATOM   177  C CB  . GLU A 1 33  ? -14.747 -5.680  1.218   1.00 29.73 ? 83   GLU A CB  1 
ATOM   178  C CG  . GLU A 1 33  ? -16.073 -6.431  1.184   1.00 38.06 ? 83   GLU A CG  1 
ATOM   179  C CD  . GLU A 1 33  ? -17.203 -5.637  0.545   1.00 41.84 ? 83   GLU A CD  1 
ATOM   180  O OE1 . GLU A 1 33  ? -18.308 -6.204  0.387   1.00 44.62 ? 83   GLU A OE1 1 
ATOM   181  O OE2 . GLU A 1 33  ? -16.994 -4.450  0.204   1.00 44.34 ? 83   GLU A OE2 1 
ATOM   182  N N   . SER A 1 34  ? -12.407 -3.863  0.579   1.00 21.03 ? 84   SER A N   1 
ATOM   183  C CA  . SER A 1 34  ? -11.036 -3.437  0.785   1.00 19.47 ? 84   SER A CA  1 
ATOM   184  C C   . SER A 1 34  ? -10.463 -4.203  1.972   1.00 17.94 ? 84   SER A C   1 
ATOM   185  O O   . SER A 1 34  ? -11.180 -4.526  2.924   1.00 17.08 ? 84   SER A O   1 
ATOM   186  C CB  . SER A 1 34  ? -10.968 -1.932  1.053   1.00 21.80 ? 84   SER A CB  1 
ATOM   187  O OG  . SER A 1 34  ? -11.565 -1.613  2.293   1.00 28.27 ? 84   SER A OG  1 
ATOM   188  N N   . VAL A 1 35  ? -9.176  -4.518  1.896   1.00 15.16 ? 85   VAL A N   1 
ATOM   189  C CA  . VAL A 1 35  ? -8.492  -5.227  2.969   1.00 15.36 ? 85   VAL A CA  1 
ATOM   190  C C   . VAL A 1 35  ? -7.306  -4.380  3.391   1.00 15.47 ? 85   VAL A C   1 
ATOM   191  O O   . VAL A 1 35  ? -6.664  -3.731  2.559   1.00 15.95 ? 85   VAL A O   1 
ATOM   192  C CB  . VAL A 1 35  ? -8.004  -6.627  2.513   1.00 15.10 ? 85   VAL A CB  1 
ATOM   193  C CG1 . VAL A 1 35  ? -9.201  -7.500  2.165   1.00 19.82 ? 85   VAL A CG1 1 
ATOM   194  C CG2 . VAL A 1 35  ? -7.095  -6.498  1.310   1.00 17.25 ? 85   VAL A CG2 1 
ATOM   195  N N   . LEU A 1 36  ? -7.021  -4.390  4.687   1.00 12.63 ? 86   LEU A N   1 
ATOM   196  C CA  . LEU A 1 36  ? -5.938  -3.602  5.252   1.00 13.76 ? 86   LEU A CA  1 
ATOM   197  C C   . LEU A 1 36  ? -4.918  -4.516  5.924   1.00 12.35 ? 86   LEU A C   1 
ATOM   198  O O   . LEU A 1 36  ? -5.283  -5.498  6.570   1.00 12.36 ? 86   LEU A O   1 
ATOM   199  C CB  . LEU A 1 36  ? -6.529  -2.634  6.281   1.00 17.02 ? 86   LEU A CB  1 
ATOM   200  C CG  . LEU A 1 36  ? -5.993  -1.213  6.461   1.00 23.76 ? 86   LEU A CG  1 
ATOM   201  C CD1 . LEU A 1 36  ? -5.843  -0.514  5.118   1.00 19.46 ? 86   LEU A CD1 1 
ATOM   202  C CD2 . LEU A 1 36  ? -6.973  -0.446  7.356   1.00 23.39 ? 86   LEU A CD2 1 
ATOM   203  N N   . SER A 1 37  ? -3.643  -4.184  5.772   1.00 9.51  ? 87   SER A N   1 
ATOM   204  C CA  . SER A 1 37  ? -2.569  -4.962  6.378   1.00 10.30 ? 87   SER A CA  1 
ATOM   205  C C   . SER A 1 37  ? -2.356  -4.472  7.799   1.00 10.63 ? 87   SER A C   1 
ATOM   206  O O   . SER A 1 37  ? -2.926  -3.457  8.199   1.00 11.48 ? 87   SER A O   1 
ATOM   207  C CB  . SER A 1 37  ? -1.262  -4.733  5.622   1.00 9.63  ? 87   SER A CB  1 
ATOM   208  O OG  . SER A 1 37  ? -0.775  -3.413  5.846   1.00 8.90  ? 87   SER A OG  1 
ATOM   209  N N   . PRO A 1 38  ? -1.563  -5.212  8.594   1.00 11.62 ? 88   PRO A N   1 
ATOM   210  C CA  . PRO A 1 38  ? -1.297  -4.774  9.963   1.00 11.58 ? 88   PRO A CA  1 
ATOM   211  C C   . PRO A 1 38  ? -0.375  -3.575  9.750   1.00 12.28 ? 88   PRO A C   1 
ATOM   212  O O   . PRO A 1 38  ? 0.185   -3.408  8.662   1.00 11.61 ? 88   PRO A O   1 
ATOM   213  C CB  . PRO A 1 38  ? -0.558  -5.963  10.576  1.00 11.29 ? 88   PRO A CB  1 
ATOM   214  C CG  . PRO A 1 38  ? -1.144  -7.131  9.842   1.00 12.64 ? 88   PRO A CG  1 
ATOM   215  C CD  . PRO A 1 38  ? -1.182  -6.625  8.416   1.00 11.21 ? 88   PRO A CD  1 
ATOM   216  N N   . PRO A 1 39  ? -0.184  -2.740  10.774  1.00 12.42 ? 89   PRO A N   1 
ATOM   217  C CA  . PRO A 1 39  ? 0.688   -1.577  10.588  1.00 13.87 ? 89   PRO A CA  1 
ATOM   218  C C   . PRO A 1 39  ? 2.196   -1.814  10.660  1.00 13.99 ? 89   PRO A C   1 
ATOM   219  O O   . PRO A 1 39  ? 2.666   -2.697  11.368  1.00 15.31 ? 89   PRO A O   1 
ATOM   220  C CB  . PRO A 1 39  ? 0.221   -0.630  11.689  1.00 14.40 ? 89   PRO A CB  1 
ATOM   221  C CG  . PRO A 1 39  ? -0.070  -1.591  12.821  1.00 16.57 ? 89   PRO A CG  1 
ATOM   222  C CD  . PRO A 1 39  ? -0.786  -2.749  12.123  1.00 13.23 ? 89   PRO A CD  1 
ATOM   223  N N   . CYS A 1 40  ? 2.933   -1.012  9.898   1.00 13.62 ? 90   CYS A N   1 
ATOM   224  C CA  . CYS A 1 40  ? 4.390   -1.023  9.899   1.00 14.09 ? 90   CYS A CA  1 
ATOM   225  C C   . CYS A 1 40  ? 4.707   0.389   10.379  1.00 15.53 ? 90   CYS A C   1 
ATOM   226  O O   . CYS A 1 40  ? 4.200   1.365   9.813   1.00 15.63 ? 90   CYS A O   1 
ATOM   227  C CB  . CYS A 1 40  ? 4.954   -1.226  8.490   1.00 15.26 ? 90   CYS A CB  1 
ATOM   228  S SG  . CYS A 1 40  ? 6.759   -1.066  8.422   1.00 22.72 ? 90   CYS A SG  1 
ATOM   229  N N   . PHE A 1 41  ? 5.523   0.509   11.419  1.00 15.06 ? 91   PHE A N   1 
ATOM   230  C CA  . PHE A 1 41  ? 5.837   1.825   11.955  1.00 15.34 ? 91   PHE A CA  1 
ATOM   231  C C   . PHE A 1 41  ? 7.075   2.466   11.350  1.00 15.23 ? 91   PHE A C   1 
ATOM   232  O O   . PHE A 1 41  ? 8.151   1.868   11.285  1.00 13.61 ? 91   PHE A O   1 
ATOM   233  C CB  . PHE A 1 41  ? 5.961   1.761   13.480  1.00 17.22 ? 91   PHE A CB  1 
ATOM   234  C CG  . PHE A 1 41  ? 4.703   1.309   14.165  1.00 19.92 ? 91   PHE A CG  1 
ATOM   235  C CD1 . PHE A 1 41  ? 4.414   -0.044  14.295  1.00 22.94 ? 91   PHE A CD1 1 
ATOM   236  C CD2 . PHE A 1 41  ? 3.784   2.238   14.641  1.00 22.28 ? 91   PHE A CD2 1 
ATOM   237  C CE1 . PHE A 1 41  ? 3.223   -0.468  14.886  1.00 24.49 ? 91   PHE A CE1 1 
ATOM   238  C CE2 . PHE A 1 41  ? 2.592   1.827   15.232  1.00 24.24 ? 91   PHE A CE2 1 
ATOM   239  C CZ  . PHE A 1 41  ? 2.311   0.470   15.354  1.00 24.00 ? 91   PHE A CZ  1 
ATOM   240  N N   . VAL A 1 42  ? 6.887   3.691   10.883  1.00 14.37 ? 92   VAL A N   1 
ATOM   241  C CA  . VAL A 1 42  ? 7.942   4.486   10.276  1.00 13.95 ? 92   VAL A CA  1 
ATOM   242  C C   . VAL A 1 42  ? 7.698   5.891   10.814  1.00 13.18 ? 92   VAL A C   1 
ATOM   243  O O   . VAL A 1 42  ? 6.572   6.388   10.758  1.00 13.19 ? 92   VAL A O   1 
ATOM   244  C CB  . VAL A 1 42  ? 7.831   4.472   8.744   1.00 13.03 ? 92   VAL A CB  1 
ATOM   245  C CG1 . VAL A 1 42  ? 8.880   5.380   8.135   1.00 12.35 ? 92   VAL A CG1 1 
ATOM   246  C CG2 . VAL A 1 42  ? 7.996   3.045   8.231   1.00 16.82 ? 92   VAL A CG2 1 
ATOM   247  N N   . ARG A 1 43  ? 8.745   6.515   11.346  1.00 14.18 ? 93   ARG A N   1 
ATOM   248  C CA  . ARG A 1 43  ? 8.635   7.841   11.945  1.00 13.29 ? 93   ARG A CA  1 
ATOM   249  C C   . ARG A 1 43  ? 7.616   7.763   13.076  1.00 14.03 ? 93   ARG A C   1 
ATOM   250  O O   . ARG A 1 43  ? 6.915   8.729   13.371  1.00 13.37 ? 93   ARG A O   1 
ATOM   251  C CB  . ARG A 1 43  ? 8.188   8.876   10.912  1.00 13.23 ? 93   ARG A CB  1 
ATOM   252  C CG  . ARG A 1 43  ? 9.207   9.168   9.822   1.00 12.31 ? 93   ARG A CG  1 
ATOM   253  C CD  . ARG A 1 43  ? 10.494  9.795   10.368  1.00 14.96 ? 93   ARG A CD  1 
ATOM   254  N NE  . ARG A 1 43  ? 11.352  10.260  9.277   1.00 16.59 ? 93   ARG A NE  1 
ATOM   255  C CZ  . ARG A 1 43  ? 12.470  10.963  9.442   1.00 19.24 ? 93   ARG A CZ  1 
ATOM   256  N NH1 . ARG A 1 43  ? 12.881  11.292  10.660  1.00 19.59 ? 93   ARG A NH1 1 
ATOM   257  N NH2 . ARG A 1 43  ? 13.173  11.351  8.384   1.00 17.42 ? 93   ARG A NH2 1 
ATOM   258  N N   . ASN A 1 44  ? 7.547   6.587   13.692  1.00 14.63 ? 94   ASN A N   1 
ATOM   259  C CA  . ASN A 1 44  ? 6.643   6.303   14.801  1.00 16.29 ? 94   ASN A CA  1 
ATOM   260  C C   . ASN A 1 44  ? 5.157   6.427   14.450  1.00 16.78 ? 94   ASN A C   1 
ATOM   261  O O   . ASN A 1 44  ? 4.321   6.621   15.336  1.00 16.47 ? 94   ASN A O   1 
ATOM   262  C CB  . ASN A 1 44  ? 6.955   7.206   16.000  1.00 19.44 ? 94   ASN A CB  1 
ATOM   263  C CG  . ASN A 1 44  ? 6.500   6.597   17.316  1.00 21.18 ? 94   ASN A CG  1 
ATOM   264  O OD1 . ASN A 1 44  ? 6.181   7.310   18.267  1.00 24.92 ? 94   ASN A OD1 1 
ATOM   265  N ND2 . ASN A 1 44  ? 6.482   5.269   17.377  1.00 19.62 ? 94   ASN A ND2 1 
ATOM   266  N N   . LEU A 1 45  ? 4.836   6.332   13.163  1.00 14.54 ? 95   LEU A N   1 
ATOM   267  C CA  . LEU A 1 45  ? 3.448   6.392   12.706  1.00 14.17 ? 95   LEU A CA  1 
ATOM   268  C C   . LEU A 1 45  ? 3.086   5.048   12.063  1.00 13.53 ? 95   LEU A C   1 
ATOM   269  O O   . LEU A 1 45  ? 3.944   4.379   11.494  1.00 14.20 ? 95   LEU A O   1 
ATOM   270  C CB  . LEU A 1 45  ? 3.258   7.506   11.671  1.00 14.86 ? 95   LEU A CB  1 
ATOM   271  C CG  . LEU A 1 45  ? 3.361   8.961   12.149  1.00 16.73 ? 95   LEU A CG  1 
ATOM   272  C CD1 . LEU A 1 45  ? 3.136   9.901   10.971  1.00 17.12 ? 95   LEU A CD1 1 
ATOM   273  C CD2 . LEU A 1 45  ? 2.324   9.223   13.232  1.00 16.66 ? 95   LEU A CD2 1 
ATOM   274  N N   . PRO A 1 46  ? 1.813   4.633   12.155  1.00 13.08 ? 96   PRO A N   1 
ATOM   275  C CA  . PRO A 1 46  ? 1.407   3.356   11.556  1.00 13.83 ? 96   PRO A CA  1 
ATOM   276  C C   . PRO A 1 46  ? 1.079   3.487   10.074  1.00 12.65 ? 96   PRO A C   1 
ATOM   277  O O   . PRO A 1 46  ? 0.223   4.283   9.698   1.00 14.97 ? 96   PRO A O   1 
ATOM   278  C CB  . PRO A 1 46  ? 0.179   2.966   12.374  1.00 13.33 ? 96   PRO A CB  1 
ATOM   279  C CG  . PRO A 1 46  ? -0.447  4.308   12.662  1.00 14.44 ? 96   PRO A CG  1 
ATOM   280  C CD  . PRO A 1 46  ? 0.762   5.151   13.050  1.00 15.07 ? 96   PRO A CD  1 
ATOM   281  N N   . TRP A 1 47  ? 1.767   2.718   9.239   1.00 12.17 ? 97   TRP A N   1 
ATOM   282  C CA  . TRP A 1 47  ? 1.519   2.731   7.801   1.00 9.89  ? 97   TRP A CA  1 
ATOM   283  C C   . TRP A 1 47  ? 0.931   1.381   7.419   1.00 10.07 ? 97   TRP A C   1 
ATOM   284  O O   . TRP A 1 47  ? 1.403   0.346   7.890   1.00 9.47  ? 97   TRP A O   1 
ATOM   285  C CB  . TRP A 1 47  ? 2.814   2.951   7.021   1.00 10.99 ? 97   TRP A CB  1 
ATOM   286  C CG  . TRP A 1 47  ? 3.493   4.236   7.353   1.00 12.55 ? 97   TRP A CG  1 
ATOM   287  C CD1 . TRP A 1 47  ? 4.220   4.517   8.476   1.00 13.67 ? 97   TRP A CD1 1 
ATOM   288  C CD2 . TRP A 1 47  ? 3.486   5.435   6.567   1.00 12.44 ? 97   TRP A CD2 1 
ATOM   289  N NE1 . TRP A 1 47  ? 4.669   5.820   8.437   1.00 12.58 ? 97   TRP A NE1 1 
ATOM   290  C CE2 . TRP A 1 47  ? 4.232   6.405   7.278   1.00 12.45 ? 97   TRP A CE2 1 
ATOM   291  C CE3 . TRP A 1 47  ? 2.924   5.784   5.334   1.00 12.92 ? 97   TRP A CE3 1 
ATOM   292  C CZ2 . TRP A 1 47  ? 4.429   7.703   6.792   1.00 14.66 ? 97   TRP A CZ2 1 
ATOM   293  C CZ3 . TRP A 1 47  ? 3.120   7.073   4.850   1.00 14.88 ? 97   TRP A CZ3 1 
ATOM   294  C CH2 . TRP A 1 47  ? 3.867   8.018   5.581   1.00 13.96 ? 97   TRP A CH2 1 
ATOM   295  N N   . LYS A 1 48  ? -0.087  1.393   6.561   1.00 7.71  ? 98   LYS A N   1 
ATOM   296  C CA  . LYS A 1 48  ? -0.729  0.155   6.148   1.00 8.50  ? 98   LYS A CA  1 
ATOM   297  C C   . LYS A 1 48  ? -0.960  0.071   4.646   1.00 10.73 ? 98   LYS A C   1 
ATOM   298  O O   . LYS A 1 48  ? -1.123  1.091   3.965   1.00 8.48  ? 98   LYS A O   1 
ATOM   299  C CB  . LYS A 1 48  ? -2.088  0.003   6.829   1.00 7.98  ? 98   LYS A CB  1 
ATOM   300  C CG  . LYS A 1 48  ? -2.075  0.028   8.358   1.00 9.54  ? 98   LYS A CG  1 
ATOM   301  C CD  . LYS A 1 48  ? -3.501  -0.057  8.882   1.00 9.51  ? 98   LYS A CD  1 
ATOM   302  C CE  . LYS A 1 48  ? -3.561  0.065   10.398  1.00 12.44 ? 98   LYS A CE  1 
ATOM   303  N NZ  . LYS A 1 48  ? -4.959  -0.067  10.893  1.00 16.54 ? 98   LYS A NZ  1 
ATOM   304  N N   . ILE A 1 49  ? -0.984  -1.159  4.143   1.00 8.52  ? 99   ILE A N   1 
ATOM   305  C CA  . ILE A 1 49  ? -1.253  -1.405  2.738   1.00 10.48 ? 99   ILE A CA  1 
ATOM   306  C C   . ILE A 1 49  ? -2.764  -1.627  2.630   1.00 9.81  ? 99   ILE A C   1 
ATOM   307  O O   . ILE A 1 49  ? -3.339  -2.378  3.407   1.00 10.54 ? 99   ILE A O   1 
ATOM   308  C CB  . ILE A 1 49  ? -0.510  -2.667  2.236   1.00 12.72 ? 99   ILE A CB  1 
ATOM   309  C CG1 . ILE A 1 49  ? 0.974   -2.349  2.037   1.00 13.01 ? 99   ILE A CG1 1 
ATOM   310  C CG2 . ILE A 1 49  ? -1.151  -3.174  0.943   1.00 13.12 ? 99   ILE A CG2 1 
ATOM   311  C CD1 . ILE A 1 49  ? 1.849   -3.573  1.822   1.00 12.69 ? 99   ILE A CD1 1 
ATOM   312  N N   . MET A 1 50  ? -3.402  -0.952  1.682   1.00 9.85  ? 100  MET A N   1 
ATOM   313  C CA  . MET A 1 50  ? -4.839  -1.098  1.477   1.00 11.88 ? 100  MET A CA  1 
ATOM   314  C C   . MET A 1 50  ? -5.051  -1.614  0.062   1.00 12.00 ? 100  MET A C   1 
ATOM   315  O O   . MET A 1 50  ? -4.561  -1.015  -0.894  1.00 10.31 ? 100  MET A O   1 
ATOM   316  C CB  . MET A 1 50  ? -5.539  0.252   1.636   1.00 16.30 ? 100  MET A CB  1 
ATOM   317  C CG  . MET A 1 50  ? -7.055  0.178   1.528   1.00 23.03 ? 100  MET A CG  1 
ATOM   318  S SD  . MET A 1 50  ? -7.816  1.814   1.376   1.00 34.45 ? 100  MET A SD  1 
ATOM   319  C CE  . MET A 1 50  ? -7.423  2.512   2.971   1.00 28.87 ? 100  MET A CE  1 
ATOM   320  N N   . VAL A 1 51  ? -5.774  -2.720  -0.069  1.00 11.46 ? 101  VAL A N   1 
ATOM   321  C CA  . VAL A 1 51  ? -6.029  -3.314  -1.378  1.00 11.36 ? 101  VAL A CA  1 
ATOM   322  C C   . VAL A 1 51  ? -7.525  -3.479  -1.577  1.00 12.02 ? 101  VAL A C   1 
ATOM   323  O O   . VAL A 1 51  ? -8.244  -3.869  -0.653  1.00 11.19 ? 101  VAL A O   1 
ATOM   324  C CB  . VAL A 1 51  ? -5.352  -4.704  -1.507  1.00 13.64 ? 101  VAL A CB  1 
ATOM   325  C CG1 . VAL A 1 51  ? -5.631  -5.301  -2.882  1.00 10.83 ? 101  VAL A CG1 1 
ATOM   326  C CG2 . VAL A 1 51  ? -3.846  -4.574  -1.283  1.00 12.12 ? 101  VAL A CG2 1 
ATOM   327  N N   . MET A 1 52  ? -7.998  -3.190  -2.783  1.00 13.14 ? 102  MET A N   1 
ATOM   328  C CA  . MET A 1 52  ? -9.426  -3.309  -3.059  1.00 16.78 ? 102  MET A CA  1 
ATOM   329  C C   . MET A 1 52  ? -9.725  -3.450  -4.544  1.00 17.71 ? 102  MET A C   1 
ATOM   330  O O   . MET A 1 52  ? -9.036  -2.878  -5.380  1.00 16.83 ? 102  MET A O   1 
ATOM   331  C CB  . MET A 1 52  ? -10.155 -2.077  -2.540  1.00 20.46 ? 102  MET A CB  1 
ATOM   332  C CG  . MET A 1 52  ? -9.704  -0.792  -3.218  1.00 25.34 ? 102  MET A CG  1 
ATOM   333  S SD  . MET A 1 52  ? -10.538 0.651   -2.557  1.00 37.93 ? 102  MET A SD  1 
ATOM   334  C CE  . MET A 1 52  ? -9.453  1.056   -1.213  1.00 31.34 ? 102  MET A CE  1 
ATOM   335  N N   . PRO A 1 53  ? -10.761 -4.228  -4.891  1.00 19.27 ? 103  PRO A N   1 
ATOM   336  C CA  . PRO A 1 53  ? -11.091 -4.380  -6.307  1.00 20.61 ? 103  PRO A CA  1 
ATOM   337  C C   . PRO A 1 53  ? -11.764 -3.085  -6.755  1.00 21.43 ? 103  PRO A C   1 
ATOM   338  O O   . PRO A 1 53  ? -12.518 -2.486  -5.994  1.00 20.79 ? 103  PRO A O   1 
ATOM   339  C CB  . PRO A 1 53  ? -12.040 -5.576  -6.309  1.00 22.12 ? 103  PRO A CB  1 
ATOM   340  C CG  . PRO A 1 53  ? -12.768 -5.420  -5.007  1.00 23.55 ? 103  PRO A CG  1 
ATOM   341  C CD  . PRO A 1 53  ? -11.659 -5.033  -4.042  1.00 21.36 ? 103  PRO A CD  1 
ATOM   342  N N   . ARG A 1 54  ? -11.468 -2.635  -7.970  1.00 23.37 ? 104  ARG A N   1 
ATOM   343  C CA  . ARG A 1 54  ? -12.068 -1.409  -8.490  1.00 26.42 ? 104  ARG A CA  1 
ATOM   344  C C   . ARG A 1 54  ? -12.620 -1.649  -9.891  1.00 29.45 ? 104  ARG A C   1 
ATOM   345  O O   . ARG A 1 54  ? -12.145 -2.528  -10.609 1.00 29.43 ? 104  ARG A O   1 
ATOM   346  C CB  . ARG A 1 54  ? -11.029 -0.281  -8.520  1.00 26.38 ? 104  ARG A CB  1 
ATOM   347  C CG  . ARG A 1 54  ? -10.490 0.111   -7.139  1.00 31.27 ? 104  ARG A CG  1 
ATOM   348  C CD  . ARG A 1 54  ? -11.577 0.731   -6.270  1.00 33.79 ? 104  ARG A CD  1 
ATOM   349  N NE  . ARG A 1 54  ? -11.913 2.085   -6.701  1.00 36.70 ? 104  ARG A NE  1 
ATOM   350  C CZ  . ARG A 1 54  ? -11.370 3.190   -6.198  1.00 39.44 ? 104  ARG A CZ  1 
ATOM   351  N NH1 . ARG A 1 54  ? -10.461 3.111   -5.235  1.00 40.05 ? 104  ARG A NH1 1 
ATOM   352  N NH2 . ARG A 1 54  ? -11.728 4.380   -6.666  1.00 39.32 ? 104  ARG A NH2 1 
ATOM   353  N N   . PHE A 1 55  ? -13.632 -0.873  -10.272 1.00 32.12 ? 105  PHE A N   1 
ATOM   354  C CA  . PHE A 1 55  ? -14.251 -1.011  -11.589 1.00 34.39 ? 105  PHE A CA  1 
ATOM   355  C C   . PHE A 1 55  ? -14.232 0.317   -12.337 1.00 35.28 ? 105  PHE A C   1 
ATOM   356  O O   . PHE A 1 55  ? -14.501 1.367   -11.756 1.00 35.48 ? 105  PHE A O   1 
ATOM   357  C CB  . PHE A 1 55  ? -15.700 -1.492  -11.455 1.00 35.99 ? 105  PHE A CB  1 
ATOM   358  C CG  . PHE A 1 55  ? -15.841 -2.823  -10.775 1.00 38.41 ? 105  PHE A CG  1 
ATOM   359  C CD1 . PHE A 1 55  ? -15.577 -2.962  -9.416  1.00 39.21 ? 105  PHE A CD1 1 
ATOM   360  C CD2 . PHE A 1 55  ? -16.250 -3.941  -11.493 1.00 39.99 ? 105  PHE A CD2 1 
ATOM   361  C CE1 . PHE A 1 55  ? -15.721 -4.196  -8.780  1.00 40.98 ? 105  PHE A CE1 1 
ATOM   362  C CE2 . PHE A 1 55  ? -16.399 -5.177  -10.869 1.00 41.74 ? 105  PHE A CE2 1 
ATOM   363  C CZ  . PHE A 1 55  ? -16.133 -5.304  -9.509  1.00 41.01 ? 105  PHE A CZ  1 
ATOM   364  N N   . GLN A 1 62  ? -12.691 -7.595  -9.550  1.00 39.91 ? 112  GLN A N   1 
ATOM   365  C CA  . GLN A 1 62  ? -12.784 -7.495  -11.002 1.00 39.51 ? 112  GLN A CA  1 
ATOM   366  C C   . GLN A 1 62  ? -12.276 -6.149  -11.518 1.00 38.07 ? 112  GLN A C   1 
ATOM   367  O O   . GLN A 1 62  ? -12.000 -5.236  -10.738 1.00 40.63 ? 112  GLN A O   1 
ATOM   368  C CB  . GLN A 1 62  ? -14.232 -7.706  -11.443 1.00 42.17 ? 112  GLN A CB  1 
ATOM   369  C CG  . GLN A 1 62  ? -14.812 -9.045  -11.015 1.00 45.59 ? 112  GLN A CG  1 
ATOM   370  C CD  . GLN A 1 62  ? -16.239 -9.247  -11.487 1.00 47.93 ? 112  GLN A CD  1 
ATOM   371  O OE1 . GLN A 1 62  ? -16.840 -10.296 -11.247 1.00 49.95 ? 112  GLN A OE1 1 
ATOM   372  N NE2 . GLN A 1 62  ? -16.789 -8.243  -12.163 1.00 48.19 ? 112  GLN A NE2 1 
ATOM   373  N N   . LYS A 1 63  ? -12.159 -6.039  -12.838 1.00 34.84 ? 113  LYS A N   1 
ATOM   374  C CA  . LYS A 1 63  ? -11.683 -4.830  -13.507 1.00 30.33 ? 113  LYS A CA  1 
ATOM   375  C C   . LYS A 1 63  ? -10.239 -4.459  -13.160 1.00 26.58 ? 113  LYS A C   1 
ATOM   376  O O   . LYS A 1 63  ? -9.324  -4.736  -13.938 1.00 23.03 ? 113  LYS A O   1 
ATOM   377  C CB  . LYS A 1 63  ? -12.602 -3.652  -13.202 1.00 34.62 ? 113  LYS A CB  1 
ATOM   378  C CG  . LYS A 1 63  ? -12.825 -2.747  -14.402 1.00 37.97 ? 113  LYS A CG  1 
ATOM   379  C CD  . LYS A 1 63  ? -13.524 -3.518  -15.512 1.00 41.17 ? 113  LYS A CD  1 
ATOM   380  C CE  . LYS A 1 63  ? -13.831 -2.635  -16.704 1.00 41.97 ? 113  LYS A CE  1 
ATOM   381  N NZ  . LYS A 1 63  ? -14.614 -3.384  -17.718 1.00 44.11 ? 113  LYS A NZ  1 
ATOM   382  N N   . SER A 1 64  ? -10.020 -3.826  -12.011 1.00 22.59 ? 114  SER A N   1 
ATOM   383  C CA  . SER A 1 64  ? -8.656  -3.456  -11.640 1.00 20.39 ? 114  SER A CA  1 
ATOM   384  C C   . SER A 1 64  ? -8.360  -3.634  -10.160 1.00 18.72 ? 114  SER A C   1 
ATOM   385  O O   . SER A 1 64  ? -9.269  -3.731  -9.341  1.00 17.58 ? 114  SER A O   1 
ATOM   386  C CB  . SER A 1 64  ? -8.368  -2.006  -12.034 1.00 22.15 ? 114  SER A CB  1 
ATOM   387  O OG  . SER A 1 64  ? -9.127  -1.106  -11.246 1.00 25.84 ? 114  SER A OG  1 
ATOM   388  N N   . VAL A 1 65  ? -7.072  -3.683  -9.835  1.00 17.22 ? 115  VAL A N   1 
ATOM   389  C CA  . VAL A 1 65  ? -6.629  -3.818  -8.457  1.00 18.32 ? 115  VAL A CA  1 
ATOM   390  C C   . VAL A 1 65  ? -6.359  -2.425  -7.898  1.00 16.38 ? 115  VAL A C   1 
ATOM   391  O O   . VAL A 1 65  ? -5.581  -1.667  -8.476  1.00 17.38 ? 115  VAL A O   1 
ATOM   392  C CB  . VAL A 1 65  ? -5.308  -4.619  -8.344  1.00 19.24 ? 115  VAL A CB  1 
ATOM   393  C CG1 . VAL A 1 65  ? -4.888  -4.713  -6.880  1.00 19.93 ? 115  VAL A CG1 1 
ATOM   394  C CG2 . VAL A 1 65  ? -5.473  -6.001  -8.936  1.00 19.63 ? 115  VAL A CG2 1 
ATOM   395  N N   . GLY A 1 66  ? -7.021  -2.089  -6.795  1.00 13.78 ? 116  GLY A N   1 
ATOM   396  C CA  . GLY A 1 66  ? -6.798  -0.807  -6.149  1.00 12.35 ? 116  GLY A CA  1 
ATOM   397  C C   . GLY A 1 66  ? -5.684  -1.062  -5.144  1.00 11.81 ? 116  GLY A C   1 
ATOM   398  O O   . GLY A 1 66  ? -5.761  -2.023  -4.378  1.00 12.18 ? 116  GLY A O   1 
ATOM   399  N N   . PHE A 1 67  ? -4.657  -0.217  -5.136  1.00 11.44 ? 117  PHE A N   1 
ATOM   400  C CA  . PHE A 1 67  ? -3.504  -0.397  -4.240  1.00 10.11 ? 117  PHE A CA  1 
ATOM   401  C C   . PHE A 1 67  ? -3.146  0.965   -3.645  1.00 11.34 ? 117  PHE A C   1 
ATOM   402  O O   . PHE A 1 67  ? -2.690  1.859   -4.362  1.00 10.05 ? 117  PHE A O   1 
ATOM   403  C CB  . PHE A 1 67  ? -2.340  -0.969  -5.072  1.00 11.50 ? 117  PHE A CB  1 
ATOM   404  C CG  . PHE A 1 67  ? -1.108  -1.385  -4.275  1.00 11.73 ? 117  PHE A CG  1 
ATOM   405  C CD1 . PHE A 1 67  ? -1.034  -1.240  -2.893  1.00 11.82 ? 117  PHE A CD1 1 
ATOM   406  C CD2 . PHE A 1 67  ? -0.007  -1.924  -4.948  1.00 12.70 ? 117  PHE A CD2 1 
ATOM   407  C CE1 . PHE A 1 67  ? 0.128   -1.625  -2.193  1.00 11.76 ? 117  PHE A CE1 1 
ATOM   408  C CE2 . PHE A 1 67  ? 1.151   -2.308  -4.262  1.00 12.77 ? 117  PHE A CE2 1 
ATOM   409  C CZ  . PHE A 1 67  ? 1.216   -2.157  -2.883  1.00 12.68 ? 117  PHE A CZ  1 
ATOM   410  N N   . PHE A 1 68  ? -3.367  1.120   -2.338  1.00 11.13 ? 118  PHE A N   1 
ATOM   411  C CA  . PHE A 1 68  ? -3.082  2.381   -1.655  1.00 10.84 ? 118  PHE A CA  1 
ATOM   412  C C   . PHE A 1 68  ? -2.230  2.220   -0.408  1.00 10.43 ? 118  PHE A C   1 
ATOM   413  O O   . PHE A 1 68  ? -2.216  1.159   0.217   1.00 9.79  ? 118  PHE A O   1 
ATOM   414  C CB  . PHE A 1 68  ? -4.382  3.076   -1.233  1.00 11.19 ? 118  PHE A CB  1 
ATOM   415  C CG  . PHE A 1 68  ? -5.333  3.325   -2.362  1.00 13.70 ? 118  PHE A CG  1 
ATOM   416  C CD1 . PHE A 1 68  ? -6.158  2.307   -2.827  1.00 11.13 ? 118  PHE A CD1 1 
ATOM   417  C CD2 . PHE A 1 68  ? -5.398  4.576   -2.966  1.00 12.80 ? 118  PHE A CD2 1 
ATOM   418  C CE1 . PHE A 1 68  ? -7.038  2.530   -3.881  1.00 13.30 ? 118  PHE A CE1 1 
ATOM   419  C CE2 . PHE A 1 68  ? -6.273  4.812   -4.025  1.00 14.59 ? 118  PHE A CE2 1 
ATOM   420  C CZ  . PHE A 1 68  ? -7.095  3.788   -4.484  1.00 13.11 ? 118  PHE A CZ  1 
ATOM   421  N N   . LEU A 1 69  ? -1.531  3.294   -0.052  1.00 9.52  ? 119  LEU A N   1 
ATOM   422  C CA  . LEU A 1 69  ? -0.705  3.318   1.144   1.00 9.58  ? 119  LEU A CA  1 
ATOM   423  C C   . LEU A 1 69  ? -1.448  4.227   2.118   1.00 10.07 ? 119  LEU A C   1 
ATOM   424  O O   . LEU A 1 69  ? -1.790  5.356   1.774   1.00 10.50 ? 119  LEU A O   1 
ATOM   425  C CB  . LEU A 1 69  ? 0.678   3.897   0.832   1.00 10.50 ? 119  LEU A CB  1 
ATOM   426  C CG  . LEU A 1 69  ? 1.598   4.150   2.033   1.00 11.33 ? 119  LEU A CG  1 
ATOM   427  C CD1 . LEU A 1 69  ? 1.810   2.862   2.822   1.00 9.71  ? 119  LEU A CD1 1 
ATOM   428  C CD2 . LEU A 1 69  ? 2.935   4.703   1.536   1.00 12.55 ? 119  LEU A CD2 1 
ATOM   429  N N   . GLN A 1 70  ? -1.706  3.736   3.325   1.00 10.17 ? 120  GLN A N   1 
ATOM   430  C CA  . GLN A 1 70  ? -2.429  4.516   4.325   1.00 10.25 ? 120  GLN A CA  1 
ATOM   431  C C   . GLN A 1 70  ? -1.533  4.905   5.495   1.00 11.86 ? 120  GLN A C   1 
ATOM   432  O O   . GLN A 1 70  ? -0.643  4.149   5.895   1.00 13.49 ? 120  GLN A O   1 
ATOM   433  C CB  . GLN A 1 70  ? -3.625  3.711   4.836   1.00 10.81 ? 120  GLN A CB  1 
ATOM   434  C CG  . GLN A 1 70  ? -4.514  4.439   5.835   1.00 11.70 ? 120  GLN A CG  1 
ATOM   435  C CD  . GLN A 1 70  ? -5.507  3.496   6.507   1.00 13.82 ? 120  GLN A CD  1 
ATOM   436  O OE1 . GLN A 1 70  ? -6.681  3.419   6.126   1.00 15.37 ? 120  GLN A OE1 1 
ATOM   437  N NE2 . GLN A 1 70  ? -5.031  2.759   7.498   1.00 12.80 ? 120  GLN A NE2 1 
ATOM   438  N N   . CYS A 1 71  ? -1.774  6.084   6.053   1.00 11.47 ? 121  CYS A N   1 
ATOM   439  C CA  . CYS A 1 71  ? -0.965  6.554   7.167   1.00 13.22 ? 121  CYS A CA  1 
ATOM   440  C C   . CYS A 1 71  ? -1.764  7.135   8.323   1.00 12.82 ? 121  CYS A C   1 
ATOM   441  O O   . CYS A 1 71  ? -2.602  8.015   8.126   1.00 13.27 ? 121  CYS A O   1 
ATOM   442  C CB  . CYS A 1 71  ? 0.030   7.611   6.675   1.00 12.77 ? 121  CYS A CB  1 
ATOM   443  S SG  . CYS A 1 71  ? 1.013   8.413   7.986   1.00 17.19 ? 121  CYS A SG  1 
ATOM   444  N N   . ASN A 1 72  ? -1.507  6.624   9.526   1.00 14.68 ? 122  ASN A N   1 
ATOM   445  C CA  . ASN A 1 72  ? -2.133  7.149   10.740  1.00 14.57 ? 122  ASN A CA  1 
ATOM   446  C C   . ASN A 1 72  ? -3.646  7.363   10.596  1.00 16.43 ? 122  ASN A C   1 
ATOM   447  O O   . ASN A 1 72  ? -4.169  8.381   11.049  1.00 15.95 ? 122  ASN A O   1 
ATOM   448  C CB  . ASN A 1 72  ? -1.460  8.494   11.065  1.00 14.95 ? 122  ASN A CB  1 
ATOM   449  C CG  . ASN A 1 72  ? -1.555  8.875   12.534  1.00 17.31 ? 122  ASN A CG  1 
ATOM   450  O OD1 . ASN A 1 72  ? -1.523  10.062  12.880  1.00 18.21 ? 122  ASN A OD1 1 
ATOM   451  N ND2 . ASN A 1 72  ? -1.643  7.879   13.404  1.00 11.63 ? 122  ASN A ND2 1 
ATOM   452  N N   . ALA A 1 73  ? -4.353  6.413   9.994   1.00 14.81 ? 123  ALA A N   1 
ATOM   453  C CA  . ALA A 1 73  ? -5.791  6.581   9.791   1.00 17.02 ? 123  ALA A CA  1 
ATOM   454  C C   . ALA A 1 73  ? -6.649  6.450   11.049  1.00 19.35 ? 123  ALA A C   1 
ATOM   455  O O   . ALA A 1 73  ? -7.738  7.028   11.127  1.00 19.54 ? 123  ALA A O   1 
ATOM   456  C CB  . ALA A 1 73  ? -6.283  5.604   8.732   1.00 14.71 ? 123  ALA A CB  1 
ATOM   457  N N   . GLU A 1 74  ? -6.156  5.699   12.028  1.00 20.04 ? 124  GLU A N   1 
ATOM   458  C CA  . GLU A 1 74  ? -6.882  5.473   13.277  1.00 24.24 ? 124  GLU A CA  1 
ATOM   459  C C   . GLU A 1 74  ? -6.911  6.674   14.218  1.00 23.38 ? 124  GLU A C   1 
ATOM   460  O O   . GLU A 1 74  ? -7.863  6.846   14.979  1.00 24.23 ? 124  GLU A O   1 
ATOM   461  C CB  . GLU A 1 74  ? -6.279  4.283   14.025  1.00 27.70 ? 124  GLU A CB  1 
ATOM   462  C CG  . GLU A 1 74  ? -7.156  3.048   14.045  1.00 35.58 ? 124  GLU A CG  1 
ATOM   463  C CD  . GLU A 1 74  ? -7.172  2.318   12.722  1.00 38.57 ? 124  GLU A CD  1 
ATOM   464  O OE1 . GLU A 1 74  ? -7.530  2.941   11.701  1.00 42.30 ? 124  GLU A OE1 1 
ATOM   465  O OE2 . GLU A 1 74  ? -6.827  1.115   12.706  1.00 40.29 ? 124  GLU A OE2 1 
ATOM   466  N N   . SER A 1 75  ? -5.868  7.494   14.171  1.00 22.09 ? 125  SER A N   1 
ATOM   467  C CA  . SER A 1 75  ? -5.771  8.664   15.038  1.00 22.59 ? 125  SER A CA  1 
ATOM   468  C C   . SER A 1 75  ? -6.907  9.664   14.849  1.00 22.23 ? 125  SER A C   1 
ATOM   469  O O   . SER A 1 75  ? -7.336  9.930   13.728  1.00 21.47 ? 125  SER A O   1 
ATOM   470  C CB  . SER A 1 75  ? -4.431  9.372   14.813  1.00 22.45 ? 125  SER A CB  1 
ATOM   471  O OG  . SER A 1 75  ? -4.317  10.507  15.656  1.00 22.42 ? 125  SER A OG  1 
ATOM   472  N N   . ASP A 1 76  ? -7.387  10.220  15.957  1.00 23.63 ? 126  ASP A N   1 
ATOM   473  C CA  . ASP A 1 76  ? -8.464  11.202  15.912  1.00 25.43 ? 126  ASP A CA  1 
ATOM   474  C C   . ASP A 1 76  ? -7.887  12.612  15.746  1.00 24.00 ? 126  ASP A C   1 
ATOM   475  O O   . ASP A 1 76  ? -8.624  13.587  15.604  1.00 24.33 ? 126  ASP A O   1 
ATOM   476  C CB  . ASP A 1 76  ? -9.280  11.145  17.198  1.00 31.02 ? 126  ASP A CB  1 
ATOM   477  C CG  . ASP A 1 76  ? -8.496  11.629  18.393  1.00 35.93 ? 126  ASP A CG  1 
ATOM   478  O OD1 . ASP A 1 76  ? -7.411  11.069  18.658  1.00 39.94 ? 126  ASP A OD1 1 
ATOM   479  O OD2 . ASP A 1 76  ? -8.965  12.575  19.063  1.00 42.29 ? 126  ASP A OD2 1 
ATOM   480  N N   . SER A 1 77  ? -6.567  12.716  15.777  1.00 20.97 ? 127  SER A N   1 
ATOM   481  C CA  . SER A 1 77  ? -5.913  14.011  15.618  1.00 20.26 ? 127  SER A CA  1 
ATOM   482  C C   . SER A 1 77  ? -6.145  14.601  14.236  1.00 18.39 ? 127  SER A C   1 
ATOM   483  O O   . SER A 1 77  ? -6.230  13.876  13.247  1.00 16.93 ? 127  SER A O   1 
ATOM   484  C CB  . SER A 1 77  ? -4.408  13.875  15.839  1.00 20.16 ? 127  SER A CB  1 
ATOM   485  O OG  . SER A 1 77  ? -3.735  15.043  15.393  1.00 21.24 ? 127  SER A OG  1 
ATOM   486  N N   . THR A 1 78  ? -6.238  15.925  14.168  1.00 17.60 ? 128  THR A N   1 
ATOM   487  C CA  . THR A 1 78  ? -6.417  16.599  12.889  1.00 17.43 ? 128  THR A CA  1 
ATOM   488  C C   . THR A 1 78  ? -5.270  17.588  12.694  1.00 17.92 ? 128  THR A C   1 
ATOM   489  O O   . THR A 1 78  ? -5.312  18.434  11.810  1.00 17.85 ? 128  THR A O   1 
ATOM   490  C CB  . THR A 1 78  ? -7.751  17.367  12.832  1.00 19.58 ? 128  THR A CB  1 
ATOM   491  O OG1 . THR A 1 78  ? -7.782  18.354  13.871  1.00 20.93 ? 128  THR A OG1 1 
ATOM   492  C CG2 . THR A 1 78  ? -8.925  16.404  13.013  1.00 20.12 ? 128  THR A CG2 1 
ATOM   493  N N   . SER A 1 79  ? -4.236  17.459  13.518  1.00 16.26 ? 129  SER A N   1 
ATOM   494  C CA  . SER A 1 79  ? -3.093  18.361  13.446  1.00 16.71 ? 129  SER A CA  1 
ATOM   495  C C   . SER A 1 79  ? -1.836  17.744  12.835  1.00 14.72 ? 129  SER A C   1 
ATOM   496  O O   . SER A 1 79  ? -0.859  18.446  12.586  1.00 13.76 ? 129  SER A O   1 
ATOM   497  C CB  . SER A 1 79  ? -2.754  18.863  14.850  1.00 17.19 ? 129  SER A CB  1 
ATOM   498  O OG  . SER A 1 79  ? -2.272  17.792  15.643  1.00 19.99 ? 129  SER A OG  1 
ATOM   499  N N   . TRP A 1 80  ? -1.852  16.439  12.587  1.00 11.79 ? 130  TRP A N   1 
ATOM   500  C CA  . TRP A 1 80  ? -0.666  15.783  12.049  1.00 10.76 ? 130  TRP A CA  1 
ATOM   501  C C   . TRP A 1 80  ? -0.516  15.840  10.531  1.00 9.99  ? 130  TRP A C   1 
ATOM   502  O O   . TRP A 1 80  ? -1.493  15.976  9.794   1.00 10.52 ? 130  TRP A O   1 
ATOM   503  C CB  . TRP A 1 80  ? -0.633  14.307  12.479  1.00 10.82 ? 130  TRP A CB  1 
ATOM   504  C CG  . TRP A 1 80  ? -1.691  13.472  11.804  1.00 11.00 ? 130  TRP A CG  1 
ATOM   505  C CD1 . TRP A 1 80  ? -3.000  13.326  12.182  1.00 13.51 ? 130  TRP A CD1 1 
ATOM   506  C CD2 . TRP A 1 80  ? -1.536  12.713  10.601  1.00 10.81 ? 130  TRP A CD2 1 
ATOM   507  N NE1 . TRP A 1 80  ? -3.669  12.524  11.285  1.00 11.07 ? 130  TRP A NE1 1 
ATOM   508  C CE2 . TRP A 1 80  ? -2.794  12.132  10.305  1.00 11.30 ? 130  TRP A CE2 1 
ATOM   509  C CE3 . TRP A 1 80  ? -0.456  12.466  9.741   1.00 11.10 ? 130  TRP A CE3 1 
ATOM   510  C CZ2 . TRP A 1 80  ? -3.000  11.319  9.184   1.00 10.34 ? 130  TRP A CZ2 1 
ATOM   511  C CZ3 . TRP A 1 80  ? -0.662  11.657  8.625   1.00 11.27 ? 130  TRP A CZ3 1 
ATOM   512  C CH2 . TRP A 1 80  ? -1.925  11.093  8.358   1.00 9.69  ? 130  TRP A CH2 1 
ATOM   513  N N   . SER A 1 81  ? 0.727   15.742  10.081  1.00 10.61 ? 131  SER A N   1 
ATOM   514  C CA  . SER A 1 81  ? 1.033   15.695  8.656   1.00 11.19 ? 131  SER A CA  1 
ATOM   515  C C   . SER A 1 81  ? 2.380   15.017  8.484   1.00 12.15 ? 131  SER A C   1 
ATOM   516  O O   . SER A 1 81  ? 3.248   15.085  9.362   1.00 10.72 ? 131  SER A O   1 
ATOM   517  C CB  . SER A 1 81  ? 1.052   17.096  8.022   1.00 11.98 ? 131  SER A CB  1 
ATOM   518  O OG  . SER A 1 81  ? 2.118   17.893  8.504   1.00 13.17 ? 131  SER A OG  1 
ATOM   519  N N   . CYS A 1 82  ? 2.551   14.328  7.363   1.00 11.83 ? 132  CYS A N   1 
ATOM   520  C CA  . CYS A 1 82  ? 3.812   13.659  7.108   1.00 12.66 ? 132  CYS A CA  1 
ATOM   521  C C   . CYS A 1 82  ? 3.981   13.485  5.613   1.00 12.48 ? 132  CYS A C   1 
ATOM   522  O O   . CYS A 1 82  ? 3.134   12.889  4.946   1.00 11.75 ? 132  CYS A O   1 
ATOM   523  C CB  . CYS A 1 82  ? 3.852   12.296  7.795   1.00 12.44 ? 132  CYS A CB  1 
ATOM   524  S SG  . CYS A 1 82  ? 5.411   11.398  7.531   1.00 17.41 ? 132  CYS A SG  1 
ATOM   525  N N   . HIS A 1 83  ? 5.065   14.029  5.084   1.00 12.03 ? 133  HIS A N   1 
ATOM   526  C CA  . HIS A 1 83  ? 5.316   13.901  3.662   1.00 13.57 ? 133  HIS A CA  1 
ATOM   527  C C   . HIS A 1 83  ? 6.150   12.658  3.449   1.00 12.58 ? 133  HIS A C   1 
ATOM   528  O O   . HIS A 1 83  ? 7.104   12.405  4.184   1.00 12.66 ? 133  HIS A O   1 
ATOM   529  C CB  . HIS A 1 83  ? 6.045   15.123  3.115   1.00 17.77 ? 133  HIS A CB  1 
ATOM   530  C CG  . HIS A 1 83  ? 6.116   15.145  1.622   1.00 22.55 ? 133  HIS A CG  1 
ATOM   531  N ND1 . HIS A 1 83  ? 6.941   14.304  0.907   1.00 27.00 ? 133  HIS A ND1 1 
ATOM   532  C CD2 . HIS A 1 83  ? 5.422   15.860  0.708   1.00 25.10 ? 133  HIS A CD2 1 
ATOM   533  C CE1 . HIS A 1 83  ? 6.752   14.502  -0.385  1.00 26.89 ? 133  HIS A CE1 1 
ATOM   534  N NE2 . HIS A 1 83  ? 5.835   15.441  -0.534  1.00 27.87 ? 133  HIS A NE2 1 
ATOM   535  N N   . ALA A 1 84  ? 5.782   11.870  2.450   1.00 13.29 ? 134  ALA A N   1 
ATOM   536  C CA  . ALA A 1 84  ? 6.518   10.651  2.182   1.00 13.45 ? 134  ALA A CA  1 
ATOM   537  C C   . ALA A 1 84  ? 6.490   10.278  0.718   1.00 13.98 ? 134  ALA A C   1 
ATOM   538  O O   . ALA A 1 84  ? 5.630   10.724  -0.043  1.00 14.36 ? 134  ALA A O   1 
ATOM   539  C CB  . ALA A 1 84  ? 5.947   9.503   3.015   1.00 11.93 ? 134  ALA A CB  1 
ATOM   540  N N   . GLN A 1 85  ? 7.464   9.470   0.331   1.00 14.82 ? 135  GLN A N   1 
ATOM   541  C CA  . GLN A 1 85  ? 7.558   8.963   -1.026  1.00 16.46 ? 135  GLN A CA  1 
ATOM   542  C C   . GLN A 1 85  ? 7.560   7.457   -0.842  1.00 14.66 ? 135  GLN A C   1 
ATOM   543  O O   . GLN A 1 85  ? 8.038   6.950   0.179   1.00 14.27 ? 135  GLN A O   1 
ATOM   544  C CB  . GLN A 1 85  ? 8.860   9.403   -1.697  1.00 18.99 ? 135  GLN A CB  1 
ATOM   545  C CG  . GLN A 1 85  ? 8.928   10.890  -2.002  1.00 27.14 ? 135  GLN A CG  1 
ATOM   546  C CD  . GLN A 1 85  ? 10.070  11.231  -2.939  1.00 31.89 ? 135  GLN A CD  1 
ATOM   547  O OE1 . GLN A 1 85  ? 11.242  11.039  -2.609  1.00 33.42 ? 135  GLN A OE1 1 
ATOM   548  N NE2 . GLN A 1 85  ? 9.731   11.732  -4.125  1.00 34.56 ? 135  GLN A NE2 1 
ATOM   549  N N   . ALA A 1 86  ? 7.014   6.734   -1.805  1.00 11.39 ? 136  ALA A N   1 
ATOM   550  C CA  . ALA A 1 86  ? 6.989   5.292   -1.671  1.00 12.55 ? 136  ALA A CA  1 
ATOM   551  C C   . ALA A 1 86  ? 6.911   4.588   -3.003  1.00 12.09 ? 136  ALA A C   1 
ATOM   552  O O   . ALA A 1 86  ? 6.542   5.175   -4.017  1.00 14.31 ? 136  ALA A O   1 
ATOM   553  C CB  . ALA A 1 86  ? 5.809   4.869   -0.792  1.00 8.53  ? 136  ALA A CB  1 
ATOM   554  N N   . VAL A 1 87  ? 7.283   3.319   -2.984  1.00 11.70 ? 137  VAL A N   1 
ATOM   555  C CA  . VAL A 1 87  ? 7.219   2.485   -4.162  1.00 13.94 ? 137  VAL A CA  1 
ATOM   556  C C   . VAL A 1 87  ? 6.219   1.390   -3.819  1.00 13.52 ? 137  VAL A C   1 
ATOM   557  O O   . VAL A 1 87  ? 6.420   0.636   -2.866  1.00 14.35 ? 137  VAL A O   1 
ATOM   558  C CB  . VAL A 1 87  ? 8.574   1.835   -4.477  1.00 15.16 ? 137  VAL A CB  1 
ATOM   559  C CG1 . VAL A 1 87  ? 8.430   0.904   -5.682  1.00 17.28 ? 137  VAL A CG1 1 
ATOM   560  C CG2 . VAL A 1 87  ? 9.623   2.916   -4.739  1.00 16.98 ? 137  VAL A CG2 1 
ATOM   561  N N   . LEU A 1 88  ? 5.125   1.340   -4.567  1.00 12.59 ? 138  LEU A N   1 
ATOM   562  C CA  . LEU A 1 88  ? 4.102   0.325   -4.363  1.00 12.16 ? 138  LEU A CA  1 
ATOM   563  C C   . LEU A 1 88  ? 4.369   -0.744  -5.399  1.00 12.91 ? 138  LEU A C   1 
ATOM   564  O O   . LEU A 1 88  ? 4.445   -0.450  -6.593  1.00 12.66 ? 138  LEU A O   1 
ATOM   565  C CB  . LEU A 1 88  ? 2.716   0.916   -4.571  1.00 12.06 ? 138  LEU A CB  1 
ATOM   566  C CG  . LEU A 1 88  ? 2.132   1.621   -3.344  1.00 14.21 ? 138  LEU A CG  1 
ATOM   567  C CD1 . LEU A 1 88  ? 3.159   2.564   -2.720  1.00 12.10 ? 138  LEU A CD1 1 
ATOM   568  C CD2 . LEU A 1 88  ? 0.879   2.363   -3.763  1.00 14.30 ? 138  LEU A CD2 1 
ATOM   569  N N   . LYS A 1 89  ? 4.510   -1.980  -4.941  1.00 11.82 ? 139  LYS A N   1 
ATOM   570  C CA  . LYS A 1 89  ? 4.818   -3.073  -5.848  1.00 13.99 ? 139  LYS A CA  1 
ATOM   571  C C   . LYS A 1 89  ? 4.052   -4.362  -5.595  1.00 13.56 ? 139  LYS A C   1 
ATOM   572  O O   . LYS A 1 89  ? 3.777   -4.725  -4.448  1.00 11.94 ? 139  LYS A O   1 
ATOM   573  C CB  . LYS A 1 89  ? 6.323   -3.356  -5.786  1.00 18.32 ? 139  LYS A CB  1 
ATOM   574  C CG  . LYS A 1 89  ? 6.769   -4.611  -6.517  1.00 21.63 ? 139  LYS A CG  1 
ATOM   575  C CD  . LYS A 1 89  ? 8.280   -4.632  -6.714  1.00 27.00 ? 139  LYS A CD  1 
ATOM   576  C CE  . LYS A 1 89  ? 9.028   -4.580  -5.400  1.00 29.91 ? 139  LYS A CE  1 
ATOM   577  N NZ  . LYS A 1 89  ? 10.505  -4.519  -5.624  1.00 35.11 ? 139  LYS A NZ  1 
ATOM   578  N N   . ILE A 1 90  ? 3.689   -5.037  -6.680  1.00 13.41 ? 140  ILE A N   1 
ATOM   579  C CA  . ILE A 1 90  ? 3.017   -6.321  -6.574  1.00 13.48 ? 140  ILE A CA  1 
ATOM   580  C C   . ILE A 1 90  ? 4.093   -7.317  -6.992  1.00 14.34 ? 140  ILE A C   1 
ATOM   581  O O   . ILE A 1 90  ? 4.585   -7.292  -8.127  1.00 13.28 ? 140  ILE A O   1 
ATOM   582  C CB  . ILE A 1 90  ? 1.788   -6.422  -7.498  1.00 12.37 ? 140  ILE A CB  1 
ATOM   583  C CG1 . ILE A 1 90  ? 0.736   -5.398  -7.061  1.00 14.17 ? 140  ILE A CG1 1 
ATOM   584  C CG2 . ILE A 1 90  ? 1.194   -7.831  -7.415  1.00 11.72 ? 140  ILE A CG2 1 
ATOM   585  C CD1 . ILE A 1 90  ? -0.589  -5.486  -7.817  1.00 15.48 ? 140  ILE A CD1 1 
ATOM   586  N N   . ILE A 1 91  ? 4.472   -8.170  -6.050  1.00 14.74 ? 141  ILE A N   1 
ATOM   587  C CA  . ILE A 1 91  ? 5.523   -9.156  -6.250  1.00 14.62 ? 141  ILE A CA  1 
ATOM   588  C C   . ILE A 1 91  ? 5.201   -10.251 -7.255  1.00 14.70 ? 141  ILE A C   1 
ATOM   589  O O   . ILE A 1 91  ? 4.111   -10.817 -7.246  1.00 14.00 ? 141  ILE A O   1 
ATOM   590  C CB  . ILE A 1 91  ? 5.882   -9.852  -4.918  1.00 15.67 ? 141  ILE A CB  1 
ATOM   591  C CG1 . ILE A 1 91  ? 6.368   -8.820  -3.895  1.00 16.40 ? 141  ILE A CG1 1 
ATOM   592  C CG2 . ILE A 1 91  ? 6.931   -10.934 -5.159  1.00 17.62 ? 141  ILE A CG2 1 
ATOM   593  C CD1 . ILE A 1 91  ? 7.587   -8.031  -4.329  1.00 17.95 ? 141  ILE A CD1 1 
ATOM   594  N N   . ASN A 1 92  ? 6.154   -10.537 -8.129  1.00 15.25 ? 142  ASN A N   1 
ATOM   595  C CA  . ASN A 1 92  ? 5.988   -11.621 -9.086  1.00 16.25 ? 142  ASN A CA  1 
ATOM   596  C C   . ASN A 1 92  ? 6.843   -12.714 -8.459  1.00 17.95 ? 142  ASN A C   1 
ATOM   597  O O   . ASN A 1 92  ? 8.064   -12.567 -8.346  1.00 18.43 ? 142  ASN A O   1 
ATOM   598  C CB  . ASN A 1 92  ? 6.522   -11.229 -10.463 1.00 15.00 ? 142  ASN A CB  1 
ATOM   599  C CG  . ASN A 1 92  ? 6.211   -12.271 -11.513 1.00 15.44 ? 142  ASN A CG  1 
ATOM   600  O OD1 . ASN A 1 92  ? 6.732   -13.383 -11.466 1.00 14.27 ? 142  ASN A OD1 1 
ATOM   601  N ND2 . ASN A 1 92  ? 5.340   -11.925 -12.455 1.00 14.37 ? 142  ASN A ND2 1 
ATOM   602  N N   . TYR A 1 93  ? 6.206   -13.798 -8.031  1.00 20.24 ? 143  TYR A N   1 
ATOM   603  C CA  . TYR A 1 93  ? 6.928   -14.871 -7.356  1.00 24.92 ? 143  TYR A CA  1 
ATOM   604  C C   . TYR A 1 93  ? 7.839   -15.700 -8.252  1.00 25.53 ? 143  TYR A C   1 
ATOM   605  O O   . TYR A 1 93  ? 8.730   -16.387 -7.760  1.00 25.64 ? 143  TYR A O   1 
ATOM   606  C CB  . TYR A 1 93  ? 5.940   -15.775 -6.599  1.00 28.30 ? 143  TYR A CB  1 
ATOM   607  C CG  . TYR A 1 93  ? 5.276   -16.868 -7.414  1.00 34.41 ? 143  TYR A CG  1 
ATOM   608  C CD1 . TYR A 1 93  ? 5.917   -18.089 -7.635  1.00 37.82 ? 143  TYR A CD1 1 
ATOM   609  C CD2 . TYR A 1 93  ? 4.000   -16.690 -7.949  1.00 37.53 ? 143  TYR A CD2 1 
ATOM   610  C CE1 . TYR A 1 93  ? 5.305   -19.109 -8.365  1.00 40.25 ? 143  TYR A CE1 1 
ATOM   611  C CE2 . TYR A 1 93  ? 3.378   -17.703 -8.685  1.00 39.94 ? 143  TYR A CE2 1 
ATOM   612  C CZ  . TYR A 1 93  ? 4.037   -18.907 -8.887  1.00 41.07 ? 143  TYR A CZ  1 
ATOM   613  O OH  . TYR A 1 93  ? 3.429   -19.909 -9.607  1.00 43.82 ? 143  TYR A OH  1 
ATOM   614  N N   . ARG A 1 94  ? 7.630   -15.621 -9.560  1.00 25.74 ? 144  ARG A N   1 
ATOM   615  C CA  . ARG A 1 94  ? 8.448   -16.379 -10.501 1.00 28.39 ? 144  ARG A CA  1 
ATOM   616  C C   . ARG A 1 94  ? 9.714   -15.637 -10.919 1.00 29.65 ? 144  ARG A C   1 
ATOM   617  O O   . ARG A 1 94  ? 10.701  -16.261 -11.311 1.00 30.84 ? 144  ARG A O   1 
ATOM   618  C CB  . ARG A 1 94  ? 7.633   -16.723 -11.744 1.00 27.43 ? 144  ARG A CB  1 
ATOM   619  C CG  . ARG A 1 94  ? 6.440   -17.611 -11.464 1.00 29.12 ? 144  ARG A CG  1 
ATOM   620  C CD  . ARG A 1 94  ? 5.724   -17.976 -12.743 1.00 28.12 ? 144  ARG A CD  1 
ATOM   621  N NE  . ARG A 1 94  ? 4.624   -18.896 -12.488 1.00 30.10 ? 144  ARG A NE  1 
ATOM   622  C CZ  . ARG A 1 94  ? 3.805   -19.357 -13.425 1.00 31.38 ? 144  ARG A CZ  1 
ATOM   623  N NH1 . ARG A 1 94  ? 3.961   -18.985 -14.688 1.00 31.39 ? 144  ARG A NH1 1 
ATOM   624  N NH2 . ARG A 1 94  ? 2.834   -20.195 -13.097 1.00 33.54 ? 144  ARG A NH2 1 
ATOM   625  N N   . ASP A 1 95  ? 9.688   -14.311 -10.833 1.00 30.16 ? 145  ASP A N   1 
ATOM   626  C CA  . ASP A 1 95  ? 10.837  -13.495 -11.222 1.00 30.70 ? 145  ASP A CA  1 
ATOM   627  C C   . ASP A 1 95  ? 10.668  -12.077 -10.688 1.00 30.76 ? 145  ASP A C   1 
ATOM   628  O O   . ASP A 1 95  ? 9.876   -11.297 -11.220 1.00 29.10 ? 145  ASP A O   1 
ATOM   629  C CB  . ASP A 1 95  ? 10.951  -13.468 -12.749 1.00 31.67 ? 145  ASP A CB  1 
ATOM   630  C CG  . ASP A 1 95  ? 12.169  -12.705 -13.236 1.00 33.66 ? 145  ASP A CG  1 
ATOM   631  O OD1 . ASP A 1 95  ? 12.376  -12.658 -14.467 1.00 35.88 ? 145  ASP A OD1 1 
ATOM   632  O OD2 . ASP A 1 95  ? 12.917  -12.155 -12.399 1.00 34.25 ? 145  ASP A OD2 1 
ATOM   633  N N   . ASP A 1 96  ? 11.417  -11.741 -9.645  1.00 32.04 ? 146  ASP A N   1 
ATOM   634  C CA  . ASP A 1 96  ? 11.317  -10.420 -9.037  1.00 34.80 ? 146  ASP A CA  1 
ATOM   635  C C   . ASP A 1 96  ? 11.463  -9.275  -10.034 1.00 34.77 ? 146  ASP A C   1 
ATOM   636  O O   . ASP A 1 96  ? 10.924  -8.193  -9.818  1.00 34.96 ? 146  ASP A O   1 
ATOM   637  C CB  . ASP A 1 96  ? 12.361  -10.255 -7.931  1.00 38.49 ? 146  ASP A CB  1 
ATOM   638  C CG  . ASP A 1 96  ? 12.106  -9.025  -7.069  1.00 42.16 ? 146  ASP A CG  1 
ATOM   639  O OD1 . ASP A 1 96  ? 13.004  -8.650  -6.285  1.00 45.60 ? 146  ASP A OD1 1 
ATOM   640  O OD2 . ASP A 1 96  ? 11.004  -8.437  -7.165  1.00 42.33 ? 146  ASP A OD2 1 
ATOM   641  N N   . GLU A 1 97  ? 12.188  -9.502  -11.125 1.00 34.62 ? 147  GLU A N   1 
ATOM   642  C CA  . GLU A 1 97  ? 12.368  -8.444  -12.112 1.00 33.34 ? 147  GLU A CA  1 
ATOM   643  C C   . GLU A 1 97  ? 11.067  -8.159  -12.857 1.00 31.08 ? 147  GLU A C   1 
ATOM   644  O O   . GLU A 1 97  ? 10.932  -7.127  -13.514 1.00 31.32 ? 147  GLU A O   1 
ATOM   645  C CB  . GLU A 1 97  ? 13.481  -8.816  -13.099 1.00 37.51 ? 147  GLU A CB  1 
ATOM   646  C CG  . GLU A 1 97  ? 14.805  -9.149  -12.426 1.00 42.41 ? 147  GLU A CG  1 
ATOM   647  C CD  . GLU A 1 97  ? 15.980  -9.149  -13.390 1.00 46.91 ? 147  GLU A CD  1 
ATOM   648  O OE1 . GLU A 1 97  ? 15.885  -9.794  -14.458 1.00 48.04 ? 147  GLU A OE1 1 
ATOM   649  O OE2 . GLU A 1 97  ? 17.005  -8.503  -13.073 1.00 48.65 ? 147  GLU A OE2 1 
ATOM   650  N N   . LYS A 1 98  ? 10.110  -9.075  -12.741 1.00 27.39 ? 148  LYS A N   1 
ATOM   651  C CA  . LYS A 1 98  ? 8.813   -8.925  -13.390 1.00 24.60 ? 148  LYS A CA  1 
ATOM   652  C C   . LYS A 1 98  ? 7.789   -8.317  -12.430 1.00 22.70 ? 148  LYS A C   1 
ATOM   653  O O   . LYS A 1 98  ? 6.627   -8.128  -12.785 1.00 20.95 ? 148  LYS A O   1 
ATOM   654  C CB  . LYS A 1 98  ? 8.303   -10.282 -13.886 1.00 26.28 ? 148  LYS A CB  1 
ATOM   655  C CG  . LYS A 1 98  ? 9.130   -10.898 -15.015 1.00 29.28 ? 148  LYS A CG  1 
ATOM   656  C CD  . LYS A 1 98  ? 9.033   -10.079 -16.290 1.00 32.15 ? 148  LYS A CD  1 
ATOM   657  C CE  . LYS A 1 98  ? 9.725   -10.777 -17.463 1.00 34.35 ? 148  LYS A CE  1 
ATOM   658  N NZ  . LYS A 1 98  ? 9.155   -12.131 -17.734 1.00 34.26 ? 148  LYS A NZ  1 
ATOM   659  N N   . SER A 1 99  ? 8.215   -8.034  -11.206 1.00 20.59 ? 149  SER A N   1 
ATOM   660  C CA  . SER A 1 99  ? 7.314   -7.425  -10.236 1.00 21.43 ? 149  SER A CA  1 
ATOM   661  C C   . SER A 1 99  ? 6.901   -6.075  -10.813 1.00 22.13 ? 149  SER A C   1 
ATOM   662  O O   . SER A 1 99  ? 7.700   -5.404  -11.465 1.00 22.15 ? 149  SER A O   1 
ATOM   663  C CB  . SER A 1 99  ? 8.027   -7.243  -8.900  1.00 20.27 ? 149  SER A CB  1 
ATOM   664  O OG  . SER A 1 99  ? 8.359   -8.504  -8.348  1.00 20.01 ? 149  SER A OG  1 
ATOM   665  N N   . PHE A 1 100 ? 5.651   -5.680  -10.602 1.00 21.32 ? 150  PHE A N   1 
ATOM   666  C CA  . PHE A 1 100 ? 5.183   -4.412  -11.139 1.00 21.04 ? 150  PHE A CA  1 
ATOM   667  C C   . PHE A 1 100 ? 5.097   -3.352  -10.054 1.00 20.92 ? 150  PHE A C   1 
ATOM   668  O O   . PHE A 1 100 ? 4.480   -3.576  -9.011  1.00 17.43 ? 150  PHE A O   1 
ATOM   669  C CB  . PHE A 1 100 ? 3.814   -4.584  -11.793 1.00 23.87 ? 150  PHE A CB  1 
ATOM   670  C CG  . PHE A 1 100 ? 3.306   -3.335  -12.448 1.00 28.05 ? 150  PHE A CG  1 
ATOM   671  C CD1 . PHE A 1 100 ? 3.985   -2.778  -13.528 1.00 31.52 ? 150  PHE A CD1 1 
ATOM   672  C CD2 . PHE A 1 100 ? 2.172   -2.694  -11.967 1.00 29.22 ? 150  PHE A CD2 1 
ATOM   673  C CE1 . PHE A 1 100 ? 3.539   -1.598  -14.122 1.00 33.06 ? 150  PHE A CE1 1 
ATOM   674  C CE2 . PHE A 1 100 ? 1.716   -1.515  -12.551 1.00 30.77 ? 150  PHE A CE2 1 
ATOM   675  C CZ  . PHE A 1 100 ? 2.400   -0.965  -13.630 1.00 32.86 ? 150  PHE A CZ  1 
ATOM   676  N N   . SER A 1 101 ? 5.703   -2.193  -10.305 1.00 19.60 ? 151  SER A N   1 
ATOM   677  C CA  . SER A 1 101 ? 5.691   -1.122  -9.316  1.00 20.37 ? 151  SER A CA  1 
ATOM   678  C C   . SER A 1 101 ? 5.409   0.271   -9.868  1.00 20.03 ? 151  SER A C   1 
ATOM   679  O O   . SER A 1 101 ? 5.632   0.555   -11.046 1.00 18.44 ? 151  SER A O   1 
ATOM   680  C CB  . SER A 1 101 ? 7.022   -1.093  -8.569  1.00 22.38 ? 151  SER A CB  1 
ATOM   681  O OG  . SER A 1 101 ? 8.085   -0.771  -9.447  1.00 27.44 ? 151  SER A OG  1 
ATOM   682  N N   . ARG A 1 102 ? 4.902   1.128   -8.988  1.00 17.12 ? 152  ARG A N   1 
ATOM   683  C CA  . ARG A 1 102 ? 4.592   2.513   -9.309  1.00 17.66 ? 152  ARG A CA  1 
ATOM   684  C C   . ARG A 1 102 ? 5.040   3.313   -8.092  1.00 19.84 ? 152  ARG A C   1 
ATOM   685  O O   . ARG A 1 102 ? 5.007   2.818   -6.961  1.00 18.00 ? 152  ARG A O   1 
ATOM   686  C CB  . ARG A 1 102 ? 3.089   2.717   -9.527  1.00 17.73 ? 152  ARG A CB  1 
ATOM   687  C CG  . ARG A 1 102 ? 2.490   1.999   -10.731 1.00 18.27 ? 152  ARG A CG  1 
ATOM   688  C CD  . ARG A 1 102 ? 1.004   2.331   -10.834 1.00 21.81 ? 152  ARG A CD  1 
ATOM   689  N NE  . ARG A 1 102 ? 0.299   1.581   -11.870 1.00 24.89 ? 152  ARG A NE  1 
ATOM   690  C CZ  . ARG A 1 102 ? 0.393   1.820   -13.175 1.00 26.61 ? 152  ARG A CZ  1 
ATOM   691  N NH1 . ARG A 1 102 ? 1.170   2.799   -13.621 1.00 24.67 ? 152  ARG A NH1 1 
ATOM   692  N NH2 . ARG A 1 102 ? -0.298  1.081   -14.037 1.00 24.23 ? 152  ARG A NH2 1 
ATOM   693  N N   . ARG A 1 103 ? 5.453   4.549   -8.320  1.00 19.87 ? 153  ARG A N   1 
ATOM   694  C CA  . ARG A 1 103 ? 5.925   5.398   -7.239  1.00 19.63 ? 153  ARG A CA  1 
ATOM   695  C C   . ARG A 1 103 ? 4.930   6.499   -6.913  1.00 18.04 ? 153  ARG A C   1 
ATOM   696  O O   . ARG A 1 103 ? 4.161   6.930   -7.774  1.00 16.88 ? 153  ARG A O   1 
ATOM   697  C CB  . ARG A 1 103 ? 7.270   6.007   -7.637  1.00 24.57 ? 153  ARG A CB  1 
ATOM   698  C CG  . ARG A 1 103 ? 7.243   6.625   -9.025  1.00 32.14 ? 153  ARG A CG  1 
ATOM   699  C CD  . ARG A 1 103 ? 8.635   6.781   -9.623  1.00 38.30 ? 153  ARG A CD  1 
ATOM   700  N NE  . ARG A 1 103 ? 8.576   7.282   -10.997 1.00 43.47 ? 153  ARG A NE  1 
ATOM   701  C CZ  . ARG A 1 103 ? 7.977   6.648   -12.004 1.00 45.33 ? 153  ARG A CZ  1 
ATOM   702  N NH1 . ARG A 1 103 ? 7.380   5.478   -11.802 1.00 45.50 ? 153  ARG A NH1 1 
ATOM   703  N NH2 . ARG A 1 103 ? 7.969   7.189   -13.216 1.00 46.19 ? 153  ARG A NH2 1 
ATOM   704  N N   . ILE A 1 104 ? 4.940   6.940   -5.658  1.00 15.31 ? 154  ILE A N   1 
ATOM   705  C CA  . ILE A 1 104 ? 4.065   8.018   -5.215  1.00 15.88 ? 154  ILE A CA  1 
ATOM   706  C C   . ILE A 1 104 ? 4.846   8.969   -4.318  1.00 14.63 ? 154  ILE A C   1 
ATOM   707  O O   . ILE A 1 104 ? 5.902   8.624   -3.781  1.00 13.49 ? 154  ILE A O   1 
ATOM   708  C CB  . ILE A 1 104 ? 2.848   7.500   -4.408  1.00 16.58 ? 154  ILE A CB  1 
ATOM   709  C CG1 . ILE A 1 104 ? 3.327   6.659   -3.221  1.00 15.76 ? 154  ILE A CG1 1 
ATOM   710  C CG2 . ILE A 1 104 ? 1.919   6.704   -5.309  1.00 16.67 ? 154  ILE A CG2 1 
ATOM   711  C CD1 . ILE A 1 104 ? 2.202   6.214   -2.290  1.00 15.73 ? 154  ILE A CD1 1 
ATOM   712  N N   . SER A 1 105 ? 4.316   10.176  -4.182  1.00 16.49 ? 155  SER A N   1 
ATOM   713  C CA  . SER A 1 105 ? 4.898   11.215  -3.342  1.00 16.82 ? 155  SER A CA  1 
ATOM   714  C C   . SER A 1 105 ? 3.656   11.943  -2.855  1.00 16.01 ? 155  SER A C   1 
ATOM   715  O O   . SER A 1 105 ? 2.849   12.409  -3.666  1.00 16.59 ? 155  SER A O   1 
ATOM   716  C CB  . SER A 1 105 ? 5.786   12.143  -4.174  1.00 19.93 ? 155  SER A CB  1 
ATOM   717  O OG  . SER A 1 105 ? 6.351   13.156  -3.360  1.00 21.86 ? 155  SER A OG  1 
ATOM   718  N N   . HIS A 1 106 ? 3.493   12.051  -1.543  1.00 13.70 ? 156  HIS A N   1 
ATOM   719  C CA  . HIS A 1 106 ? 2.284   12.660  -1.021  1.00 12.38 ? 156  HIS A CA  1 
ATOM   720  C C   . HIS A 1 106 ? 2.431   13.199  0.395   1.00 11.75 ? 156  HIS A C   1 
ATOM   721  O O   . HIS A 1 106 ? 3.197   12.660  1.201   1.00 10.83 ? 156  HIS A O   1 
ATOM   722  C CB  . HIS A 1 106 ? 1.178   11.595  -1.060  1.00 10.43 ? 156  HIS A CB  1 
ATOM   723  C CG  . HIS A 1 106 ? -0.126  12.025  -0.466  1.00 12.61 ? 156  HIS A CG  1 
ATOM   724  N ND1 . HIS A 1 106 ? -0.927  12.991  -1.037  1.00 12.73 ? 156  HIS A ND1 1 
ATOM   725  C CD2 . HIS A 1 106 ? -0.797  11.576  0.623   1.00 12.43 ? 156  HIS A CD2 1 
ATOM   726  C CE1 . HIS A 1 106 ? -2.033  13.118  -0.328  1.00 14.42 ? 156  HIS A CE1 1 
ATOM   727  N NE2 . HIS A 1 106 ? -1.980  12.269  0.683   1.00 14.07 ? 156  HIS A NE2 1 
ATOM   728  N N   . LEU A 1 107 ? 1.700   14.272  0.680   1.00 10.79 ? 157  LEU A N   1 
ATOM   729  C CA  . LEU A 1 107 ? 1.693   14.856  2.018   1.00 12.02 ? 157  LEU A CA  1 
ATOM   730  C C   . LEU A 1 107 ? 0.471   14.234  2.689   1.00 10.38 ? 157  LEU A C   1 
ATOM   731  O O   . LEU A 1 107 ? -0.678  14.559  2.356   1.00 9.13  ? 157  LEU A O   1 
ATOM   732  C CB  . LEU A 1 107 ? 1.555   16.383  1.947   1.00 13.99 ? 157  LEU A CB  1 
ATOM   733  C CG  . LEU A 1 107 ? 1.541   17.207  3.244   1.00 15.19 ? 157  LEU A CG  1 
ATOM   734  C CD1 . LEU A 1 107 ? 0.225   17.016  3.969   1.00 18.00 ? 157  LEU A CD1 1 
ATOM   735  C CD2 . LEU A 1 107 ? 2.721   16.820  4.139   1.00 15.58 ? 157  LEU A CD2 1 
ATOM   736  N N   . PHE A 1 108 ? 0.717   13.314  3.608   1.00 8.23  ? 158  PHE A N   1 
ATOM   737  C CA  . PHE A 1 108 ? -0.371  12.646  4.308   1.00 9.98  ? 158  PHE A CA  1 
ATOM   738  C C   . PHE A 1 108 ? -0.866  13.485  5.486   1.00 9.85  ? 158  PHE A C   1 
ATOM   739  O O   . PHE A 1 108 ? -0.066  14.079  6.208   1.00 7.59  ? 158  PHE A O   1 
ATOM   740  C CB  . PHE A 1 108 ? 0.084   11.278  4.854   1.00 9.34  ? 158  PHE A CB  1 
ATOM   741  C CG  . PHE A 1 108 ? 0.400   10.259  3.789   1.00 9.37  ? 158  PHE A CG  1 
ATOM   742  C CD1 . PHE A 1 108 ? 1.585   10.325  3.070   1.00 7.42  ? 158  PHE A CD1 1 
ATOM   743  C CD2 . PHE A 1 108 ? -0.507  9.244   3.495   1.00 9.08  ? 158  PHE A CD2 1 
ATOM   744  C CE1 . PHE A 1 108 ? 1.870   9.392   2.066   1.00 8.55  ? 158  PHE A CE1 1 
ATOM   745  C CE2 . PHE A 1 108 ? -0.237  8.305   2.493   1.00 11.74 ? 158  PHE A CE2 1 
ATOM   746  C CZ  . PHE A 1 108 ? 0.952   8.379   1.778   1.00 7.95  ? 158  PHE A CZ  1 
ATOM   747  N N   . PHE A 1 109 ? -2.184  13.550  5.651   1.00 9.25  ? 159  PHE A N   1 
ATOM   748  C CA  . PHE A 1 109 ? -2.796  14.233  6.788   1.00 10.68 ? 159  PHE A CA  1 
ATOM   749  C C   . PHE A 1 109 ? -4.207  13.668  6.952   1.00 11.86 ? 159  PHE A C   1 
ATOM   750  O O   . PHE A 1 109 ? -4.631  12.845  6.135   1.00 9.81  ? 159  PHE A O   1 
ATOM   751  C CB  . PHE A 1 109 ? -2.759  15.778  6.666   1.00 10.73 ? 159  PHE A CB  1 
ATOM   752  C CG  . PHE A 1 109 ? -3.643  16.361  5.599   1.00 11.21 ? 159  PHE A CG  1 
ATOM   753  C CD1 . PHE A 1 109 ? -3.306  16.256  4.254   1.00 12.77 ? 159  PHE A CD1 1 
ATOM   754  C CD2 . PHE A 1 109 ? -4.788  17.072  5.952   1.00 12.73 ? 159  PHE A CD2 1 
ATOM   755  C CE1 . PHE A 1 109 ? -4.095  16.858  3.271   1.00 13.33 ? 159  PHE A CE1 1 
ATOM   756  C CE2 . PHE A 1 109 ? -5.586  17.680  4.976   1.00 13.91 ? 159  PHE A CE2 1 
ATOM   757  C CZ  . PHE A 1 109 ? -5.235  17.571  3.635   1.00 13.51 ? 159  PHE A CZ  1 
ATOM   758  N N   . HIS A 1 110 ? -4.925  14.082  7.997   1.00 11.27 ? 160  HIS A N   1 
ATOM   759  C CA  . HIS A 1 110 ? -6.239  13.502  8.269   1.00 14.35 ? 160  HIS A CA  1 
ATOM   760  C C   . HIS A 1 110 ? -7.272  13.460  7.145   1.00 14.93 ? 160  HIS A C   1 
ATOM   761  O O   . HIS A 1 110 ? -8.053  12.513  7.074   1.00 15.52 ? 160  HIS A O   1 
ATOM   762  C CB  . HIS A 1 110 ? -6.861  14.117  9.538   1.00 16.19 ? 160  HIS A CB  1 
ATOM   763  C CG  . HIS A 1 110 ? -7.409  15.499  9.354   1.00 21.25 ? 160  HIS A CG  1 
ATOM   764  N ND1 . HIS A 1 110 ? -6.609  16.592  9.104   1.00 23.37 ? 160  HIS A ND1 1 
ATOM   765  C CD2 . HIS A 1 110 ? -8.679  15.967  9.413   1.00 25.18 ? 160  HIS A CD2 1 
ATOM   766  C CE1 . HIS A 1 110 ? -7.361  17.676  9.015   1.00 25.46 ? 160  HIS A CE1 1 
ATOM   767  N NE2 . HIS A 1 110 ? -8.620  17.324  9.200   1.00 25.74 ? 160  HIS A NE2 1 
ATOM   768  N N   . LYS A 1 111 ? -7.274  14.455  6.262   1.00 15.71 ? 161  LYS A N   1 
ATOM   769  C CA  . LYS A 1 111 ? -8.226  14.484  5.153   1.00 17.91 ? 161  LYS A CA  1 
ATOM   770  C C   . LYS A 1 111 ? -7.737  13.713  3.921   1.00 17.91 ? 161  LYS A C   1 
ATOM   771  O O   . LYS A 1 111 ? -8.526  13.375  3.039   1.00 18.18 ? 161  LYS A O   1 
ATOM   772  C CB  . LYS A 1 111 ? -8.537  15.927  4.760   1.00 21.38 ? 161  LYS A CB  1 
ATOM   773  C CG  . LYS A 1 111 ? -9.321  16.698  5.810   1.00 25.68 ? 161  LYS A CG  1 
ATOM   774  C CD  . LYS A 1 111 ? -9.605  18.115  5.336   1.00 30.58 ? 161  LYS A CD  1 
ATOM   775  C CE  . LYS A 1 111 ? -10.490 18.870  6.318   1.00 33.37 ? 161  LYS A CE  1 
ATOM   776  N NZ  . LYS A 1 111 ? -10.838 20.228  5.804   1.00 36.75 ? 161  LYS A NZ  1 
ATOM   777  N N   . GLU A 1 112 ? -6.433  13.464  3.851   1.00 15.81 ? 162  GLU A N   1 
ATOM   778  C CA  . GLU A 1 112 ? -5.843  12.707  2.750   1.00 13.93 ? 162  GLU A CA  1 
ATOM   779  C C   . GLU A 1 112 ? -4.870  11.733  3.406   1.00 12.36 ? 162  GLU A C   1 
ATOM   780  O O   . GLU A 1 112 ? -3.651  11.844  3.245   1.00 10.09 ? 162  GLU A O   1 
ATOM   781  C CB  . GLU A 1 112 ? -5.116  13.645  1.765   1.00 15.70 ? 162  GLU A CB  1 
ATOM   782  C CG  . GLU A 1 112 ? -6.076  14.577  1.012   1.00 20.16 ? 162  GLU A CG  1 
ATOM   783  C CD  . GLU A 1 112 ? -5.440  15.346  -0.147  1.00 24.92 ? 162  GLU A CD  1 
ATOM   784  O OE1 . GLU A 1 112 ? -6.208  15.864  -0.987  1.00 27.72 ? 162  GLU A OE1 1 
ATOM   785  O OE2 . GLU A 1 112 ? -4.195  15.449  -0.224  1.00 24.06 ? 162  GLU A OE2 1 
ATOM   786  N N   . ASN A 1 113 ? -5.416  10.772  4.153   1.00 10.01 ? 163  ASN A N   1 
ATOM   787  C CA  . ASN A 1 113 ? -4.570  9.826   4.869   1.00 11.14 ? 163  ASN A CA  1 
ATOM   788  C C   . ASN A 1 113 ? -4.132  8.591   4.097   1.00 11.74 ? 163  ASN A C   1 
ATOM   789  O O   . ASN A 1 113 ? -3.416  7.746   4.638   1.00 11.37 ? 163  ASN A O   1 
ATOM   790  C CB  . ASN A 1 113 ? -5.221  9.410   6.196   1.00 11.67 ? 163  ASN A CB  1 
ATOM   791  C CG  . ASN A 1 113 ? -6.490  8.610   6.009   1.00 14.05 ? 163  ASN A CG  1 
ATOM   792  O OD1 . ASN A 1 113 ? -6.671  7.928   5.004   1.00 14.07 ? 163  ASN A OD1 1 
ATOM   793  N ND2 . ASN A 1 113 ? -7.371  8.669   7.003   1.00 14.51 ? 163  ASN A ND2 1 
ATOM   794  N N   . ASP A 1 114 ? -4.564  8.469   2.846   1.00 12.97 ? 164  ASP A N   1 
ATOM   795  C CA  . ASP A 1 114 ? -4.132  7.341   2.025   1.00 15.45 ? 164  ASP A CA  1 
ATOM   796  C C   . ASP A 1 114 ? -3.894  7.858   0.619   1.00 15.57 ? 164  ASP A C   1 
ATOM   797  O O   . ASP A 1 114 ? -4.471  8.872   0.211   1.00 15.85 ? 164  ASP A O   1 
ATOM   798  C CB  . ASP A 1 114 ? -5.160  6.207   2.022   1.00 17.03 ? 164  ASP A CB  1 
ATOM   799  C CG  . ASP A 1 114 ? -6.357  6.496   1.147   1.00 22.48 ? 164  ASP A CG  1 
ATOM   800  O OD1 . ASP A 1 114 ? -6.173  6.783   -0.054  1.00 28.12 ? 164  ASP A OD1 1 
ATOM   801  O OD2 . ASP A 1 114 ? -7.489  6.420   1.661   1.00 27.50 ? 164  ASP A OD2 1 
ATOM   802  N N   . TRP A 1 115 ? -3.053  7.162   -0.129  1.00 13.90 ? 165  TRP A N   1 
ATOM   803  C CA  . TRP A 1 115 ? -2.727  7.608   -1.473  1.00 13.30 ? 165  TRP A CA  1 
ATOM   804  C C   . TRP A 1 115 ? -2.248  6.419   -2.286  1.00 11.65 ? 165  TRP A C   1 
ATOM   805  O O   . TRP A 1 115 ? -1.559  5.541   -1.765  1.00 11.66 ? 165  TRP A O   1 
ATOM   806  C CB  . TRP A 1 115 ? -1.630  8.669   -1.374  1.00 12.79 ? 165  TRP A CB  1 
ATOM   807  C CG  . TRP A 1 115 ? -1.416  9.476   -2.606  1.00 16.63 ? 165  TRP A CG  1 
ATOM   808  C CD1 . TRP A 1 115 ? -0.370  9.384   -3.479  1.00 17.22 ? 165  TRP A CD1 1 
ATOM   809  C CD2 . TRP A 1 115 ? -2.235  10.552  -3.070  1.00 16.55 ? 165  TRP A CD2 1 
ATOM   810  N NE1 . TRP A 1 115 ? -0.482  10.346  -4.454  1.00 18.33 ? 165  TRP A NE1 1 
ATOM   811  C CE2 . TRP A 1 115 ? -1.620  11.076  -4.228  1.00 18.18 ? 165  TRP A CE2 1 
ATOM   812  C CE3 . TRP A 1 115 ? -3.429  11.127  -2.620  1.00 17.35 ? 165  TRP A CE3 1 
ATOM   813  C CZ2 . TRP A 1 115 ? -2.157  12.152  -4.939  1.00 21.08 ? 165  TRP A CZ2 1 
ATOM   814  C CZ3 . TRP A 1 115 ? -3.965  12.198  -3.328  1.00 20.11 ? 165  TRP A CZ3 1 
ATOM   815  C CH2 . TRP A 1 115 ? -3.329  12.697  -4.476  1.00 19.49 ? 165  TRP A CH2 1 
ATOM   816  N N   . GLY A 1 116 ? -2.623  6.385   -3.558  1.00 10.27 ? 166  GLY A N   1 
ATOM   817  C CA  . GLY A 1 116 ? -2.208  5.282   -4.403  1.00 11.06 ? 166  GLY A CA  1 
ATOM   818  C C   . GLY A 1 116 ? -2.937  5.285   -5.730  1.00 13.11 ? 166  GLY A C   1 
ATOM   819  O O   . GLY A 1 116 ? -3.266  6.351   -6.262  1.00 13.38 ? 166  GLY A O   1 
ATOM   820  N N   . PHE A 1 117 ? -3.214  4.095   -6.253  1.00 12.90 ? 167  PHE A N   1 
ATOM   821  C CA  . PHE A 1 117 ? -3.886  3.976   -7.539  1.00 13.82 ? 167  PHE A CA  1 
ATOM   822  C C   . PHE A 1 117 ? -5.117  3.080   -7.502  1.00 14.48 ? 167  PHE A C   1 
ATOM   823  O O   . PHE A 1 117 ? -5.045  1.934   -7.065  1.00 15.04 ? 167  PHE A O   1 
ATOM   824  C CB  . PHE A 1 117 ? -2.902  3.437   -8.580  1.00 14.30 ? 167  PHE A CB  1 
ATOM   825  C CG  . PHE A 1 117 ? -1.576  4.150   -8.592  1.00 13.84 ? 167  PHE A CG  1 
ATOM   826  C CD1 . PHE A 1 117 ? -0.611  3.870   -7.628  1.00 12.64 ? 167  PHE A CD1 1 
ATOM   827  C CD2 . PHE A 1 117 ? -1.297  5.102   -9.566  1.00 14.30 ? 167  PHE A CD2 1 
ATOM   828  C CE1 . PHE A 1 117 ? 0.618   4.529   -7.637  1.00 15.80 ? 167  PHE A CE1 1 
ATOM   829  C CE2 . PHE A 1 117 ? -0.072  5.769   -9.585  1.00 16.12 ? 167  PHE A CE2 1 
ATOM   830  C CZ  . PHE A 1 117 ? 0.890   5.480   -8.616  1.00 15.29 ? 167  PHE A CZ  1 
ATOM   831  N N   . SER A 1 118 ? -6.248  3.604   -7.970  1.00 14.28 ? 168  SER A N   1 
ATOM   832  C CA  . SER A 1 118 ? -7.476  2.822   -8.002  1.00 16.76 ? 168  SER A CA  1 
ATOM   833  C C   . SER A 1 118 ? -7.342  1.765   -9.096  1.00 17.88 ? 168  SER A C   1 
ATOM   834  O O   . SER A 1 118 ? -7.951  0.694   -9.028  1.00 17.72 ? 168  SER A O   1 
ATOM   835  C CB  . SER A 1 118 ? -8.677  3.722   -8.290  1.00 20.35 ? 168  SER A CB  1 
ATOM   836  O OG  . SER A 1 118 ? -8.506  4.406   -9.516  1.00 25.68 ? 168  SER A OG  1 
ATOM   837  N N   . ASN A 1 119 ? -6.538  2.078   -10.106 1.00 18.72 ? 169  ASN A N   1 
ATOM   838  C CA  . ASN A 1 119 ? -6.293  1.155   -11.205 1.00 19.23 ? 169  ASN A CA  1 
ATOM   839  C C   . ASN A 1 119 ? -4.794  0.904   -11.278 1.00 17.96 ? 169  ASN A C   1 
ATOM   840  O O   . ASN A 1 119 ? -4.114  1.339   -12.207 1.00 17.13 ? 169  ASN A O   1 
ATOM   841  C CB  . ASN A 1 119 ? -6.811  1.741   -12.522 1.00 24.51 ? 169  ASN A CB  1 
ATOM   842  C CG  . ASN A 1 119 ? -8.320  1.954   -12.509 1.00 29.80 ? 169  ASN A CG  1 
ATOM   843  O OD1 . ASN A 1 119 ? -8.831  2.829   -11.806 1.00 33.81 ? 169  ASN A OD1 1 
ATOM   844  N ND2 . ASN A 1 119 ? -9.040  1.145   -13.280 1.00 31.89 ? 169  ASN A ND2 1 
ATOM   845  N N   . PHE A 1 120 ? -4.282  0.205   -10.272 1.00 14.31 ? 170  PHE A N   1 
ATOM   846  C CA  . PHE A 1 120 ? -2.861  -0.097  -10.202 1.00 14.85 ? 170  PHE A CA  1 
ATOM   847  C C   . PHE A 1 120 ? -2.460  -1.108  -11.274 1.00 15.91 ? 170  PHE A C   1 
ATOM   848  O O   . PHE A 1 120 ? -1.434  -0.944  -11.935 1.00 15.99 ? 170  PHE A O   1 
ATOM   849  C CB  . PHE A 1 120 ? -2.518  -0.629  -8.803  1.00 12.58 ? 170  PHE A CB  1 
ATOM   850  C CG  . PHE A 1 120 ? -1.065  -0.904  -8.602  1.00 12.79 ? 170  PHE A CG  1 
ATOM   851  C CD1 . PHE A 1 120 ? -0.521  -2.135  -8.958  1.00 13.17 ? 170  PHE A CD1 1 
ATOM   852  C CD2 . PHE A 1 120 ? -0.230  0.067   -8.062  1.00 12.53 ? 170  PHE A CD2 1 
ATOM   853  C CE1 . PHE A 1 120 ? 0.836   -2.395  -8.776  1.00 14.35 ? 170  PHE A CE1 1 
ATOM   854  C CE2 . PHE A 1 120 ? 1.128   -0.183  -7.878  1.00 13.24 ? 170  PHE A CE2 1 
ATOM   855  C CZ  . PHE A 1 120 ? 1.661   -1.414  -8.234  1.00 12.76 ? 170  PHE A CZ  1 
ATOM   856  N N   . MET A 1 121 ? -3.282  -2.142  -11.433 1.00 16.78 ? 171  MET A N   1 
ATOM   857  C CA  . MET A 1 121 ? -3.068  -3.202  -12.421 1.00 19.28 ? 171  MET A CA  1 
ATOM   858  C C   . MET A 1 121 ? -4.411  -3.786  -12.836 1.00 17.10 ? 171  MET A C   1 
ATOM   859  O O   . MET A 1 121 ? -5.379  -3.732  -12.081 1.00 15.82 ? 171  MET A O   1 
ATOM   860  C CB  . MET A 1 121 ? -2.242  -4.353  -11.832 1.00 21.79 ? 171  MET A CB  1 
ATOM   861  C CG  . MET A 1 121 ? -0.743  -4.207  -11.887 1.00 28.64 ? 171  MET A CG  1 
ATOM   862  S SD  . MET A 1 121 ? 0.039   -5.751  -11.319 1.00 34.90 ? 171  MET A SD  1 
ATOM   863  C CE  . MET A 1 121 ? -0.094  -6.771  -12.798 1.00 31.69 ? 171  MET A CE  1 
ATOM   864  N N   . ALA A 1 122 ? -4.460  -4.363  -14.033 1.00 16.69 ? 172  ALA A N   1 
ATOM   865  C CA  . ALA A 1 122 ? -5.682  -4.993  -14.511 1.00 15.46 ? 172  ALA A CA  1 
ATOM   866  C C   . ALA A 1 122 ? -5.924  -6.234  -13.649 1.00 15.04 ? 172  ALA A C   1 
ATOM   867  O O   . ALA A 1 122 ? -4.999  -7.001  -13.378 1.00 15.86 ? 172  ALA A O   1 
ATOM   868  C CB  . ALA A 1 122 ? -5.524  -5.398  -15.983 1.00 15.28 ? 172  ALA A CB  1 
ATOM   869  N N   . TRP A 1 123 ? -7.165  -6.435  -13.217 1.00 16.03 ? 173  TRP A N   1 
ATOM   870  C CA  . TRP A 1 123 ? -7.492  -7.594  -12.390 1.00 18.10 ? 173  TRP A CA  1 
ATOM   871  C C   . TRP A 1 123 ? -7.186  -8.893  -13.133 1.00 19.50 ? 173  TRP A C   1 
ATOM   872  O O   . TRP A 1 123 ? -6.681  -9.852  -12.547 1.00 19.35 ? 173  TRP A O   1 
ATOM   873  C CB  . TRP A 1 123 ? -8.970  -7.556  -12.001 1.00 17.49 ? 173  TRP A CB  1 
ATOM   874  C CG  . TRP A 1 123 ? -9.351  -8.556  -10.955 1.00 18.98 ? 173  TRP A CG  1 
ATOM   875  C CD1 . TRP A 1 123 ? -9.821  -9.822  -11.156 1.00 19.70 ? 173  TRP A CD1 1 
ATOM   876  C CD2 . TRP A 1 123 ? -9.287  -8.371  -9.536  1.00 19.16 ? 173  TRP A CD2 1 
ATOM   877  N NE1 . TRP A 1 123 ? -10.059 -10.437 -9.948  1.00 18.73 ? 173  TRP A NE1 1 
ATOM   878  C CE2 . TRP A 1 123 ? -9.738  -9.569  -8.939  1.00 20.54 ? 173  TRP A CE2 1 
ATOM   879  C CE3 . TRP A 1 123 ? -8.891  -7.309  -8.712  1.00 18.95 ? 173  TRP A CE3 1 
ATOM   880  C CZ2 . TRP A 1 123 ? -9.805  -9.734  -7.549  1.00 19.32 ? 173  TRP A CZ2 1 
ATOM   881  C CZ3 . TRP A 1 123 ? -8.960  -7.475  -7.330  1.00 20.93 ? 173  TRP A CZ3 1 
ATOM   882  C CH2 . TRP A 1 123 ? -9.414  -8.680  -6.765  1.00 18.43 ? 173  TRP A CH2 1 
ATOM   883  N N   . SER A 1 124 ? -7.482  -8.913  -14.427 1.00 20.17 ? 174  SER A N   1 
ATOM   884  C CA  . SER A 1 124 ? -7.242  -10.096 -15.251 1.00 21.14 ? 174  SER A CA  1 
ATOM   885  C C   . SER A 1 124 ? -5.763  -10.474 -15.305 1.00 20.99 ? 174  SER A C   1 
ATOM   886  O O   . SER A 1 124 ? -5.419  -11.656 -15.374 1.00 22.92 ? 174  SER A O   1 
ATOM   887  C CB  . SER A 1 124 ? -7.752  -9.858  -16.671 1.00 21.67 ? 174  SER A CB  1 
ATOM   888  O OG  . SER A 1 124 ? -7.073  -8.767  -17.265 1.00 23.53 ? 174  SER A OG  1 
ATOM   889  N N   . GLU A 1 125 ? -4.891  -9.473  -15.273 1.00 20.23 ? 175  GLU A N   1 
ATOM   890  C CA  . GLU A 1 125 ? -3.457  -9.719  -15.319 1.00 20.48 ? 175  GLU A CA  1 
ATOM   891  C C   . GLU A 1 125 ? -2.925  -10.284 -14.002 1.00 19.62 ? 175  GLU A C   1 
ATOM   892  O O   . GLU A 1 125 ? -2.185  -11.272 -13.991 1.00 18.76 ? 175  GLU A O   1 
ATOM   893  C CB  . GLU A 1 125 ? -2.711  -8.428  -15.671 1.00 22.51 ? 175  GLU A CB  1 
ATOM   894  C CG  . GLU A 1 125 ? -1.200  -8.581  -15.710 1.00 27.16 ? 175  GLU A CG  1 
ATOM   895  C CD  . GLU A 1 125 ? -0.484  -7.319  -16.172 1.00 32.84 ? 175  GLU A CD  1 
ATOM   896  O OE1 . GLU A 1 125 ? 0.767   -7.301  -16.138 1.00 34.23 ? 175  GLU A OE1 1 
ATOM   897  O OE2 . GLU A 1 125 ? -1.168  -6.349  -16.571 1.00 34.45 ? 175  GLU A OE2 1 
ATOM   898  N N   . VAL A 1 126 ? -3.298  -9.659  -12.889 1.00 17.62 ? 176  VAL A N   1 
ATOM   899  C CA  . VAL A 1 126 ? -2.838  -10.121 -11.583 1.00 16.20 ? 176  VAL A CA  1 
ATOM   900  C C   . VAL A 1 126 ? -3.327  -11.532 -11.257 1.00 14.56 ? 176  VAL A C   1 
ATOM   901  O O   . VAL A 1 126 ? -2.597  -12.314 -10.649 1.00 15.36 ? 176  VAL A O   1 
ATOM   902  C CB  . VAL A 1 126 ? -3.298  -9.167  -10.452 1.00 17.31 ? 176  VAL A CB  1 
ATOM   903  C CG1 . VAL A 1 126 ? -2.801  -9.673  -9.109  1.00 19.39 ? 176  VAL A CG1 1 
ATOM   904  C CG2 . VAL A 1 126 ? -2.762  -7.770  -10.702 1.00 19.08 ? 176  VAL A CG2 1 
ATOM   905  N N   . THR A 1 127 ? -4.554  -11.863 -11.656 1.00 14.03 ? 177  THR A N   1 
ATOM   906  C CA  . THR A 1 127 ? -5.107  -13.187 -11.365 1.00 16.17 ? 177  THR A CA  1 
ATOM   907  C C   . THR A 1 127 ? -4.798  -14.249 -12.420 1.00 18.04 ? 177  THR A C   1 
ATOM   908  O O   . THR A 1 127 ? -5.211  -15.400 -12.280 1.00 17.81 ? 177  THR A O   1 
ATOM   909  C CB  . THR A 1 127 ? -6.646  -13.138 -11.168 1.00 17.33 ? 177  THR A CB  1 
ATOM   910  O OG1 . THR A 1 127 ? -7.267  -12.583 -12.336 1.00 15.62 ? 177  THR A OG1 1 
ATOM   911  C CG2 . THR A 1 127 ? -7.002  -12.294 -9.951  1.00 16.63 ? 177  THR A CG2 1 
ATOM   912  N N   . ASP A 1 128 ? -4.078  -13.870 -13.470 1.00 18.64 ? 178  ASP A N   1 
ATOM   913  C CA  . ASP A 1 128 ? -3.729  -14.820 -14.524 1.00 20.20 ? 178  ASP A CA  1 
ATOM   914  C C   . ASP A 1 128 ? -2.733  -15.818 -13.937 1.00 19.96 ? 178  ASP A C   1 
ATOM   915  O O   . ASP A 1 128 ? -1.608  -15.460 -13.601 1.00 17.43 ? 178  ASP A O   1 
ATOM   916  C CB  . ASP A 1 128 ? -3.099  -14.087 -15.708 1.00 19.99 ? 178  ASP A CB  1 
ATOM   917  C CG  . ASP A 1 128 ? -2.934  -14.980 -16.933 1.00 23.18 ? 178  ASP A CG  1 
ATOM   918  O OD1 . ASP A 1 128 ? -2.604  -16.174 -16.769 1.00 21.25 ? 178  ASP A OD1 1 
ATOM   919  O OD2 . ASP A 1 128 ? -3.123  -14.477 -18.060 1.00 23.59 ? 178  ASP A OD2 1 
ATOM   920  N N   . PRO A 1 129 ? -3.135  -17.091 -13.811 1.00 22.63 ? 179  PRO A N   1 
ATOM   921  C CA  . PRO A 1 129 ? -2.243  -18.111 -13.249 1.00 26.08 ? 179  PRO A CA  1 
ATOM   922  C C   . PRO A 1 129 ? -0.916  -18.324 -13.974 1.00 26.68 ? 179  PRO A C   1 
ATOM   923  O O   . PRO A 1 129 ? -0.028  -18.997 -13.453 1.00 29.03 ? 179  PRO A O   1 
ATOM   924  C CB  . PRO A 1 129 ? -3.119  -19.365 -13.240 1.00 26.72 ? 179  PRO A CB  1 
ATOM   925  C CG  . PRO A 1 129 ? -4.052  -19.138 -14.388 1.00 27.14 ? 179  PRO A CG  1 
ATOM   926  C CD  . PRO A 1 129 ? -4.417  -17.686 -14.224 1.00 25.02 ? 179  PRO A CD  1 
ATOM   927  N N   . GLU A 1 130 ? -0.766  -17.746 -15.160 1.00 26.73 ? 180  GLU A N   1 
ATOM   928  C CA  . GLU A 1 130 ? 0.471   -17.918 -15.916 1.00 28.32 ? 180  GLU A CA  1 
ATOM   929  C C   . GLU A 1 130 ? 1.408   -16.713 -15.869 1.00 27.06 ? 180  GLU A C   1 
ATOM   930  O O   . GLU A 1 130 ? 2.518   -16.770 -16.407 1.00 28.15 ? 180  GLU A O   1 
ATOM   931  C CB  . GLU A 1 130 ? 0.144   -18.247 -17.371 1.00 31.75 ? 180  GLU A CB  1 
ATOM   932  C CG  . GLU A 1 130 ? -0.782  -19.444 -17.532 1.00 38.09 ? 180  GLU A CG  1 
ATOM   933  C CD  . GLU A 1 130 ? -0.247  -20.693 -16.854 1.00 41.29 ? 180  GLU A CD  1 
ATOM   934  O OE1 . GLU A 1 130 ? 0.875   -21.126 -17.198 1.00 43.65 ? 180  GLU A OE1 1 
ATOM   935  O OE2 . GLU A 1 130 ? -0.947  -21.243 -15.975 1.00 43.39 ? 180  GLU A OE2 1 
ATOM   936  N N   . LYS A 1 131 ? 0.973   -15.632 -15.223 1.00 22.95 ? 181  LYS A N   1 
ATOM   937  C CA  . LYS A 1 131 ? 1.784   -14.419 -15.139 1.00 22.27 ? 181  LYS A CA  1 
ATOM   938  C C   . LYS A 1 131 ? 2.803   -14.412 -14.001 1.00 20.71 ? 181  LYS A C   1 
ATOM   939  O O   . LYS A 1 131 ? 3.805   -13.700 -14.070 1.00 20.42 ? 181  LYS A O   1 
ATOM   940  C CB  . LYS A 1 131 ? 0.883   -13.190 -15.013 1.00 23.60 ? 181  LYS A CB  1 
ATOM   941  C CG  . LYS A 1 131 ? -0.054  -12.981 -16.190 1.00 27.96 ? 181  LYS A CG  1 
ATOM   942  C CD  . LYS A 1 131 ? 0.708   -12.745 -17.479 1.00 30.76 ? 181  LYS A CD  1 
ATOM   943  C CE  . LYS A 1 131 ? -0.250  -12.484 -18.633 1.00 31.47 ? 181  LYS A CE  1 
ATOM   944  N NZ  . LYS A 1 131 ? 0.479   -12.181 -19.890 1.00 34.38 ? 181  LYS A NZ  1 
ATOM   945  N N   . GLY A 1 132 ? 2.539   -15.181 -12.948 1.00 18.32 ? 182  GLY A N   1 
ATOM   946  C CA  . GLY A 1 132 ? 3.470   -15.243 -11.836 1.00 17.72 ? 182  GLY A CA  1 
ATOM   947  C C   . GLY A 1 132 ? 3.183   -14.330 -10.655 1.00 18.75 ? 182  GLY A C   1 
ATOM   948  O O   . GLY A 1 132 ? 4.006   -14.240 -9.735  1.00 19.05 ? 182  GLY A O   1 
ATOM   949  N N   . PHE A 1 133 ? 2.033   -13.656 -10.670 1.00 16.82 ? 183  PHE A N   1 
ATOM   950  C CA  . PHE A 1 133 ? 1.657   -12.756 -9.576  1.00 17.57 ? 183  PHE A CA  1 
ATOM   951  C C   . PHE A 1 133 ? 0.773   -13.434 -8.537  1.00 18.81 ? 183  PHE A C   1 
ATOM   952  O O   . PHE A 1 133 ? 0.679   -12.975 -7.393  1.00 19.70 ? 183  PHE A O   1 
ATOM   953  C CB  . PHE A 1 133 ? 0.908   -11.531 -10.110 1.00 18.03 ? 183  PHE A CB  1 
ATOM   954  C CG  . PHE A 1 133 ? 1.752   -10.622 -10.948 1.00 19.02 ? 183  PHE A CG  1 
ATOM   955  C CD1 . PHE A 1 133 ? 1.529   -10.510 -12.314 1.00 18.33 ? 183  PHE A CD1 1 
ATOM   956  C CD2 . PHE A 1 133 ? 2.774   -9.878  -10.370 1.00 17.33 ? 183  PHE A CD2 1 
ATOM   957  C CE1 . PHE A 1 133 ? 2.312   -9.666  -13.095 1.00 20.70 ? 183  PHE A CE1 1 
ATOM   958  C CE2 . PHE A 1 133 ? 3.563   -9.031  -11.139 1.00 19.84 ? 183  PHE A CE2 1 
ATOM   959  C CZ  . PHE A 1 133 ? 3.332   -8.925  -12.505 1.00 20.14 ? 183  PHE A CZ  1 
ATOM   960  N N   . ILE A 1 134 ? 0.115   -14.519 -8.930  1.00 16.92 ? 184  ILE A N   1 
ATOM   961  C CA  . ILE A 1 134 ? -0.773  -15.216 -8.012  1.00 17.05 ? 184  ILE A CA  1 
ATOM   962  C C   . ILE A 1 134 ? -0.390  -16.688 -7.866  1.00 18.59 ? 184  ILE A C   1 
ATOM   963  O O   . ILE A 1 134 ? 0.046   -17.328 -8.823  1.00 18.08 ? 184  ILE A O   1 
ATOM   964  C CB  . ILE A 1 134 ? -2.244  -15.083 -8.487  1.00 17.21 ? 184  ILE A CB  1 
ATOM   965  C CG1 . ILE A 1 134 ? -3.208  -15.566 -7.400  1.00 16.85 ? 184  ILE A CG1 1 
ATOM   966  C CG2 . ILE A 1 134 ? -2.445  -15.856 -9.780  1.00 14.91 ? 184  ILE A CG2 1 
ATOM   967  C CD1 . ILE A 1 134 ? -4.659  -15.234 -7.702  1.00 17.34 ? 184  ILE A CD1 1 
ATOM   968  N N   . ASP A 1 135 ? -0.534  -17.209 -6.654  1.00 19.05 ? 185  ASP A N   1 
ATOM   969  C CA  . ASP A 1 135 ? -0.217  -18.604 -6.372  1.00 23.05 ? 185  ASP A CA  1 
ATOM   970  C C   . ASP A 1 135 ? -1.068  -19.059 -5.192  1.00 21.23 ? 185  ASP A C   1 
ATOM   971  O O   . ASP A 1 135 ? -1.028  -18.450 -4.123  1.00 20.33 ? 185  ASP A O   1 
ATOM   972  C CB  . ASP A 1 135 ? 1.273   -18.746 -6.045  1.00 26.29 ? 185  ASP A CB  1 
ATOM   973  C CG  . ASP A 1 135 ? 1.680   -20.185 -5.785  1.00 31.15 ? 185  ASP A CG  1 
ATOM   974  O OD1 . ASP A 1 135 ? 1.394   -21.052 -6.641  1.00 31.65 ? 185  ASP A OD1 1 
ATOM   975  O OD2 . ASP A 1 135 ? 2.293   -20.445 -4.727  1.00 33.07 ? 185  ASP A OD2 1 
ATOM   976  N N   . ASP A 1 136 ? -1.844  -20.121 -5.392  1.00 22.51 ? 186  ASP A N   1 
ATOM   977  C CA  . ASP A 1 136 ? -2.725  -20.637 -4.344  1.00 23.30 ? 186  ASP A CA  1 
ATOM   978  C C   . ASP A 1 136 ? -3.707  -19.524 -3.973  1.00 21.89 ? 186  ASP A C   1 
ATOM   979  O O   . ASP A 1 136 ? -4.141  -19.412 -2.824  1.00 22.00 ? 186  ASP A O   1 
ATOM   980  C CB  . ASP A 1 136 ? -1.913  -21.038 -3.106  1.00 28.10 ? 186  ASP A CB  1 
ATOM   981  C CG  . ASP A 1 136 ? -2.740  -21.810 -2.089  1.00 33.43 ? 186  ASP A CG  1 
ATOM   982  O OD1 . ASP A 1 136 ? -2.300  -21.921 -0.924  1.00 37.58 ? 186  ASP A OD1 1 
ATOM   983  O OD2 . ASP A 1 136 ? -3.825  -22.316 -2.454  1.00 36.47 ? 186  ASP A OD2 1 
ATOM   984  N N   . ASP A 1 137 ? -4.042  -18.708 -4.968  1.00 19.79 ? 187  ASP A N   1 
ATOM   985  C CA  . ASP A 1 137 ? -4.953  -17.577 -4.820  1.00 19.11 ? 187  ASP A CA  1 
ATOM   986  C C   . ASP A 1 137 ? -4.422  -16.542 -3.829  1.00 17.78 ? 187  ASP A C   1 
ATOM   987  O O   . ASP A 1 137 ? -5.195  -15.878 -3.136  1.00 18.21 ? 187  ASP A O   1 
ATOM   988  C CB  . ASP A 1 137 ? -6.348  -18.049 -4.385  1.00 21.38 ? 187  ASP A CB  1 
ATOM   989  C CG  . ASP A 1 137 ? -7.463  -17.165 -4.941  1.00 23.95 ? 187  ASP A CG  1 
ATOM   990  O OD1 . ASP A 1 137 ? -8.634  -17.334 -4.530  1.00 24.23 ? 187  ASP A OD1 1 
ATOM   991  O OD2 . ASP A 1 137 ? -7.170  -16.306 -5.802  1.00 24.98 ? 187  ASP A OD2 1 
ATOM   992  N N   . LYS A 1 138 ? -3.099  -16.415 -3.765  1.00 15.50 ? 188  LYS A N   1 
ATOM   993  C CA  . LYS A 1 138 ? -2.459  -15.445 -2.880  1.00 15.76 ? 188  LYS A CA  1 
ATOM   994  C C   . LYS A 1 138 ? -1.620  -14.478 -3.706  1.00 14.31 ? 188  LYS A C   1 
ATOM   995  O O   . LYS A 1 138 ? -0.895  -14.895 -4.613  1.00 13.19 ? 188  LYS A O   1 
ATOM   996  C CB  . LYS A 1 138 ? -1.551  -16.148 -1.866  1.00 15.26 ? 188  LYS A CB  1 
ATOM   997  C CG  . LYS A 1 138 ? -2.275  -17.137 -0.969  1.00 18.88 ? 188  LYS A CG  1 
ATOM   998  C CD  . LYS A 1 138 ? -1.333  -17.772 0.037   1.00 23.03 ? 188  LYS A CD  1 
ATOM   999  C CE  . LYS A 1 138 ? -2.083  -18.745 0.940   1.00 26.83 ? 188  LYS A CE  1 
ATOM   1000 N NZ  . LYS A 1 138 ? -1.199  -19.361 1.970   1.00 28.95 ? 188  LYS A NZ  1 
ATOM   1001 N N   . VAL A 1 139 ? -1.725  -13.191 -3.392  1.00 12.03 ? 189  VAL A N   1 
ATOM   1002 C CA  . VAL A 1 139 ? -0.964  -12.155 -4.087  1.00 11.33 ? 189  VAL A CA  1 
ATOM   1003 C C   . VAL A 1 139 ? -0.269  -11.323 -3.012  1.00 12.43 ? 189  VAL A C   1 
ATOM   1004 O O   . VAL A 1 139 ? -0.887  -10.948 -2.004  1.00 10.88 ? 189  VAL A O   1 
ATOM   1005 C CB  . VAL A 1 139 ? -1.884  -11.236 -4.934  1.00 10.68 ? 189  VAL A CB  1 
ATOM   1006 C CG1 . VAL A 1 139 ? -1.057  -10.150 -5.630  1.00 9.98  ? 189  VAL A CG1 1 
ATOM   1007 C CG2 . VAL A 1 139 ? -2.633  -12.070 -5.973  1.00 10.06 ? 189  VAL A CG2 1 
ATOM   1008 N N   . THR A 1 140 ? 1.015   -11.048 -3.212  1.00 11.63 ? 190  THR A N   1 
ATOM   1009 C CA  . THR A 1 140 ? 1.771   -10.286 -2.232  1.00 12.45 ? 190  THR A CA  1 
ATOM   1010 C C   . THR A 1 140 ? 2.054   -8.877  -2.707  1.00 13.48 ? 190  THR A C   1 
ATOM   1011 O O   . THR A 1 140 ? 2.514   -8.659  -3.835  1.00 11.55 ? 190  THR A O   1 
ATOM   1012 C CB  . THR A 1 140 ? 3.100   -10.984 -1.884  1.00 14.60 ? 190  THR A CB  1 
ATOM   1013 O OG1 . THR A 1 140 ? 2.821   -12.274 -1.319  1.00 17.20 ? 190  THR A OG1 1 
ATOM   1014 C CG2 . THR A 1 140 ? 3.887   -10.162 -0.869  1.00 13.11 ? 190  THR A CG2 1 
ATOM   1015 N N   . PHE A 1 141 ? 1.749   -7.931  -1.825  1.00 11.55 ? 191  PHE A N   1 
ATOM   1016 C CA  . PHE A 1 141 ? 1.929   -6.507  -2.063  1.00 10.95 ? 191  PHE A CA  1 
ATOM   1017 C C   . PHE A 1 141 ? 3.090   -6.046  -1.205  1.00 12.62 ? 191  PHE A C   1 
ATOM   1018 O O   . PHE A 1 141 ? 3.256   -6.508  -0.075  1.00 12.54 ? 191  PHE A O   1 
ATOM   1019 C CB  . PHE A 1 141 ? 0.661   -5.754  -1.664  1.00 10.13 ? 191  PHE A CB  1 
ATOM   1020 C CG  . PHE A 1 141 ? -0.532  -6.119  -2.494  1.00 9.75  ? 191  PHE A CG  1 
ATOM   1021 C CD1 . PHE A 1 141 ? -0.937  -5.304  -3.545  1.00 10.60 ? 191  PHE A CD1 1 
ATOM   1022 C CD2 . PHE A 1 141 ? -1.203  -7.320  -2.278  1.00 11.19 ? 191  PHE A CD2 1 
ATOM   1023 C CE1 . PHE A 1 141 ? -1.992  -5.680  -4.377  1.00 10.28 ? 191  PHE A CE1 1 
ATOM   1024 C CE2 . PHE A 1 141 ? -2.262  -7.706  -3.105  1.00 9.17  ? 191  PHE A CE2 1 
ATOM   1025 C CZ  . PHE A 1 141 ? -2.653  -6.881  -4.158  1.00 10.60 ? 191  PHE A CZ  1 
ATOM   1026 N N   . GLU A 1 142 ? 3.894   -5.145  -1.750  1.00 11.78 ? 192  GLU A N   1 
ATOM   1027 C CA  . GLU A 1 142 ? 5.037   -4.628  -1.020  1.00 13.97 ? 192  GLU A CA  1 
ATOM   1028 C C   . GLU A 1 142 ? 5.124   -3.120  -1.151  1.00 12.99 ? 192  GLU A C   1 
ATOM   1029 O O   . GLU A 1 142 ? 4.823   -2.549  -2.205  1.00 12.88 ? 192  GLU A O   1 
ATOM   1030 C CB  . GLU A 1 142 ? 6.339   -5.243  -1.538  1.00 16.48 ? 192  GLU A CB  1 
ATOM   1031 C CG  . GLU A 1 142 ? 7.589   -4.589  -0.943  1.00 21.57 ? 192  GLU A CG  1 
ATOM   1032 C CD  . GLU A 1 142 ? 8.880   -5.081  -1.574  1.00 27.01 ? 192  GLU A CD  1 
ATOM   1033 O OE1 . GLU A 1 142 ? 9.251   -6.251  -1.349  1.00 27.87 ? 192  GLU A OE1 1 
ATOM   1034 O OE2 . GLU A 1 142 ? 9.523   -4.292  -2.302  1.00 31.23 ? 192  GLU A OE2 1 
ATOM   1035 N N   . VAL A 1 143 ? 5.545   -2.483  -0.067  1.00 11.55 ? 193  VAL A N   1 
ATOM   1036 C CA  . VAL A 1 143 ? 5.712   -1.044  -0.046  1.00 10.51 ? 193  VAL A CA  1 
ATOM   1037 C C   . VAL A 1 143 ? 7.057   -0.673  0.568   1.00 11.90 ? 193  VAL A C   1 
ATOM   1038 O O   . VAL A 1 143 ? 7.444   -1.203  1.615   1.00 12.78 ? 193  VAL A O   1 
ATOM   1039 C CB  . VAL A 1 143 ? 4.606   -0.355  0.778   1.00 12.24 ? 193  VAL A CB  1 
ATOM   1040 C CG1 . VAL A 1 143 ? 4.935   1.129   0.953   1.00 14.31 ? 193  VAL A CG1 1 
ATOM   1041 C CG2 . VAL A 1 143 ? 3.258   -0.508  0.078   1.00 9.95  ? 193  VAL A CG2 1 
ATOM   1042 N N   . PHE A 1 144 ? 7.771   0.219   -0.109  1.00 10.95 ? 194  PHE A N   1 
ATOM   1043 C CA  . PHE A 1 144 ? 9.034   0.741   0.391   1.00 13.29 ? 194  PHE A CA  1 
ATOM   1044 C C   . PHE A 1 144 ? 8.698   2.203   0.623   1.00 13.62 ? 194  PHE A C   1 
ATOM   1045 O O   . PHE A 1 144 ? 8.442   2.937   -0.329  1.00 15.53 ? 194  PHE A O   1 
ATOM   1046 C CB  . PHE A 1 144 ? 10.151  0.639   -0.643  1.00 15.31 ? 194  PHE A CB  1 
ATOM   1047 C CG  . PHE A 1 144 ? 11.386  1.419   -0.266  1.00 18.21 ? 194  PHE A CG  1 
ATOM   1048 C CD1 . PHE A 1 144 ? 12.000  1.218   0.966   1.00 18.70 ? 194  PHE A CD1 1 
ATOM   1049 C CD2 . PHE A 1 144 ? 11.920  2.368   -1.132  1.00 21.84 ? 194  PHE A CD2 1 
ATOM   1050 C CE1 . PHE A 1 144 ? 13.129  1.953   1.336   1.00 21.84 ? 194  PHE A CE1 1 
ATOM   1051 C CE2 . PHE A 1 144 ? 13.053  3.110   -0.772  1.00 24.13 ? 194  PHE A CE2 1 
ATOM   1052 C CZ  . PHE A 1 144 ? 13.656  2.901   0.466   1.00 20.53 ? 194  PHE A CZ  1 
ATOM   1053 N N   . VAL A 1 145 ? 8.659   2.622   1.883   1.00 13.93 ? 195  VAL A N   1 
ATOM   1054 C CA  . VAL A 1 145 ? 8.321   4.008   2.191   1.00 14.38 ? 195  VAL A CA  1 
ATOM   1055 C C   . VAL A 1 145 ? 9.463   4.788   2.836   1.00 15.39 ? 195  VAL A C   1 
ATOM   1056 O O   . VAL A 1 145 ? 10.176  4.272   3.695   1.00 15.86 ? 195  VAL A O   1 
ATOM   1057 C CB  . VAL A 1 145 ? 7.071   4.078   3.106   1.00 15.60 ? 195  VAL A CB  1 
ATOM   1058 C CG1 . VAL A 1 145 ? 7.326   3.323   4.395   1.00 17.74 ? 195  VAL A CG1 1 
ATOM   1059 C CG2 . VAL A 1 145 ? 6.710   5.531   3.398   1.00 15.04 ? 195  VAL A CG2 1 
ATOM   1060 N N   . GLN A 1 146 ? 9.636   6.029   2.385   1.00 15.69 ? 196  GLN A N   1 
ATOM   1061 C CA  . GLN A 1 146 ? 10.659  6.935   2.904   1.00 16.25 ? 196  GLN A CA  1 
ATOM   1062 C C   . GLN A 1 146 ? 9.881   8.176   3.322   1.00 15.64 ? 196  GLN A C   1 
ATOM   1063 O O   . GLN A 1 146 ? 9.358   8.897   2.476   1.00 14.19 ? 196  GLN A O   1 
ATOM   1064 C CB  . GLN A 1 146 ? 11.660  7.310   1.814   1.00 18.91 ? 196  GLN A CB  1 
ATOM   1065 C CG  . GLN A 1 146 ? 12.280  6.124   1.101   1.00 23.79 ? 196  GLN A CG  1 
ATOM   1066 C CD  . GLN A 1 146 ? 13.289  6.549   0.056   1.00 26.83 ? 196  GLN A CD  1 
ATOM   1067 O OE1 . GLN A 1 146 ? 14.432  6.874   0.378   1.00 28.43 ? 196  GLN A OE1 1 
ATOM   1068 N NE2 . GLN A 1 146 ? 12.867  6.562   -1.204  1.00 26.73 ? 196  GLN A NE2 1 
ATOM   1069 N N   . ALA A 1 147 ? 9.793   8.417   4.624   1.00 15.55 ? 197  ALA A N   1 
ATOM   1070 C CA  . ALA A 1 147 ? 9.036   9.558   5.118   1.00 15.71 ? 197  ALA A CA  1 
ATOM   1071 C C   . ALA A 1 147 ? 9.875   10.593  5.838   1.00 15.17 ? 197  ALA A C   1 
ATOM   1072 O O   . ALA A 1 147 ? 10.853  10.260  6.503   1.00 13.38 ? 197  ALA A O   1 
ATOM   1073 C CB  . ALA A 1 147 ? 7.934   9.073   6.046   1.00 14.03 ? 197  ALA A CB  1 
ATOM   1074 N N   . ASP A 1 148 ? 9.478   11.854  5.705   1.00 16.50 ? 198  ASP A N   1 
ATOM   1075 C CA  . ASP A 1 148 ? 10.176  12.932  6.391   1.00 16.94 ? 198  ASP A CA  1 
ATOM   1076 C C   . ASP A 1 148 ? 9.635   12.976  7.812   1.00 18.59 ? 198  ASP A C   1 
ATOM   1077 O O   . ASP A 1 148 ? 8.656   12.290  8.131   1.00 15.82 ? 198  ASP A O   1 
ATOM   1078 C CB  . ASP A 1 148 ? 9.906   14.275  5.718   1.00 19.80 ? 198  ASP A CB  1 
ATOM   1079 C CG  . ASP A 1 148 ? 10.336  14.293  4.269   1.00 24.13 ? 198  ASP A CG  1 
ATOM   1080 O OD1 . ASP A 1 148 ? 11.180  13.452  3.894   1.00 26.17 ? 198  ASP A OD1 1 
ATOM   1081 O OD2 . ASP A 1 148 ? 9.836   15.150  3.510   1.00 25.61 ? 198  ASP A OD2 1 
ATOM   1082 N N   . ALA A 1 149 ? 10.277  13.772  8.664   1.00 16.74 ? 199  ALA A N   1 
ATOM   1083 C CA  . ALA A 1 149 ? 9.825   13.921  10.042  1.00 17.84 ? 199  ALA A CA  1 
ATOM   1084 C C   . ALA A 1 149 ? 8.417   14.493  9.978   1.00 16.65 ? 199  ALA A C   1 
ATOM   1085 O O   . ALA A 1 149 ? 8.155   15.439  9.238   1.00 16.04 ? 199  ALA A O   1 
ATOM   1086 C CB  . ALA A 1 149 ? 10.746  14.867  10.799  1.00 17.81 ? 199  ALA A CB  1 
ATOM   1087 N N   . PRO A 1 150 ? 7.484   13.919  10.746  1.00 16.45 ? 200  PRO A N   1 
ATOM   1088 C CA  . PRO A 1 150 ? 6.107   14.416  10.733  1.00 16.60 ? 200  PRO A CA  1 
ATOM   1089 C C   . PRO A 1 150 ? 5.955   15.668  11.586  1.00 16.46 ? 200  PRO A C   1 
ATOM   1090 O O   . PRO A 1 150 ? 6.806   15.959  12.427  1.00 15.69 ? 200  PRO A O   1 
ATOM   1091 C CB  . PRO A 1 150 ? 5.299   13.253  11.319  1.00 16.93 ? 200  PRO A CB  1 
ATOM   1092 C CG  . PRO A 1 150 ? 6.254   12.062  11.294  1.00 20.06 ? 200  PRO A CG  1 
ATOM   1093 C CD  . PRO A 1 150 ? 7.591   12.689  11.543  1.00 18.28 ? 200  PRO A CD  1 
ATOM   1094 N N   . HIS A 1 151 ? 4.878   16.409  11.347  1.00 15.84 ? 201  HIS A N   1 
ATOM   1095 C CA  . HIS A 1 151 ? 4.573   17.602  12.122  1.00 15.72 ? 201  HIS A CA  1 
ATOM   1096 C C   . HIS A 1 151 ? 3.267   17.354  12.869  1.00 16.27 ? 201  HIS A C   1 
ATOM   1097 O O   . HIS A 1 151 ? 2.469   16.498  12.476  1.00 13.26 ? 201  HIS A O   1 
ATOM   1098 C CB  . HIS A 1 151 ? 4.399   18.827  11.216  1.00 15.69 ? 201  HIS A CB  1 
ATOM   1099 C CG  . HIS A 1 151 ? 5.688   19.409  10.727  1.00 19.39 ? 201  HIS A CG  1 
ATOM   1100 N ND1 . HIS A 1 151 ? 6.287   19.013  9.550   1.00 21.60 ? 201  HIS A ND1 1 
ATOM   1101 C CD2 . HIS A 1 151 ? 6.491   20.362  11.256  1.00 19.18 ? 201  HIS A CD2 1 
ATOM   1102 C CE1 . HIS A 1 151 ? 7.403   19.700  9.375   1.00 21.81 ? 201  HIS A CE1 1 
ATOM   1103 N NE2 . HIS A 1 151 ? 7.550   20.525  10.396  1.00 21.58 ? 201  HIS A NE2 1 
ATOM   1104 N N   . GLY A 1 152 ? 3.056   18.105  13.944  1.00 15.69 ? 202  GLY A N   1 
ATOM   1105 C CA  . GLY A 1 152 ? 1.836   17.971  14.721  1.00 19.47 ? 202  GLY A CA  1 
ATOM   1106 C C   . GLY A 1 152 ? 1.593   16.615  15.358  1.00 21.29 ? 202  GLY A C   1 
ATOM   1107 O O   . GLY A 1 152 ? 0.445   16.246  15.597  1.00 20.02 ? 202  GLY A O   1 
ATOM   1108 N N   . VAL A 1 153 ? 2.659   15.872  15.632  1.00 24.10 ? 203  VAL A N   1 
ATOM   1109 C CA  . VAL A 1 153 ? 2.534   14.557  16.252  1.00 30.30 ? 203  VAL A CA  1 
ATOM   1110 C C   . VAL A 1 153 ? 3.215   14.575  17.616  1.00 34.25 ? 203  VAL A C   1 
ATOM   1111 O O   . VAL A 1 153 ? 2.552   14.621  18.652  1.00 35.31 ? 203  VAL A O   1 
ATOM   1112 C CB  . VAL A 1 153 ? 3.183   13.458  15.379  1.00 30.88 ? 203  VAL A CB  1 
ATOM   1113 C CG1 . VAL A 1 153 ? 3.075   12.106  16.072  1.00 31.84 ? 203  VAL A CG1 1 
ATOM   1114 C CG2 . VAL A 1 153 ? 2.502   13.405  14.022  1.00 30.04 ? 203  VAL A CG2 1 
ATOM   1115 N N   . ALA A 1 154 ? 4.543   14.536  17.605  1.00 37.82 ? 204  ALA A N   1 
ATOM   1116 C CA  . ALA A 1 154 ? 5.326   14.563  18.835  1.00 41.41 ? 204  ALA A CA  1 
ATOM   1117 C C   . ALA A 1 154 ? 5.803   15.992  19.061  1.00 42.15 ? 204  ALA A C   1 
ATOM   1118 O O   . ALA A 1 154 ? 6.809   16.415  18.491  1.00 44.11 ? 204  ALA A O   1 
ATOM   1119 C CB  . ALA A 1 154 ? 6.522   13.618  18.721  1.00 41.17 ? 204  ALA A CB  1 
ATOM   1120 N N   . TRP A 1 155 ? 5.072   16.732  19.887  1.00 42.96 ? 205  TRP A N   1 
ATOM   1121 C CA  . TRP A 1 155 ? 5.417   18.120  20.175  1.00 43.28 ? 205  TRP A CA  1 
ATOM   1122 C C   . TRP A 1 155 ? 6.514   18.198  21.236  1.00 43.50 ? 205  TRP A C   1 
ATOM   1123 O O   . TRP A 1 155 ? 7.693   18.305  20.834  1.00 44.66 ? 205  TRP A O   1 
ATOM   1124 C CB  . TRP A 1 155 ? 4.181   18.886  20.660  1.00 41.95 ? 205  TRP A CB  1 
ATOM   1125 C CG  . TRP A 1 155 ? 2.902   18.504  19.963  1.00 41.40 ? 205  TRP A CG  1 
ATOM   1126 C CD1 . TRP A 1 155 ? 2.172   17.360  20.149  1.00 40.71 ? 205  TRP A CD1 1 
ATOM   1127 C CD2 . TRP A 1 155 ? 2.190   19.277  18.986  1.00 39.69 ? 205  TRP A CD2 1 
ATOM   1128 N NE1 . TRP A 1 155 ? 1.052   17.377  19.352  1.00 40.80 ? 205  TRP A NE1 1 
ATOM   1129 C CE2 . TRP A 1 155 ? 1.037   18.540  18.629  1.00 39.73 ? 205  TRP A CE2 1 
ATOM   1130 C CE3 . TRP A 1 155 ? 2.413   20.520  18.380  1.00 38.32 ? 205  TRP A CE3 1 
ATOM   1131 C CZ2 . TRP A 1 155 ? 0.108   19.007  17.691  1.00 38.23 ? 205  TRP A CZ2 1 
ATOM   1132 C CZ3 . TRP A 1 155 ? 1.490   20.985  17.446  1.00 37.86 ? 205  TRP A CZ3 1 
ATOM   1133 C CH2 . TRP A 1 155 ? 0.352   20.229  17.113  1.00 37.22 ? 205  TRP A CH2 1 
ATOM   1134 N N   . ALA B 2 4   ? -2.549  8.938   -9.616  1.00 28.78 ? 12   ALA B N   1 
ATOM   1135 C CA  . ALA B 2 4   ? -2.532  8.716   -8.141  1.00 28.19 ? 12   ALA B CA  1 
ATOM   1136 C C   . ALA B 2 4   ? -3.621  9.550   -7.478  1.00 27.91 ? 12   ALA B C   1 
ATOM   1137 O O   . ALA B 2 4   ? -3.950  10.637  -7.954  1.00 29.06 ? 12   ALA B O   1 
ATOM   1138 C CB  . ALA B 2 4   ? -1.165  9.085   -7.570  1.00 26.50 ? 12   ALA B CB  1 
ATOM   1139 N N   . SER B 2 5   ? -4.173  9.039   -6.381  1.00 26.25 ? 13   SER B N   1 
ATOM   1140 C CA  . SER B 2 5   ? -5.229  9.738   -5.655  1.00 24.49 ? 13   SER B CA  1 
ATOM   1141 C C   . SER B 2 5   ? -5.525  9.019   -4.344  1.00 23.09 ? 13   SER B C   1 
ATOM   1142 O O   . SER B 2 5   ? -4.891  8.015   -4.019  1.00 20.43 ? 13   SER B O   1 
ATOM   1143 C CB  . SER B 2 5   ? -6.511  9.777   -6.491  1.00 26.86 ? 13   SER B CB  1 
ATOM   1144 O OG  . SER B 2 5   ? -7.090  8.482   -6.587  1.00 27.16 ? 13   SER B OG  1 
ATOM   1145 N N   . THR B 2 6   ? -6.487  9.543   -3.591  1.00 21.89 ? 14   THR B N   1 
ATOM   1146 C CA  . THR B 2 6   ? -6.887  8.919   -2.334  1.00 22.97 ? 14   THR B CA  1 
ATOM   1147 C C   . THR B 2 6   ? -7.880  7.826   -2.711  1.00 23.95 ? 14   THR B C   1 
ATOM   1148 O O   . THR B 2 6   ? -8.438  7.851   -3.811  1.00 24.21 ? 14   THR B O   1 
ATOM   1149 C CB  . THR B 2 6   ? -7.595  9.916   -1.402  1.00 24.21 ? 14   THR B CB  1 
ATOM   1150 O OG1 . THR B 2 6   ? -8.761  10.430  -2.058  1.00 24.18 ? 14   THR B OG1 1 
ATOM   1151 C CG2 . THR B 2 6   ? -6.668  11.067  -1.043  1.00 24.44 ? 14   THR B CG2 1 
ATOM   1152 N N   . SER B 2 7   ? -8.103  6.874   -1.812  1.00 23.79 ? 15   SER B N   1 
ATOM   1153 C CA  . SER B 2 7   ? -9.037  5.788   -2.094  1.00 24.78 ? 15   SER B CA  1 
ATOM   1154 C C   . SER B 2 7   ? -10.470 6.298   -2.129  1.00 26.56 ? 15   SER B C   1 
ATOM   1155 O O   . SER B 2 7   ? -11.309 5.547   -2.670  1.00 28.00 ? 15   SER B O   1 
ATOM   1156 C CB  . SER B 2 7   ? -8.915  4.686   -1.039  1.00 23.87 ? 15   SER B CB  1 
ATOM   1157 O OG  . SER B 2 7   ? -9.295  5.161   0.241   1.00 25.06 ? 15   SER B OG  1 
HETATM 1158 O O   . HOH C 3 .   ? -4.645  -2.903  10.393  1.00 13.07 ? 1001 HOH A O   1 
HETATM 1159 O O   . HOH C 3 .   ? -4.731  -6.864  8.887   1.00 8.43  ? 1002 HOH A O   1 
HETATM 1160 O O   . HOH C 3 .   ? -4.107  15.996  9.906   1.00 14.42 ? 1003 HOH A O   1 
HETATM 1161 O O   . HOH C 3 .   ? 2.321   -11.823 -5.585  1.00 15.89 ? 1004 HOH A O   1 
HETATM 1162 O O   . HOH C 3 .   ? 2.084   10.633  -6.221  1.00 16.99 ? 1005 HOH A O   1 
HETATM 1163 O O   . HOH C 3 .   ? -1.787  16.558  0.751   1.00 13.49 ? 1006 HOH A O   1 
HETATM 1164 O O   . HOH C 3 .   ? 6.686   15.833  6.933   1.00 15.09 ? 1007 HOH A O   1 
HETATM 1165 O O   . HOH C 3 .   ? -0.448  -13.692 -11.949 1.00 17.57 ? 1008 HOH A O   1 
HETATM 1166 O O   . HOH C 3 .   ? -3.968  3.725   11.767  1.00 17.01 ? 1009 HOH A O   1 
HETATM 1167 O O   . HOH C 3 .   ? -6.155  17.338  16.558  1.00 23.47 ? 1010 HOH A O   1 
HETATM 1168 O O   . HOH C 3 .   ? -9.150  -6.955  -15.681 1.00 20.44 ? 1011 HOH A O   1 
HETATM 1169 O O   . HOH C 3 .   ? -6.269  1.876   9.687   1.00 18.30 ? 1012 HOH A O   1 
HETATM 1170 O O   . HOH C 3 .   ? -8.354  10.674  4.327   1.00 27.06 ? 1013 HOH A O   1 
HETATM 1171 O O   . HOH C 3 .   ? -7.806  5.655   4.362   1.00 21.34 ? 1014 HOH A O   1 
HETATM 1172 O O   . HOH C 3 .   ? 0.765   -16.912 -11.433 1.00 27.05 ? 1015 HOH A O   1 
HETATM 1173 O O   . HOH C 3 .   ? 6.919   -1.843  12.450  1.00 17.07 ? 1016 HOH A O   1 
HETATM 1174 O O   . HOH C 3 .   ? 0.711   16.053  -1.417  1.00 22.12 ? 1017 HOH A O   1 
HETATM 1175 O O   . HOH C 3 .   ? 1.128   -10.986 5.008   1.00 19.00 ? 1018 HOH A O   1 
HETATM 1176 O O   . HOH C 3 .   ? -5.818  10.536  11.189  1.00 23.47 ? 1019 HOH A O   1 
HETATM 1177 O O   . HOH C 3 .   ? -3.442  6.004   13.566  1.00 25.47 ? 1020 HOH A O   1 
HETATM 1178 O O   . HOH C 3 .   ? -3.086  3.778   9.121   1.00 15.99 ? 1021 HOH A O   1 
HETATM 1179 O O   . HOH C 3 .   ? -5.717  -18.244 -0.747  1.00 19.04 ? 1022 HOH A O   1 
HETATM 1180 O O   . HOH C 3 .   ? -5.218  4.746   -10.877 1.00 23.19 ? 1023 HOH A O   1 
HETATM 1181 O O   . HOH C 3 .   ? -1.555  11.303  15.588  1.00 23.45 ? 1024 HOH A O   1 
HETATM 1182 O O   . HOH C 3 .   ? -0.474  14.556  -3.123  1.00 29.00 ? 1025 HOH A O   1 
HETATM 1183 O O   . HOH C 3 .   ? 11.621  -17.578 -13.512 1.00 21.82 ? 1026 HOH A O   1 
HETATM 1184 O O   . HOH C 3 .   ? 6.398   -7.286  6.073   1.00 22.72 ? 1027 HOH A O   1 
HETATM 1185 O O   . HOH C 3 .   ? -9.921  -19.210 -3.249  1.00 34.71 ? 1028 HOH A O   1 
HETATM 1186 O O   . HOH C 3 .   ? -2.419  -3.911  -16.074 1.00 26.46 ? 1029 HOH A O   1 
HETATM 1187 O O   . HOH C 3 .   ? -11.475 -12.949 -0.712  1.00 26.16 ? 1030 HOH A O   1 
HETATM 1188 O O   . HOH C 3 .   ? -1.682  -13.568 4.539   1.00 26.53 ? 1031 HOH A O   1 
HETATM 1189 O O   . HOH C 3 .   ? -1.383  14.398  16.367  1.00 28.17 ? 1032 HOH A O   1 
HETATM 1190 O O   . HOH C 3 .   ? 9.381   17.765  12.873  1.00 33.44 ? 1033 HOH A O   1 
HETATM 1191 O O   . HOH C 3 .   ? 13.551  -10.916 -16.084 1.00 35.93 ? 1034 HOH A O   1 
HETATM 1192 O O   . HOH C 3 .   ? 4.437   17.601  7.209   1.00 25.68 ? 1035 HOH A O   1 
HETATM 1193 O O   . HOH C 3 .   ? 15.270  7.587   4.844   1.00 32.39 ? 1036 HOH A O   1 
HETATM 1194 O O   . HOH C 3 .   ? 1.869   -6.765  6.585   1.00 26.94 ? 1037 HOH A O   1 
HETATM 1195 O O   . HOH C 3 .   ? -4.033  -19.111 -7.781  1.00 31.96 ? 1038 HOH A O   1 
HETATM 1196 O O   . HOH C 3 .   ? 2.750   4.958   -12.454 1.00 28.56 ? 1039 HOH A O   1 
HETATM 1197 O O   . HOH C 3 .   ? -7.659  10.300  9.341   1.00 25.71 ? 1040 HOH A O   1 
HETATM 1198 O O   . HOH C 3 .   ? 15.236  -12.141 -13.851 1.00 33.18 ? 1041 HOH A O   1 
HETATM 1199 O O   . HOH C 3 .   ? 3.513   -11.298 3.507   1.00 31.01 ? 1042 HOH A O   1 
HETATM 1200 O O   . HOH C 3 .   ? 2.387   8.865   -8.443  1.00 31.31 ? 1043 HOH A O   1 
HETATM 1201 O O   . HOH C 3 .   ? 12.565  -2.449  6.082   1.00 36.50 ? 1044 HOH A O   1 
HETATM 1202 O O   . HOH C 3 .   ? 5.810   10.693  15.250  1.00 34.27 ? 1045 HOH A O   1 
HETATM 1203 O O   . HOH C 3 .   ? -6.701  -17.784 -8.171  1.00 36.62 ? 1046 HOH A O   1 
HETATM 1204 O O   . HOH C 3 .   ? -11.644 -12.833 -9.607  1.00 32.75 ? 1047 HOH A O   1 
HETATM 1205 O O   . HOH C 3 .   ? 2.768   -4.872  8.188   1.00 37.41 ? 1048 HOH A O   1 
HETATM 1206 O O   . HOH C 3 .   ? 9.784   12.181  1.576   1.00 42.49 ? 1049 HOH A O   1 
HETATM 1207 O O   . HOH C 3 .   ? 4.742   -3.751  12.913  1.00 28.59 ? 1050 HOH A O   1 
HETATM 1208 O O   . HOH C 3 .   ? -8.262  12.138  12.516  1.00 33.56 ? 1051 HOH A O   1 
HETATM 1209 O O   . HOH C 3 .   ? -7.815  -1.211  10.963  1.00 27.03 ? 1052 HOH A O   1 
HETATM 1210 O O   . HOH C 3 .   ? -10.089 7.403   7.320   1.00 33.60 ? 1053 HOH A O   1 
HETATM 1211 O O   . HOH C 3 .   ? 8.559   -1.799  -2.865  1.00 33.93 ? 1054 HOH A O   1 
HETATM 1212 O O   . HOH C 3 .   ? 12.403  15.233  7.622   1.00 26.31 ? 1055 HOH A O   1 
HETATM 1213 O O   . HOH C 3 .   ? 9.551   17.480  8.480   1.00 31.10 ? 1056 HOH A O   1 
HETATM 1214 O O   . HOH C 3 .   ? 7.057   -1.934  -12.692 1.00 34.70 ? 1057 HOH A O   1 
HETATM 1215 O O   . HOH C 3 .   ? 10.106  -12.903 -6.242  1.00 41.67 ? 1058 HOH A O   1 
HETATM 1216 O O   . HOH C 3 .   ? 5.417   19.133  15.480  1.00 30.06 ? 1059 HOH A O   1 
HETATM 1217 O O   . HOH C 3 .   ? -9.387  2.442   6.783   1.00 36.58 ? 1060 HOH A O   1 
HETATM 1218 O O   . HOH C 3 .   ? -7.190  -13.946 -15.902 1.00 42.49 ? 1061 HOH A O   1 
HETATM 1219 O O   . HOH C 3 .   ? -13.370 -9.467  0.540   1.00 32.95 ? 1062 HOH A O   1 
HETATM 1220 O O   . HOH C 3 .   ? -13.104 -10.541 -6.738  1.00 35.96 ? 1063 HOH A O   1 
HETATM 1221 O O   . HOH C 3 .   ? 8.780   15.084  13.874  1.00 37.51 ? 1064 HOH A O   1 
HETATM 1222 O O   . HOH C 3 .   ? 0.002   -21.062 0.351   1.00 42.91 ? 1065 HOH A O   1 
HETATM 1223 O O   . HOH C 3 .   ? 11.945  -0.986  14.095  1.00 47.12 ? 1066 HOH A O   1 
HETATM 1224 O O   . HOH C 3 .   ? 16.236  5.242   9.779   1.00 40.76 ? 1067 HOH A O   1 
HETATM 1225 O O   . HOH C 3 .   ? 12.191  -17.273 -8.446  1.00 50.87 ? 1068 HOH A O   1 
HETATM 1226 O O   . HOH C 3 .   ? 15.275  1.870   8.095   1.00 39.40 ? 1069 HOH A O   1 
HETATM 1227 O O   . HOH C 3 .   ? -15.157 -2.502  2.079   1.00 46.26 ? 1070 HOH A O   1 
HETATM 1228 O O   . HOH C 3 .   ? 5.241   10.427  17.918  1.00 46.39 ? 1071 HOH A O   1 
HETATM 1229 O O   . HOH C 3 .   ? -13.130 5.479   -8.634  1.00 44.13 ? 1072 HOH A O   1 
HETATM 1230 O O   . HOH C 3 .   ? 10.432  -14.249 -15.703 1.00 49.80 ? 1073 HOH A O   1 
HETATM 1231 O O   . HOH C 3 .   ? -0.889  7.655   15.898  1.00 34.65 ? 1074 HOH A O   1 
HETATM 1232 O O   . HOH D 3 .   ? -6.208  6.638   -8.301  1.00 30.67 ? 101  HOH B O   1 
# 
loop_
_pdbx_poly_seq_scheme.asym_id 
_pdbx_poly_seq_scheme.entity_id 
_pdbx_poly_seq_scheme.seq_id 
_pdbx_poly_seq_scheme.mon_id 
_pdbx_poly_seq_scheme.ndb_seq_num 
_pdbx_poly_seq_scheme.pdb_seq_num 
_pdbx_poly_seq_scheme.auth_seq_num 
_pdbx_poly_seq_scheme.pdb_mon_id 
_pdbx_poly_seq_scheme.auth_mon_id 
_pdbx_poly_seq_scheme.pdb_strand_id 
_pdbx_poly_seq_scheme.pdb_ins_code 
_pdbx_poly_seq_scheme.hetero 
A 1 1   GLY 1   51  ?   ?   ?   A . n 
A 1 2   SER 2   52  ?   ?   ?   A . n 
A 1 3   MET 3   53  ?   ?   ?   A . n 
A 1 4   THR 4   54  ?   ?   ?   A . n 
A 1 5   ALA 5   55  ?   ?   ?   A . n 
A 1 6   GLU 6   56  ?   ?   ?   A . n 
A 1 7   GLU 7   57  ?   ?   ?   A . n 
A 1 8   ASP 8   58  ?   ?   ?   A . n 
A 1 9   MET 9   59  ?   ?   ?   A . n 
A 1 10  GLU 10  60  ?   ?   ?   A . n 
A 1 11  ASP 11  61  ?   ?   ?   A . n 
A 1 12  ASP 12  62  ?   ?   ?   A . n 
A 1 13  THR 13  63  63  THR THR A . n 
A 1 14  SER 14  64  64  SER SER A . n 
A 1 15  TRP 15  65  65  TRP TRP A . n 
A 1 16  ARG 16  66  66  ARG ARG A . n 
A 1 17  SER 17  67  67  SER SER A . n 
A 1 18  GLU 18  68  68  GLU GLU A . n 
A 1 19  ALA 19  69  69  ALA ALA A . n 
A 1 20  THR 20  70  70  THR THR A . n 
A 1 21  PHE 21  71  71  PHE PHE A . n 
A 1 22  GLN 22  72  72  GLN GLN A . n 
A 1 23  PHE 23  73  73  PHE PHE A . n 
A 1 24  THR 24  74  74  THR THR A . n 
A 1 25  VAL 25  75  75  VAL VAL A . n 
A 1 26  GLU 26  76  76  GLU GLU A . n 
A 1 27  ARG 27  77  77  ARG ARG A . n 
A 1 28  PHE 28  78  78  PHE PHE A . n 
A 1 29  SER 29  79  79  SER SER A . n 
A 1 30  ARG 30  80  80  ARG ARG A . n 
A 1 31  LEU 31  81  81  LEU LEU A . n 
A 1 32  SER 32  82  82  SER SER A . n 
A 1 33  GLU 33  83  83  GLU GLU A . n 
A 1 34  SER 34  84  84  SER SER A . n 
A 1 35  VAL 35  85  85  VAL VAL A . n 
A 1 36  LEU 36  86  86  LEU LEU A . n 
A 1 37  SER 37  87  87  SER SER A . n 
A 1 38  PRO 38  88  88  PRO PRO A . n 
A 1 39  PRO 39  89  89  PRO PRO A . n 
A 1 40  CYS 40  90  90  CYS CYS A . n 
A 1 41  PHE 41  91  91  PHE PHE A . n 
A 1 42  VAL 42  92  92  VAL VAL A . n 
A 1 43  ARG 43  93  93  ARG ARG A . n 
A 1 44  ASN 44  94  94  ASN ASN A . n 
A 1 45  LEU 45  95  95  LEU LEU A . n 
A 1 46  PRO 46  96  96  PRO PRO A . n 
A 1 47  TRP 47  97  97  TRP TRP A . n 
A 1 48  LYS 48  98  98  LYS LYS A . n 
A 1 49  ILE 49  99  99  ILE ILE A . n 
A 1 50  MET 50  100 100 MET MET A . n 
A 1 51  VAL 51  101 101 VAL VAL A . n 
A 1 52  MET 52  102 102 MET MET A . n 
A 1 53  PRO 53  103 103 PRO PRO A . n 
A 1 54  ARG 54  104 104 ARG ARG A . n 
A 1 55  PHE 55  105 105 PHE PHE A . n 
A 1 56  TYR 56  106 ?   ?   ?   A . n 
A 1 57  PRO 57  107 ?   ?   ?   A . n 
A 1 58  ASP 58  108 ?   ?   ?   A . n 
A 1 59  ARG 59  109 ?   ?   ?   A . n 
A 1 60  PRO 60  110 ?   ?   ?   A . n 
A 1 61  HIS 61  111 ?   ?   ?   A . n 
A 1 62  GLN 62  112 112 GLN GLN A . n 
A 1 63  LYS 63  113 113 LYS LYS A . n 
A 1 64  SER 64  114 114 SER SER A . n 
A 1 65  VAL 65  115 115 VAL VAL A . n 
A 1 66  GLY 66  116 116 GLY GLY A . n 
A 1 67  PHE 67  117 117 PHE PHE A . n 
A 1 68  PHE 68  118 118 PHE PHE A . n 
A 1 69  LEU 69  119 119 LEU LEU A . n 
A 1 70  GLN 70  120 120 GLN GLN A . n 
A 1 71  CYS 71  121 121 CYS CYS A . n 
A 1 72  ASN 72  122 122 ASN ASN A . n 
A 1 73  ALA 73  123 123 ALA ALA A . n 
A 1 74  GLU 74  124 124 GLU GLU A . n 
A 1 75  SER 75  125 125 SER SER A . n 
A 1 76  ASP 76  126 126 ASP ASP A . n 
A 1 77  SER 77  127 127 SER SER A . n 
A 1 78  THR 78  128 128 THR THR A . n 
A 1 79  SER 79  129 129 SER SER A . n 
A 1 80  TRP 80  130 130 TRP TRP A . n 
A 1 81  SER 81  131 131 SER SER A . n 
A 1 82  CYS 82  132 132 CYS CYS A . n 
A 1 83  HIS 83  133 133 HIS HIS A . n 
A 1 84  ALA 84  134 134 ALA ALA A . n 
A 1 85  GLN 85  135 135 GLN GLN A . n 
A 1 86  ALA 86  136 136 ALA ALA A . n 
A 1 87  VAL 87  137 137 VAL VAL A . n 
A 1 88  LEU 88  138 138 LEU LEU A . n 
A 1 89  LYS 89  139 139 LYS LYS A . n 
A 1 90  ILE 90  140 140 ILE ILE A . n 
A 1 91  ILE 91  141 141 ILE ILE A . n 
A 1 92  ASN 92  142 142 ASN ASN A . n 
A 1 93  TYR 93  143 143 TYR TYR A . n 
A 1 94  ARG 94  144 144 ARG ARG A . n 
A 1 95  ASP 95  145 145 ASP ASP A . n 
A 1 96  ASP 96  146 146 ASP ASP A . n 
A 1 97  GLU 97  147 147 GLU GLU A . n 
A 1 98  LYS 98  148 148 LYS LYS A . n 
A 1 99  SER 99  149 149 SER SER A . n 
A 1 100 PHE 100 150 150 PHE PHE A . n 
A 1 101 SER 101 151 151 SER SER A . n 
A 1 102 ARG 102 152 152 ARG ARG A . n 
A 1 103 ARG 103 153 153 ARG ARG A . n 
A 1 104 ILE 104 154 154 ILE ILE A . n 
A 1 105 SER 105 155 155 SER SER A . n 
A 1 106 HIS 106 156 156 HIS HIS A . n 
A 1 107 LEU 107 157 157 LEU LEU A . n 
A 1 108 PHE 108 158 158 PHE PHE A . n 
A 1 109 PHE 109 159 159 PHE PHE A . n 
A 1 110 HIS 110 160 160 HIS HIS A . n 
A 1 111 LYS 111 161 161 LYS LYS A . n 
A 1 112 GLU 112 162 162 GLU GLU A . n 
A 1 113 ASN 113 163 163 ASN ASN A . n 
A 1 114 ASP 114 164 164 ASP ASP A . n 
A 1 115 TRP 115 165 165 TRP TRP A . n 
A 1 116 GLY 116 166 166 GLY GLY A . n 
A 1 117 PHE 117 167 167 PHE PHE A . n 
A 1 118 SER 118 168 168 SER SER A . n 
A 1 119 ASN 119 169 169 ASN ASN A . n 
A 1 120 PHE 120 170 170 PHE PHE A . n 
A 1 121 MET 121 171 171 MET MET A . n 
A 1 122 ALA 122 172 172 ALA ALA A . n 
A 1 123 TRP 123 173 173 TRP TRP A . n 
A 1 124 SER 124 174 174 SER SER A . n 
A 1 125 GLU 125 175 175 GLU GLU A . n 
A 1 126 VAL 126 176 176 VAL VAL A . n 
A 1 127 THR 127 177 177 THR THR A . n 
A 1 128 ASP 128 178 178 ASP ASP A . n 
A 1 129 PRO 129 179 179 PRO PRO A . n 
A 1 130 GLU 130 180 180 GLU GLU A . n 
A 1 131 LYS 131 181 181 LYS LYS A . n 
A 1 132 GLY 132 182 182 GLY GLY A . n 
A 1 133 PHE 133 183 183 PHE PHE A . n 
A 1 134 ILE 134 184 184 ILE ILE A . n 
A 1 135 ASP 135 185 185 ASP ASP A . n 
A 1 136 ASP 136 186 186 ASP ASP A . n 
A 1 137 ASP 137 187 187 ASP ASP A . n 
A 1 138 LYS 138 188 188 LYS LYS A . n 
A 1 139 VAL 139 189 189 VAL VAL A . n 
A 1 140 THR 140 190 190 THR THR A . n 
A 1 141 PHE 141 191 191 PHE PHE A . n 
A 1 142 GLU 142 192 192 GLU GLU A . n 
A 1 143 VAL 143 193 193 VAL VAL A . n 
A 1 144 PHE 144 194 194 PHE PHE A . n 
A 1 145 VAL 145 195 195 VAL VAL A . n 
A 1 146 GLN 146 196 196 GLN GLN A . n 
A 1 147 ALA 147 197 197 ALA ALA A . n 
A 1 148 ASP 148 198 198 ASP ASP A . n 
A 1 149 ALA 149 199 199 ALA ALA A . n 
A 1 150 PRO 150 200 200 PRO PRO A . n 
A 1 151 HIS 151 201 201 HIS HIS A . n 
A 1 152 GLY 152 202 202 GLY GLY A . n 
A 1 153 VAL 153 203 203 VAL VAL A . n 
A 1 154 ALA 154 204 204 ALA ALA A . n 
A 1 155 TRP 155 205 205 TRP TRP A . n 
A 1 156 ALA 156 206 ?   ?   ?   A . n 
A 1 157 SER 157 207 ?   ?   ?   A . n 
A 1 158 THR 158 208 ?   ?   ?   A . n 
A 1 159 SER 159 209 ?   ?   ?   A . n 
B 2 1   ASP 1   9   ?   ?   ?   B . n 
B 2 2   SER 2   10  ?   ?   ?   B . n 
B 2 3   ARG 3   11  ?   ?   ?   B . n 
B 2 4   ALA 4   12  12  ALA ALA B . n 
B 2 5   SER 5   13  13  SER SER B . n 
B 2 6   THR 6   14  14  THR THR B . n 
B 2 7   SER 7   15  15  SER SER B . n 
B 2 8   SER 8   16  ?   ?   ?   B . n 
B 2 9   SER 9   17  ?   ?   ?   B . n 
B 2 10  SER 10  18  ?   ?   ?   B . n 
# 
loop_
_pdbx_nonpoly_scheme.asym_id 
_pdbx_nonpoly_scheme.entity_id 
_pdbx_nonpoly_scheme.mon_id 
_pdbx_nonpoly_scheme.ndb_seq_num 
_pdbx_nonpoly_scheme.pdb_seq_num 
_pdbx_nonpoly_scheme.auth_seq_num 
_pdbx_nonpoly_scheme.pdb_mon_id 
_pdbx_nonpoly_scheme.auth_mon_id 
_pdbx_nonpoly_scheme.pdb_strand_id 
_pdbx_nonpoly_scheme.pdb_ins_code 
C 3 HOH 1  1001 1001 HOH HOH A . 
C 3 HOH 2  1002 1002 HOH HOH A . 
C 3 HOH 3  1003 1003 HOH HOH A . 
C 3 HOH 4  1004 1004 HOH HOH A . 
C 3 HOH 5  1005 1005 HOH HOH A . 
C 3 HOH 6  1006 1006 HOH HOH A . 
C 3 HOH 7  1007 1007 HOH HOH A . 
C 3 HOH 8  1008 1008 HOH HOH A . 
C 3 HOH 9  1009 1009 HOH HOH A . 
C 3 HOH 10 1010 1010 HOH HOH A . 
C 3 HOH 11 1011 1011 HOH HOH A . 
C 3 HOH 12 1012 1012 HOH HOH A . 
C 3 HOH 13 1013 1013 HOH HOH A . 
C 3 HOH 14 1014 1014 HOH HOH A . 
C 3 HOH 15 1015 1015 HOH HOH A . 
C 3 HOH 16 1016 1016 HOH HOH A . 
C 3 HOH 17 1017 1017 HOH HOH A . 
C 3 HOH 18 1018 1018 HOH HOH A . 
C 3 HOH 19 1019 1019 HOH HOH A . 
C 3 HOH 20 1020 1020 HOH HOH A . 
C 3 HOH 21 1021 1021 HOH HOH A . 
C 3 HOH 22 1022 1022 HOH HOH A . 
C 3 HOH 23 1023 1023 HOH HOH A . 
C 3 HOH 24 1024 1024 HOH HOH A . 
C 3 HOH 25 1025 1025 HOH HOH A . 
C 3 HOH 26 1026 1026 HOH HOH A . 
C 3 HOH 27 1027 1027 HOH HOH A . 
C 3 HOH 28 1028 1028 HOH HOH A . 
C 3 HOH 29 1029 1029 HOH HOH A . 
C 3 HOH 30 1030 1030 HOH HOH A . 
C 3 HOH 31 1031 1031 HOH HOH A . 
C 3 HOH 32 1032 1032 HOH HOH A . 
C 3 HOH 33 1033 1033 HOH HOH A . 
C 3 HOH 34 1034 1034 HOH HOH A . 
C 3 HOH 35 1035 1035 HOH HOH A . 
C 3 HOH 36 1036 1036 HOH HOH A . 
C 3 HOH 37 1037 1037 HOH HOH A . 
C 3 HOH 38 1038 1038 HOH HOH A . 
C 3 HOH 39 1039 1039 HOH HOH A . 
C 3 HOH 40 1040 1040 HOH HOH A . 
C 3 HOH 41 1041 1041 HOH HOH A . 
C 3 HOH 42 1042 1042 HOH HOH A . 
C 3 HOH 43 1043 1043 HOH HOH A . 
C 3 HOH 44 1044 1044 HOH HOH A . 
C 3 HOH 45 1045 1045 HOH HOH A . 
C 3 HOH 46 1046 1046 HOH HOH A . 
C 3 HOH 47 1047 1047 HOH HOH A . 
C 3 HOH 48 1048 1048 HOH HOH A . 
C 3 HOH 49 1049 1049 HOH HOH A . 
C 3 HOH 50 1050 1050 HOH HOH A . 
C 3 HOH 51 1051 1051 HOH HOH A . 
C 3 HOH 52 1052 1052 HOH HOH A . 
C 3 HOH 53 1053 1053 HOH HOH A . 
C 3 HOH 54 1054 1054 HOH HOH A . 
C 3 HOH 55 1055 1055 HOH HOH A . 
C 3 HOH 56 1056 1056 HOH HOH A . 
C 3 HOH 57 1057 1057 HOH HOH A . 
C 3 HOH 58 1058 1058 HOH HOH A . 
C 3 HOH 59 1059 1059 HOH HOH A . 
C 3 HOH 60 1060 1060 HOH HOH A . 
C 3 HOH 61 1061 1061 HOH HOH A . 
C 3 HOH 62 1062 1062 HOH HOH A . 
C 3 HOH 63 1063 1063 HOH HOH A . 
C 3 HOH 64 1064 1064 HOH HOH A . 
C 3 HOH 65 1065 1065 HOH HOH A . 
C 3 HOH 66 1066 1066 HOH HOH A . 
C 3 HOH 67 1067 1067 HOH HOH A . 
C 3 HOH 68 1068 1068 HOH HOH A . 
C 3 HOH 69 1069 1069 HOH HOH A . 
C 3 HOH 70 1070 1070 HOH HOH A . 
C 3 HOH 71 1071 1071 HOH HOH A . 
C 3 HOH 72 1072 1072 HOH HOH A . 
C 3 HOH 73 1073 1073 HOH HOH A . 
C 3 HOH 74 1074 1074 HOH HOH A . 
D 3 HOH 1  101  101  HOH HOH B . 
# 
_pdbx_struct_assembly.id                   1 
_pdbx_struct_assembly.details              author_and_software_defined_assembly 
_pdbx_struct_assembly.method_details       PISA 
_pdbx_struct_assembly.oligomeric_details   dimeric 
_pdbx_struct_assembly.oligomeric_count     2 
# 
_pdbx_struct_assembly_gen.assembly_id       1 
_pdbx_struct_assembly_gen.oper_expression   1 
_pdbx_struct_assembly_gen.asym_id_list      A,B,C,D 
# 
loop_
_pdbx_struct_assembly_prop.biol_id 
_pdbx_struct_assembly_prop.type 
_pdbx_struct_assembly_prop.value 
_pdbx_struct_assembly_prop.details 
1 'ABSA (A^2)' 550  ? 
1 MORE         -3   ? 
1 'SSA (A^2)'  7660 ? 
# 
_pdbx_struct_oper_list.id                   1 
_pdbx_struct_oper_list.type                 'identity operation' 
_pdbx_struct_oper_list.name                 1_555 
_pdbx_struct_oper_list.symmetry_operation   x,y,z 
_pdbx_struct_oper_list.matrix[1][1]         1.0000000000 
_pdbx_struct_oper_list.matrix[1][2]         0.0000000000 
_pdbx_struct_oper_list.matrix[1][3]         0.0000000000 
_pdbx_struct_oper_list.vector[1]            0.0000000000 
_pdbx_struct_oper_list.matrix[2][1]         0.0000000000 
_pdbx_struct_oper_list.matrix[2][2]         1.0000000000 
_pdbx_struct_oper_list.matrix[2][3]         0.0000000000 
_pdbx_struct_oper_list.vector[2]            0.0000000000 
_pdbx_struct_oper_list.matrix[3][1]         0.0000000000 
_pdbx_struct_oper_list.matrix[3][2]         0.0000000000 
_pdbx_struct_oper_list.matrix[3][3]         1.0000000000 
_pdbx_struct_oper_list.vector[3]            0.0000000000 
# 
loop_
_pdbx_audit_revision_history.ordinal 
_pdbx_audit_revision_history.data_content_type 
_pdbx_audit_revision_history.major_revision 
_pdbx_audit_revision_history.minor_revision 
_pdbx_audit_revision_history.revision_date 
1 'Structure model' 1 0 2013-05-01 
2 'Structure model' 1 1 2018-04-18 
3 'Structure model' 1 2 2023-09-20 
# 
_pdbx_audit_revision_details.ordinal             1 
_pdbx_audit_revision_details.revision_ordinal    1 
_pdbx_audit_revision_details.data_content_type   'Structure model' 
_pdbx_audit_revision_details.provider            repository 
_pdbx_audit_revision_details.type                'Initial release' 
_pdbx_audit_revision_details.description         ? 
_pdbx_audit_revision_details.details             ? 
# 
loop_
_pdbx_audit_revision_group.ordinal 
_pdbx_audit_revision_group.revision_ordinal 
_pdbx_audit_revision_group.data_content_type 
_pdbx_audit_revision_group.group 
1 2 'Structure model' 'Data collection'        
2 2 'Structure model' 'Database references'    
3 3 'Structure model' 'Data collection'        
4 3 'Structure model' 'Database references'    
5 3 'Structure model' 'Refinement description' 
# 
loop_
_pdbx_audit_revision_category.ordinal 
_pdbx_audit_revision_category.revision_ordinal 
_pdbx_audit_revision_category.data_content_type 
_pdbx_audit_revision_category.category 
1 2 'Structure model' citation                      
2 3 'Structure model' chem_comp_atom                
3 3 'Structure model' chem_comp_bond                
4 3 'Structure model' database_2                    
5 3 'Structure model' pdbx_initial_refinement_model 
6 3 'Structure model' struct_ref_seq_dif            
# 
loop_
_pdbx_audit_revision_item.ordinal 
_pdbx_audit_revision_item.revision_ordinal 
_pdbx_audit_revision_item.data_content_type 
_pdbx_audit_revision_item.item 
1 2 'Structure model' '_citation.journal_abbrev'            
2 2 'Structure model' '_citation.journal_volume'            
3 2 'Structure model' '_citation.page_first'                
4 2 'Structure model' '_citation.page_last'                 
5 2 'Structure model' '_citation.pdbx_database_id_PubMed'   
6 2 'Structure model' '_citation.title'                     
7 3 'Structure model' '_database_2.pdbx_DOI'                
8 3 'Structure model' '_database_2.pdbx_database_accession' 
9 3 'Structure model' '_struct_ref_seq_dif.details'         
# 
loop_
_software.name 
_software.classification 
_software.version 
_software.citation_id 
_software.pdbx_ordinal 
CNS       refinement       . ? 1 
HKL-2000  'data reduction' . ? 2 
SCALEPACK 'data scaling'   . ? 3 
CNS       phasing          . ? 4 
# 
loop_
_pdbx_validate_torsion.id 
_pdbx_validate_torsion.PDB_model_num 
_pdbx_validate_torsion.auth_comp_id 
_pdbx_validate_torsion.auth_asym_id 
_pdbx_validate_torsion.auth_seq_id 
_pdbx_validate_torsion.PDB_ins_code 
_pdbx_validate_torsion.label_alt_id 
_pdbx_validate_torsion.phi 
_pdbx_validate_torsion.psi 
1 1 LYS A 113 ? ? 63.17   -80.24  
2 1 ASP A 145 ? ? -165.34 105.49  
3 1 VAL A 203 ? ? -116.87 -75.76  
4 1 SER B 13  ? ? -171.90 -178.95 
# 
loop_
_pdbx_unobs_or_zero_occ_residues.id 
_pdbx_unobs_or_zero_occ_residues.PDB_model_num 
_pdbx_unobs_or_zero_occ_residues.polymer_flag 
_pdbx_unobs_or_zero_occ_residues.occupancy_flag 
_pdbx_unobs_or_zero_occ_residues.auth_asym_id 
_pdbx_unobs_or_zero_occ_residues.auth_comp_id 
_pdbx_unobs_or_zero_occ_residues.auth_seq_id 
_pdbx_unobs_or_zero_occ_residues.PDB_ins_code 
_pdbx_unobs_or_zero_occ_residues.label_asym_id 
_pdbx_unobs_or_zero_occ_residues.label_comp_id 
_pdbx_unobs_or_zero_occ_residues.label_seq_id 
1  1 Y 1 A GLY 51  ? A GLY 1   
2  1 Y 1 A SER 52  ? A SER 2   
3  1 Y 1 A MET 53  ? A MET 3   
4  1 Y 1 A THR 54  ? A THR 4   
5  1 Y 1 A ALA 55  ? A ALA 5   
6  1 Y 1 A GLU 56  ? A GLU 6   
7  1 Y 1 A GLU 57  ? A GLU 7   
8  1 Y 1 A ASP 58  ? A ASP 8   
9  1 Y 1 A MET 59  ? A MET 9   
10 1 Y 1 A GLU 60  ? A GLU 10  
11 1 Y 1 A ASP 61  ? A ASP 11  
12 1 Y 1 A ASP 62  ? A ASP 12  
13 1 Y 1 A TYR 106 ? A TYR 56  
14 1 Y 1 A PRO 107 ? A PRO 57  
15 1 Y 1 A ASP 108 ? A ASP 58  
16 1 Y 1 A ARG 109 ? A ARG 59  
17 1 Y 1 A PRO 110 ? A PRO 60  
18 1 Y 1 A HIS 111 ? A HIS 61  
19 1 Y 1 A ALA 206 ? A ALA 156 
20 1 Y 1 A SER 207 ? A SER 157 
21 1 Y 1 A THR 208 ? A THR 158 
22 1 Y 1 A SER 209 ? A SER 159 
23 1 Y 1 B ASP 9   ? B ASP 1   
24 1 Y 1 B SER 10  ? B SER 2   
25 1 Y 1 B ARG 11  ? B ARG 3   
26 1 Y 1 B SER 16  ? B SER 8   
27 1 Y 1 B SER 17  ? B SER 9   
28 1 Y 1 B SER 18  ? B SER 10  
# 
loop_
_chem_comp_atom.comp_id 
_chem_comp_atom.atom_id 
_chem_comp_atom.type_symbol 
_chem_comp_atom.pdbx_aromatic_flag 
_chem_comp_atom.pdbx_stereo_config 
_chem_comp_atom.pdbx_ordinal 
ALA N    N N N 1   
ALA CA   C N S 2   
ALA C    C N N 3   
ALA O    O N N 4   
ALA CB   C N N 5   
ALA OXT  O N N 6   
ALA H    H N N 7   
ALA H2   H N N 8   
ALA HA   H N N 9   
ALA HB1  H N N 10  
ALA HB2  H N N 11  
ALA HB3  H N N 12  
ALA HXT  H N N 13  
ARG N    N N N 14  
ARG CA   C N S 15  
ARG C    C N N 16  
ARG O    O N N 17  
ARG CB   C N N 18  
ARG CG   C N N 19  
ARG CD   C N N 20  
ARG NE   N N N 21  
ARG CZ   C N N 22  
ARG NH1  N N N 23  
ARG NH2  N N N 24  
ARG OXT  O N N 25  
ARG H    H N N 26  
ARG H2   H N N 27  
ARG HA   H N N 28  
ARG HB2  H N N 29  
ARG HB3  H N N 30  
ARG HG2  H N N 31  
ARG HG3  H N N 32  
ARG HD2  H N N 33  
ARG HD3  H N N 34  
ARG HE   H N N 35  
ARG HH11 H N N 36  
ARG HH12 H N N 37  
ARG HH21 H N N 38  
ARG HH22 H N N 39  
ARG HXT  H N N 40  
ASN N    N N N 41  
ASN CA   C N S 42  
ASN C    C N N 43  
ASN O    O N N 44  
ASN CB   C N N 45  
ASN CG   C N N 46  
ASN OD1  O N N 47  
ASN ND2  N N N 48  
ASN OXT  O N N 49  
ASN H    H N N 50  
ASN H2   H N N 51  
ASN HA   H N N 52  
ASN HB2  H N N 53  
ASN HB3  H N N 54  
ASN HD21 H N N 55  
ASN HD22 H N N 56  
ASN HXT  H N N 57  
ASP N    N N N 58  
ASP CA   C N S 59  
ASP C    C N N 60  
ASP O    O N N 61  
ASP CB   C N N 62  
ASP CG   C N N 63  
ASP OD1  O N N 64  
ASP OD2  O N N 65  
ASP OXT  O N N 66  
ASP H    H N N 67  
ASP H2   H N N 68  
ASP HA   H N N 69  
ASP HB2  H N N 70  
ASP HB3  H N N 71  
ASP HD2  H N N 72  
ASP HXT  H N N 73  
CYS N    N N N 74  
CYS CA   C N R 75  
CYS C    C N N 76  
CYS O    O N N 77  
CYS CB   C N N 78  
CYS SG   S N N 79  
CYS OXT  O N N 80  
CYS H    H N N 81  
CYS H2   H N N 82  
CYS HA   H N N 83  
CYS HB2  H N N 84  
CYS HB3  H N N 85  
CYS HG   H N N 86  
CYS HXT  H N N 87  
GLN N    N N N 88  
GLN CA   C N S 89  
GLN C    C N N 90  
GLN O    O N N 91  
GLN CB   C N N 92  
GLN CG   C N N 93  
GLN CD   C N N 94  
GLN OE1  O N N 95  
GLN NE2  N N N 96  
GLN OXT  O N N 97  
GLN H    H N N 98  
GLN H2   H N N 99  
GLN HA   H N N 100 
GLN HB2  H N N 101 
GLN HB3  H N N 102 
GLN HG2  H N N 103 
GLN HG3  H N N 104 
GLN HE21 H N N 105 
GLN HE22 H N N 106 
GLN HXT  H N N 107 
GLU N    N N N 108 
GLU CA   C N S 109 
GLU C    C N N 110 
GLU O    O N N 111 
GLU CB   C N N 112 
GLU CG   C N N 113 
GLU CD   C N N 114 
GLU OE1  O N N 115 
GLU OE2  O N N 116 
GLU OXT  O N N 117 
GLU H    H N N 118 
GLU H2   H N N 119 
GLU HA   H N N 120 
GLU HB2  H N N 121 
GLU HB3  H N N 122 
GLU HG2  H N N 123 
GLU HG3  H N N 124 
GLU HE2  H N N 125 
GLU HXT  H N N 126 
GLY N    N N N 127 
GLY CA   C N N 128 
GLY C    C N N 129 
GLY O    O N N 130 
GLY OXT  O N N 131 
GLY H    H N N 132 
GLY H2   H N N 133 
GLY HA2  H N N 134 
GLY HA3  H N N 135 
GLY HXT  H N N 136 
HIS N    N N N 137 
HIS CA   C N S 138 
HIS C    C N N 139 
HIS O    O N N 140 
HIS CB   C N N 141 
HIS CG   C Y N 142 
HIS ND1  N Y N 143 
HIS CD2  C Y N 144 
HIS CE1  C Y N 145 
HIS NE2  N Y N 146 
HIS OXT  O N N 147 
HIS H    H N N 148 
HIS H2   H N N 149 
HIS HA   H N N 150 
HIS HB2  H N N 151 
HIS HB3  H N N 152 
HIS HD1  H N N 153 
HIS HD2  H N N 154 
HIS HE1  H N N 155 
HIS HE2  H N N 156 
HIS HXT  H N N 157 
HOH O    O N N 158 
HOH H1   H N N 159 
HOH H2   H N N 160 
ILE N    N N N 161 
ILE CA   C N S 162 
ILE C    C N N 163 
ILE O    O N N 164 
ILE CB   C N S 165 
ILE CG1  C N N 166 
ILE CG2  C N N 167 
ILE CD1  C N N 168 
ILE OXT  O N N 169 
ILE H    H N N 170 
ILE H2   H N N 171 
ILE HA   H N N 172 
ILE HB   H N N 173 
ILE HG12 H N N 174 
ILE HG13 H N N 175 
ILE HG21 H N N 176 
ILE HG22 H N N 177 
ILE HG23 H N N 178 
ILE HD11 H N N 179 
ILE HD12 H N N 180 
ILE HD13 H N N 181 
ILE HXT  H N N 182 
LEU N    N N N 183 
LEU CA   C N S 184 
LEU C    C N N 185 
LEU O    O N N 186 
LEU CB   C N N 187 
LEU CG   C N N 188 
LEU CD1  C N N 189 
LEU CD2  C N N 190 
LEU OXT  O N N 191 
LEU H    H N N 192 
LEU H2   H N N 193 
LEU HA   H N N 194 
LEU HB2  H N N 195 
LEU HB3  H N N 196 
LEU HG   H N N 197 
LEU HD11 H N N 198 
LEU HD12 H N N 199 
LEU HD13 H N N 200 
LEU HD21 H N N 201 
LEU HD22 H N N 202 
LEU HD23 H N N 203 
LEU HXT  H N N 204 
LYS N    N N N 205 
LYS CA   C N S 206 
LYS C    C N N 207 
LYS O    O N N 208 
LYS CB   C N N 209 
LYS CG   C N N 210 
LYS CD   C N N 211 
LYS CE   C N N 212 
LYS NZ   N N N 213 
LYS OXT  O N N 214 
LYS H    H N N 215 
LYS H2   H N N 216 
LYS HA   H N N 217 
LYS HB2  H N N 218 
LYS HB3  H N N 219 
LYS HG2  H N N 220 
LYS HG3  H N N 221 
LYS HD2  H N N 222 
LYS HD3  H N N 223 
LYS HE2  H N N 224 
LYS HE3  H N N 225 
LYS HZ1  H N N 226 
LYS HZ2  H N N 227 
LYS HZ3  H N N 228 
LYS HXT  H N N 229 
MET N    N N N 230 
MET CA   C N S 231 
MET C    C N N 232 
MET O    O N N 233 
MET CB   C N N 234 
MET CG   C N N 235 
MET SD   S N N 236 
MET CE   C N N 237 
MET OXT  O N N 238 
MET H    H N N 239 
MET H2   H N N 240 
MET HA   H N N 241 
MET HB2  H N N 242 
MET HB3  H N N 243 
MET HG2  H N N 244 
MET HG3  H N N 245 
MET HE1  H N N 246 
MET HE2  H N N 247 
MET HE3  H N N 248 
MET HXT  H N N 249 
PHE N    N N N 250 
PHE CA   C N S 251 
PHE C    C N N 252 
PHE O    O N N 253 
PHE CB   C N N 254 
PHE CG   C Y N 255 
PHE CD1  C Y N 256 
PHE CD2  C Y N 257 
PHE CE1  C Y N 258 
PHE CE2  C Y N 259 
PHE CZ   C Y N 260 
PHE OXT  O N N 261 
PHE H    H N N 262 
PHE H2   H N N 263 
PHE HA   H N N 264 
PHE HB2  H N N 265 
PHE HB3  H N N 266 
PHE HD1  H N N 267 
PHE HD2  H N N 268 
PHE HE1  H N N 269 
PHE HE2  H N N 270 
PHE HZ   H N N 271 
PHE HXT  H N N 272 
PRO N    N N N 273 
PRO CA   C N S 274 
PRO C    C N N 275 
PRO O    O N N 276 
PRO CB   C N N 277 
PRO CG   C N N 278 
PRO CD   C N N 279 
PRO OXT  O N N 280 
PRO H    H N N 281 
PRO HA   H N N 282 
PRO HB2  H N N 283 
PRO HB3  H N N 284 
PRO HG2  H N N 285 
PRO HG3  H N N 286 
PRO HD2  H N N 287 
PRO HD3  H N N 288 
PRO HXT  H N N 289 
SER N    N N N 290 
SER CA   C N S 291 
SER C    C N N 292 
SER O    O N N 293 
SER CB   C N N 294 
SER OG   O N N 295 
SER OXT  O N N 296 
SER H    H N N 297 
SER H2   H N N 298 
SER HA   H N N 299 
SER HB2  H N N 300 
SER HB3  H N N 301 
SER HG   H N N 302 
SER HXT  H N N 303 
THR N    N N N 304 
THR CA   C N S 305 
THR C    C N N 306 
THR O    O N N 307 
THR CB   C N R 308 
THR OG1  O N N 309 
THR CG2  C N N 310 
THR OXT  O N N 311 
THR H    H N N 312 
THR H2   H N N 313 
THR HA   H N N 314 
THR HB   H N N 315 
THR HG1  H N N 316 
THR HG21 H N N 317 
THR HG22 H N N 318 
THR HG23 H N N 319 
THR HXT  H N N 320 
TRP N    N N N 321 
TRP CA   C N S 322 
TRP C    C N N 323 
TRP O    O N N 324 
TRP CB   C N N 325 
TRP CG   C Y N 326 
TRP CD1  C Y N 327 
TRP CD2  C Y N 328 
TRP NE1  N Y N 329 
TRP CE2  C Y N 330 
TRP CE3  C Y N 331 
TRP CZ2  C Y N 332 
TRP CZ3  C Y N 333 
TRP CH2  C Y N 334 
TRP OXT  O N N 335 
TRP H    H N N 336 
TRP H2   H N N 337 
TRP HA   H N N 338 
TRP HB2  H N N 339 
TRP HB3  H N N 340 
TRP HD1  H N N 341 
TRP HE1  H N N 342 
TRP HE3  H N N 343 
TRP HZ2  H N N 344 
TRP HZ3  H N N 345 
TRP HH2  H N N 346 
TRP HXT  H N N 347 
TYR N    N N N 348 
TYR CA   C N S 349 
TYR C    C N N 350 
TYR O    O N N 351 
TYR CB   C N N 352 
TYR CG   C Y N 353 
TYR CD1  C Y N 354 
TYR CD2  C Y N 355 
TYR CE1  C Y N 356 
TYR CE2  C Y N 357 
TYR CZ   C Y N 358 
TYR OH   O N N 359 
TYR OXT  O N N 360 
TYR H    H N N 361 
TYR H2   H N N 362 
TYR HA   H N N 363 
TYR HB2  H N N 364 
TYR HB3  H N N 365 
TYR HD1  H N N 366 
TYR HD2  H N N 367 
TYR HE1  H N N 368 
TYR HE2  H N N 369 
TYR HH   H N N 370 
TYR HXT  H N N 371 
VAL N    N N N 372 
VAL CA   C N S 373 
VAL C    C N N 374 
VAL O    O N N 375 
VAL CB   C N N 376 
VAL CG1  C N N 377 
VAL CG2  C N N 378 
VAL OXT  O N N 379 
VAL H    H N N 380 
VAL H2   H N N 381 
VAL HA   H N N 382 
VAL HB   H N N 383 
VAL HG11 H N N 384 
VAL HG12 H N N 385 
VAL HG13 H N N 386 
VAL HG21 H N N 387 
VAL HG22 H N N 388 
VAL HG23 H N N 389 
VAL HXT  H N N 390 
# 
loop_
_chem_comp_bond.comp_id 
_chem_comp_bond.atom_id_1 
_chem_comp_bond.atom_id_2 
_chem_comp_bond.value_order 
_chem_comp_bond.pdbx_aromatic_flag 
_chem_comp_bond.pdbx_stereo_config 
_chem_comp_bond.pdbx_ordinal 
ALA N   CA   sing N N 1   
ALA N   H    sing N N 2   
ALA N   H2   sing N N 3   
ALA CA  C    sing N N 4   
ALA CA  CB   sing N N 5   
ALA CA  HA   sing N N 6   
ALA C   O    doub N N 7   
ALA C   OXT  sing N N 8   
ALA CB  HB1  sing N N 9   
ALA CB  HB2  sing N N 10  
ALA CB  HB3  sing N N 11  
ALA OXT HXT  sing N N 12  
ARG N   CA   sing N N 13  
ARG N   H    sing N N 14  
ARG N   H2   sing N N 15  
ARG CA  C    sing N N 16  
ARG CA  CB   sing N N 17  
ARG CA  HA   sing N N 18  
ARG C   O    doub N N 19  
ARG C   OXT  sing N N 20  
ARG CB  CG   sing N N 21  
ARG CB  HB2  sing N N 22  
ARG CB  HB3  sing N N 23  
ARG CG  CD   sing N N 24  
ARG CG  HG2  sing N N 25  
ARG CG  HG3  sing N N 26  
ARG CD  NE   sing N N 27  
ARG CD  HD2  sing N N 28  
ARG CD  HD3  sing N N 29  
ARG NE  CZ   sing N N 30  
ARG NE  HE   sing N N 31  
ARG CZ  NH1  sing N N 32  
ARG CZ  NH2  doub N N 33  
ARG NH1 HH11 sing N N 34  
ARG NH1 HH12 sing N N 35  
ARG NH2 HH21 sing N N 36  
ARG NH2 HH22 sing N N 37  
ARG OXT HXT  sing N N 38  
ASN N   CA   sing N N 39  
ASN N   H    sing N N 40  
ASN N   H2   sing N N 41  
ASN CA  C    sing N N 42  
ASN CA  CB   sing N N 43  
ASN CA  HA   sing N N 44  
ASN C   O    doub N N 45  
ASN C   OXT  sing N N 46  
ASN CB  CG   sing N N 47  
ASN CB  HB2  sing N N 48  
ASN CB  HB3  sing N N 49  
ASN CG  OD1  doub N N 50  
ASN CG  ND2  sing N N 51  
ASN ND2 HD21 sing N N 52  
ASN ND2 HD22 sing N N 53  
ASN OXT HXT  sing N N 54  
ASP N   CA   sing N N 55  
ASP N   H    sing N N 56  
ASP N   H2   sing N N 57  
ASP CA  C    sing N N 58  
ASP CA  CB   sing N N 59  
ASP CA  HA   sing N N 60  
ASP C   O    doub N N 61  
ASP C   OXT  sing N N 62  
ASP CB  CG   sing N N 63  
ASP CB  HB2  sing N N 64  
ASP CB  HB3  sing N N 65  
ASP CG  OD1  doub N N 66  
ASP CG  OD2  sing N N 67  
ASP OD2 HD2  sing N N 68  
ASP OXT HXT  sing N N 69  
CYS N   CA   sing N N 70  
CYS N   H    sing N N 71  
CYS N   H2   sing N N 72  
CYS CA  C    sing N N 73  
CYS CA  CB   sing N N 74  
CYS CA  HA   sing N N 75  
CYS C   O    doub N N 76  
CYS C   OXT  sing N N 77  
CYS CB  SG   sing N N 78  
CYS CB  HB2  sing N N 79  
CYS CB  HB3  sing N N 80  
CYS SG  HG   sing N N 81  
CYS OXT HXT  sing N N 82  
GLN N   CA   sing N N 83  
GLN N   H    sing N N 84  
GLN N   H2   sing N N 85  
GLN CA  C    sing N N 86  
GLN CA  CB   sing N N 87  
GLN CA  HA   sing N N 88  
GLN C   O    doub N N 89  
GLN C   OXT  sing N N 90  
GLN CB  CG   sing N N 91  
GLN CB  HB2  sing N N 92  
GLN CB  HB3  sing N N 93  
GLN CG  CD   sing N N 94  
GLN CG  HG2  sing N N 95  
GLN CG  HG3  sing N N 96  
GLN CD  OE1  doub N N 97  
GLN CD  NE2  sing N N 98  
GLN NE2 HE21 sing N N 99  
GLN NE2 HE22 sing N N 100 
GLN OXT HXT  sing N N 101 
GLU N   CA   sing N N 102 
GLU N   H    sing N N 103 
GLU N   H2   sing N N 104 
GLU CA  C    sing N N 105 
GLU CA  CB   sing N N 106 
GLU CA  HA   sing N N 107 
GLU C   O    doub N N 108 
GLU C   OXT  sing N N 109 
GLU CB  CG   sing N N 110 
GLU CB  HB2  sing N N 111 
GLU CB  HB3  sing N N 112 
GLU CG  CD   sing N N 113 
GLU CG  HG2  sing N N 114 
GLU CG  HG3  sing N N 115 
GLU CD  OE1  doub N N 116 
GLU CD  OE2  sing N N 117 
GLU OE2 HE2  sing N N 118 
GLU OXT HXT  sing N N 119 
GLY N   CA   sing N N 120 
GLY N   H    sing N N 121 
GLY N   H2   sing N N 122 
GLY CA  C    sing N N 123 
GLY CA  HA2  sing N N 124 
GLY CA  HA3  sing N N 125 
GLY C   O    doub N N 126 
GLY C   OXT  sing N N 127 
GLY OXT HXT  sing N N 128 
HIS N   CA   sing N N 129 
HIS N   H    sing N N 130 
HIS N   H2   sing N N 131 
HIS CA  C    sing N N 132 
HIS CA  CB   sing N N 133 
HIS CA  HA   sing N N 134 
HIS C   O    doub N N 135 
HIS C   OXT  sing N N 136 
HIS CB  CG   sing N N 137 
HIS CB  HB2  sing N N 138 
HIS CB  HB3  sing N N 139 
HIS CG  ND1  sing Y N 140 
HIS CG  CD2  doub Y N 141 
HIS ND1 CE1  doub Y N 142 
HIS ND1 HD1  sing N N 143 
HIS CD2 NE2  sing Y N 144 
HIS CD2 HD2  sing N N 145 
HIS CE1 NE2  sing Y N 146 
HIS CE1 HE1  sing N N 147 
HIS NE2 HE2  sing N N 148 
HIS OXT HXT  sing N N 149 
HOH O   H1   sing N N 150 
HOH O   H2   sing N N 151 
ILE N   CA   sing N N 152 
ILE N   H    sing N N 153 
ILE N   H2   sing N N 154 
ILE CA  C    sing N N 155 
ILE CA  CB   sing N N 156 
ILE CA  HA   sing N N 157 
ILE C   O    doub N N 158 
ILE C   OXT  sing N N 159 
ILE CB  CG1  sing N N 160 
ILE CB  CG2  sing N N 161 
ILE CB  HB   sing N N 162 
ILE CG1 CD1  sing N N 163 
ILE CG1 HG12 sing N N 164 
ILE CG1 HG13 sing N N 165 
ILE CG2 HG21 sing N N 166 
ILE CG2 HG22 sing N N 167 
ILE CG2 HG23 sing N N 168 
ILE CD1 HD11 sing N N 169 
ILE CD1 HD12 sing N N 170 
ILE CD1 HD13 sing N N 171 
ILE OXT HXT  sing N N 172 
LEU N   CA   sing N N 173 
LEU N   H    sing N N 174 
LEU N   H2   sing N N 175 
LEU CA  C    sing N N 176 
LEU CA  CB   sing N N 177 
LEU CA  HA   sing N N 178 
LEU C   O    doub N N 179 
LEU C   OXT  sing N N 180 
LEU CB  CG   sing N N 181 
LEU CB  HB2  sing N N 182 
LEU CB  HB3  sing N N 183 
LEU CG  CD1  sing N N 184 
LEU CG  CD2  sing N N 185 
LEU CG  HG   sing N N 186 
LEU CD1 HD11 sing N N 187 
LEU CD1 HD12 sing N N 188 
LEU CD1 HD13 sing N N 189 
LEU CD2 HD21 sing N N 190 
LEU CD2 HD22 sing N N 191 
LEU CD2 HD23 sing N N 192 
LEU OXT HXT  sing N N 193 
LYS N   CA   sing N N 194 
LYS N   H    sing N N 195 
LYS N   H2   sing N N 196 
LYS CA  C    sing N N 197 
LYS CA  CB   sing N N 198 
LYS CA  HA   sing N N 199 
LYS C   O    doub N N 200 
LYS C   OXT  sing N N 201 
LYS CB  CG   sing N N 202 
LYS CB  HB2  sing N N 203 
LYS CB  HB3  sing N N 204 
LYS CG  CD   sing N N 205 
LYS CG  HG2  sing N N 206 
LYS CG  HG3  sing N N 207 
LYS CD  CE   sing N N 208 
LYS CD  HD2  sing N N 209 
LYS CD  HD3  sing N N 210 
LYS CE  NZ   sing N N 211 
LYS CE  HE2  sing N N 212 
LYS CE  HE3  sing N N 213 
LYS NZ  HZ1  sing N N 214 
LYS NZ  HZ2  sing N N 215 
LYS NZ  HZ3  sing N N 216 
LYS OXT HXT  sing N N 217 
MET N   CA   sing N N 218 
MET N   H    sing N N 219 
MET N   H2   sing N N 220 
MET CA  C    sing N N 221 
MET CA  CB   sing N N 222 
MET CA  HA   sing N N 223 
MET C   O    doub N N 224 
MET C   OXT  sing N N 225 
MET CB  CG   sing N N 226 
MET CB  HB2  sing N N 227 
MET CB  HB3  sing N N 228 
MET CG  SD   sing N N 229 
MET CG  HG2  sing N N 230 
MET CG  HG3  sing N N 231 
MET SD  CE   sing N N 232 
MET CE  HE1  sing N N 233 
MET CE  HE2  sing N N 234 
MET CE  HE3  sing N N 235 
MET OXT HXT  sing N N 236 
PHE N   CA   sing N N 237 
PHE N   H    sing N N 238 
PHE N   H2   sing N N 239 
PHE CA  C    sing N N 240 
PHE CA  CB   sing N N 241 
PHE CA  HA   sing N N 242 
PHE C   O    doub N N 243 
PHE C   OXT  sing N N 244 
PHE CB  CG   sing N N 245 
PHE CB  HB2  sing N N 246 
PHE CB  HB3  sing N N 247 
PHE CG  CD1  doub Y N 248 
PHE CG  CD2  sing Y N 249 
PHE CD1 CE1  sing Y N 250 
PHE CD1 HD1  sing N N 251 
PHE CD2 CE2  doub Y N 252 
PHE CD2 HD2  sing N N 253 
PHE CE1 CZ   doub Y N 254 
PHE CE1 HE1  sing N N 255 
PHE CE2 CZ   sing Y N 256 
PHE CE2 HE2  sing N N 257 
PHE CZ  HZ   sing N N 258 
PHE OXT HXT  sing N N 259 
PRO N   CA   sing N N 260 
PRO N   CD   sing N N 261 
PRO N   H    sing N N 262 
PRO CA  C    sing N N 263 
PRO CA  CB   sing N N 264 
PRO CA  HA   sing N N 265 
PRO C   O    doub N N 266 
PRO C   OXT  sing N N 267 
PRO CB  CG   sing N N 268 
PRO CB  HB2  sing N N 269 
PRO CB  HB3  sing N N 270 
PRO CG  CD   sing N N 271 
PRO CG  HG2  sing N N 272 
PRO CG  HG3  sing N N 273 
PRO CD  HD2  sing N N 274 
PRO CD  HD3  sing N N 275 
PRO OXT HXT  sing N N 276 
SER N   CA   sing N N 277 
SER N   H    sing N N 278 
SER N   H2   sing N N 279 
SER CA  C    sing N N 280 
SER CA  CB   sing N N 281 
SER CA  HA   sing N N 282 
SER C   O    doub N N 283 
SER C   OXT  sing N N 284 
SER CB  OG   sing N N 285 
SER CB  HB2  sing N N 286 
SER CB  HB3  sing N N 287 
SER OG  HG   sing N N 288 
SER OXT HXT  sing N N 289 
THR N   CA   sing N N 290 
THR N   H    sing N N 291 
THR N   H2   sing N N 292 
THR CA  C    sing N N 293 
THR CA  CB   sing N N 294 
THR CA  HA   sing N N 295 
THR C   O    doub N N 296 
THR C   OXT  sing N N 297 
THR CB  OG1  sing N N 298 
THR CB  CG2  sing N N 299 
THR CB  HB   sing N N 300 
THR OG1 HG1  sing N N 301 
THR CG2 HG21 sing N N 302 
THR CG2 HG22 sing N N 303 
THR CG2 HG23 sing N N 304 
THR OXT HXT  sing N N 305 
TRP N   CA   sing N N 306 
TRP N   H    sing N N 307 
TRP N   H2   sing N N 308 
TRP CA  C    sing N N 309 
TRP CA  CB   sing N N 310 
TRP CA  HA   sing N N 311 
TRP C   O    doub N N 312 
TRP C   OXT  sing N N 313 
TRP CB  CG   sing N N 314 
TRP CB  HB2  sing N N 315 
TRP CB  HB3  sing N N 316 
TRP CG  CD1  doub Y N 317 
TRP CG  CD2  sing Y N 318 
TRP CD1 NE1  sing Y N 319 
TRP CD1 HD1  sing N N 320 
TRP CD2 CE2  doub Y N 321 
TRP CD2 CE3  sing Y N 322 
TRP NE1 CE2  sing Y N 323 
TRP NE1 HE1  sing N N 324 
TRP CE2 CZ2  sing Y N 325 
TRP CE3 CZ3  doub Y N 326 
TRP CE3 HE3  sing N N 327 
TRP CZ2 CH2  doub Y N 328 
TRP CZ2 HZ2  sing N N 329 
TRP CZ3 CH2  sing Y N 330 
TRP CZ3 HZ3  sing N N 331 
TRP CH2 HH2  sing N N 332 
TRP OXT HXT  sing N N 333 
TYR N   CA   sing N N 334 
TYR N   H    sing N N 335 
TYR N   H2   sing N N 336 
TYR CA  C    sing N N 337 
TYR CA  CB   sing N N 338 
TYR CA  HA   sing N N 339 
TYR C   O    doub N N 340 
TYR C   OXT  sing N N 341 
TYR CB  CG   sing N N 342 
TYR CB  HB2  sing N N 343 
TYR CB  HB3  sing N N 344 
TYR CG  CD1  doub Y N 345 
TYR CG  CD2  sing Y N 346 
TYR CD1 CE1  sing Y N 347 
TYR CD1 HD1  sing N N 348 
TYR CD2 CE2  doub Y N 349 
TYR CD2 HD2  sing N N 350 
TYR CE1 CZ   doub Y N 351 
TYR CE1 HE1  sing N N 352 
TYR CE2 CZ   sing Y N 353 
TYR CE2 HE2  sing N N 354 
TYR CZ  OH   sing N N 355 
TYR OH  HH   sing N N 356 
TYR OXT HXT  sing N N 357 
VAL N   CA   sing N N 358 
VAL N   H    sing N N 359 
VAL N   H2   sing N N 360 
VAL CA  C    sing N N 361 
VAL CA  CB   sing N N 362 
VAL CA  HA   sing N N 363 
VAL C   O    doub N N 364 
VAL C   OXT  sing N N 365 
VAL CB  CG1  sing N N 366 
VAL CB  CG2  sing N N 367 
VAL CB  HB   sing N N 368 
VAL CG1 HG11 sing N N 369 
VAL CG1 HG12 sing N N 370 
VAL CG1 HG13 sing N N 371 
VAL CG2 HG21 sing N N 372 
VAL CG2 HG22 sing N N 373 
VAL CG2 HG23 sing N N 374 
VAL OXT HXT  sing N N 375 
# 
_pdbx_entity_nonpoly.entity_id   3 
_pdbx_entity_nonpoly.name        water 
_pdbx_entity_nonpoly.comp_id     HOH 
# 
_pdbx_initial_refinement_model.id               1 
_pdbx_initial_refinement_model.entity_id_list   ? 
_pdbx_initial_refinement_model.type             'experimental model' 
_pdbx_initial_refinement_model.source_name      PDB 
_pdbx_initial_refinement_model.accession_code   1YY6 
_pdbx_initial_refinement_model.details          ? 
# 
